data_2HE3
# 
_entry.id   2HE3 
# 
_audit_conform.dict_name       mmcif_pdbx.dic 
_audit_conform.dict_version    5.377 
_audit_conform.dict_location   http://mmcif.pdb.org/dictionaries/ascii/mmcif_pdbx.dic 
# 
loop_
_database_2.database_id 
_database_2.database_code 
_database_2.pdbx_database_accession 
_database_2.pdbx_DOI 
PDB   2HE3         pdb_00002he3 10.2210/pdb2he3/pdb 
RCSB  RCSB038246   ?            ?                   
WWPDB D_1000038246 ?            ?                   
# 
_pdbx_database_status.status_code                     REL 
_pdbx_database_status.entry_id                        2HE3 
_pdbx_database_status.recvd_initial_deposition_date   2006-06-21 
_pdbx_database_status.deposit_site                    RCSB 
_pdbx_database_status.process_site                    RCSB 
_pdbx_database_status.status_code_sf                  REL 
_pdbx_database_status.status_code_mr                  ? 
_pdbx_database_status.SG_entry                        Y 
_pdbx_database_status.pdb_format_compatible           Y 
_pdbx_database_status.status_code_cs                  ? 
_pdbx_database_status.methods_development_category    ? 
_pdbx_database_status.status_code_nmr_data            ? 
# 
loop_
_audit_author.name 
_audit_author.pdbx_ordinal 
'Johansson, C.'                        1  
'Kavanagh, K.L.'                       2  
'Rojkova, A.'                          3  
'Gileadi, O.'                          4  
'von Delft, F.'                        5  
'Arrowsmith, C.'                       6  
'Weigelt, J.'                          7  
'Sundstrom, M.'                        8  
'Edwards, A.'                          9  
'Oppermann, U.'                        10 
'Structural Genomics Consortium (SGC)' 11 
# 
_citation.id                        primary 
_citation.title                     
'Crystal structure of the selenocysteine to cysteine mutant of human glutathionine peroxidase 2 (GPX2)' 
_citation.journal_abbrev            'To be Published' 
_citation.journal_volume            ? 
_citation.page_first                ? 
_citation.page_last                 ? 
_citation.year                      ? 
_citation.journal_id_ASTM           ? 
_citation.country                   ? 
_citation.journal_id_ISSN           ? 
_citation.journal_id_CSD            0353 
_citation.book_publisher            ? 
_citation.pdbx_database_id_PubMed   ? 
_citation.pdbx_database_id_DOI      ? 
# 
loop_
_citation_author.citation_id 
_citation_author.name 
_citation_author.ordinal 
_citation_author.identifier_ORCID 
primary 'Kavanagh, K.L.' 1 ? 
primary 'Oppermann, U.'  2 ? 
# 
_cell.entry_id           2HE3 
_cell.length_a           41.308 
_cell.length_b           117.212 
_cell.length_c           120.157 
_cell.angle_alpha        90.00 
_cell.angle_beta         90.00 
_cell.angle_gamma        90.00 
_cell.Z_PDB              8 
_cell.pdbx_unique_axis   ? 
_cell.length_a_esd       ? 
_cell.length_b_esd       ? 
_cell.length_c_esd       ? 
_cell.angle_alpha_esd    ? 
_cell.angle_beta_esd     ? 
_cell.angle_gamma_esd    ? 
# 
_symmetry.entry_id                         2HE3 
_symmetry.space_group_name_H-M             'I 2 2 2' 
_symmetry.pdbx_full_space_group_name_H-M   ? 
_symmetry.cell_setting                     ? 
_symmetry.Int_Tables_number                23 
_symmetry.space_group_name_Hall            ? 
# 
loop_
_entity.id 
_entity.type 
_entity.src_method 
_entity.pdbx_description 
_entity.formula_weight 
_entity.pdbx_number_of_molecules 
_entity.pdbx_ec 
_entity.pdbx_mutation 
_entity.pdbx_fragment 
_entity.details 
1 polymer     man 'Glutathione peroxidase 2' 24115.377 1   1.11.1.9 S15N ? ? 
2 non-polymer syn 'CHLORIDE ION'             35.453    2   ?        ?    ? ? 
3 water       nat water                      18.015    135 ?        ?    ? ? 
# 
_entity_name_com.entity_id   1 
_entity_name_com.name        
;GSHPx-2, GPx-2, Glutathione peroxidase-gastrointestinal, GSHPx-GI, Glutathione peroxidase- related protein 2, Gastrointestinal glutathione peroxidase, GPRP
;
# 
_entity_poly.entity_id                      1 
_entity_poly.type                           'polypeptide(L)' 
_entity_poly.nstd_linkage                   no 
_entity_poly.nstd_monomer                   no 
_entity_poly.pdbx_seq_one_letter_code       
;MHHHHHHSSGVDLGTENLYFQSMIAKSFYDLSAINLDGEKVDFNTFRGRAVLIENVASLCGTTTRDFTQLNELQCRFPRR
LVVLGFPCNQFGHQENCQNEEILNSLKYVRPGGGYQPTFTLVQKCEVNGQNEHPVFAYLKDKLPYPYDDPFSLMTDPKLI
IWSPVRRSDVAWNFEKFLIGPEGEPFRRYSRTFPTINIEPDIKRLLKV
;
_entity_poly.pdbx_seq_one_letter_code_can   
;MHHHHHHSSGVDLGTENLYFQSMIAKSFYDLSAINLDGEKVDFNTFRGRAVLIENVASLCGTTTRDFTQLNELQCRFPRR
LVVLGFPCNQFGHQENCQNEEILNSLKYVRPGGGYQPTFTLVQKCEVNGQNEHPVFAYLKDKLPYPYDDPFSLMTDPKLI
IWSPVRRSDVAWNFEKFLIGPEGEPFRRYSRTFPTINIEPDIKRLLKV
;
_entity_poly.pdbx_strand_id                 A 
_entity_poly.pdbx_target_identifier         ? 
# 
loop_
_entity_poly_seq.entity_id 
_entity_poly_seq.num 
_entity_poly_seq.mon_id 
_entity_poly_seq.hetero 
1 1   MET n 
1 2   HIS n 
1 3   HIS n 
1 4   HIS n 
1 5   HIS n 
1 6   HIS n 
1 7   HIS n 
1 8   SER n 
1 9   SER n 
1 10  GLY n 
1 11  VAL n 
1 12  ASP n 
1 13  LEU n 
1 14  GLY n 
1 15  THR n 
1 16  GLU n 
1 17  ASN n 
1 18  LEU n 
1 19  TYR n 
1 20  PHE n 
1 21  GLN n 
1 22  SER n 
1 23  MET n 
1 24  ILE n 
1 25  ALA n 
1 26  LYS n 
1 27  SER n 
1 28  PHE n 
1 29  TYR n 
1 30  ASP n 
1 31  LEU n 
1 32  SER n 
1 33  ALA n 
1 34  ILE n 
1 35  ASN n 
1 36  LEU n 
1 37  ASP n 
1 38  GLY n 
1 39  GLU n 
1 40  LYS n 
1 41  VAL n 
1 42  ASP n 
1 43  PHE n 
1 44  ASN n 
1 45  THR n 
1 46  PHE n 
1 47  ARG n 
1 48  GLY n 
1 49  ARG n 
1 50  ALA n 
1 51  VAL n 
1 52  LEU n 
1 53  ILE n 
1 54  GLU n 
1 55  ASN n 
1 56  VAL n 
1 57  ALA n 
1 58  SER n 
1 59  LEU n 
1 60  CYS n 
1 61  GLY n 
1 62  THR n 
1 63  THR n 
1 64  THR n 
1 65  ARG n 
1 66  ASP n 
1 67  PHE n 
1 68  THR n 
1 69  GLN n 
1 70  LEU n 
1 71  ASN n 
1 72  GLU n 
1 73  LEU n 
1 74  GLN n 
1 75  CYS n 
1 76  ARG n 
1 77  PHE n 
1 78  PRO n 
1 79  ARG n 
1 80  ARG n 
1 81  LEU n 
1 82  VAL n 
1 83  VAL n 
1 84  LEU n 
1 85  GLY n 
1 86  PHE n 
1 87  PRO n 
1 88  CYS n 
1 89  ASN n 
1 90  GLN n 
1 91  PHE n 
1 92  GLY n 
1 93  HIS n 
1 94  GLN n 
1 95  GLU n 
1 96  ASN n 
1 97  CYS n 
1 98  GLN n 
1 99  ASN n 
1 100 GLU n 
1 101 GLU n 
1 102 ILE n 
1 103 LEU n 
1 104 ASN n 
1 105 SER n 
1 106 LEU n 
1 107 LYS n 
1 108 TYR n 
1 109 VAL n 
1 110 ARG n 
1 111 PRO n 
1 112 GLY n 
1 113 GLY n 
1 114 GLY n 
1 115 TYR n 
1 116 GLN n 
1 117 PRO n 
1 118 THR n 
1 119 PHE n 
1 120 THR n 
1 121 LEU n 
1 122 VAL n 
1 123 GLN n 
1 124 LYS n 
1 125 CYS n 
1 126 GLU n 
1 127 VAL n 
1 128 ASN n 
1 129 GLY n 
1 130 GLN n 
1 131 ASN n 
1 132 GLU n 
1 133 HIS n 
1 134 PRO n 
1 135 VAL n 
1 136 PHE n 
1 137 ALA n 
1 138 TYR n 
1 139 LEU n 
1 140 LYS n 
1 141 ASP n 
1 142 LYS n 
1 143 LEU n 
1 144 PRO n 
1 145 TYR n 
1 146 PRO n 
1 147 TYR n 
1 148 ASP n 
1 149 ASP n 
1 150 PRO n 
1 151 PHE n 
1 152 SER n 
1 153 LEU n 
1 154 MET n 
1 155 THR n 
1 156 ASP n 
1 157 PRO n 
1 158 LYS n 
1 159 LEU n 
1 160 ILE n 
1 161 ILE n 
1 162 TRP n 
1 163 SER n 
1 164 PRO n 
1 165 VAL n 
1 166 ARG n 
1 167 ARG n 
1 168 SER n 
1 169 ASP n 
1 170 VAL n 
1 171 ALA n 
1 172 TRP n 
1 173 ASN n 
1 174 PHE n 
1 175 GLU n 
1 176 LYS n 
1 177 PHE n 
1 178 LEU n 
1 179 ILE n 
1 180 GLY n 
1 181 PRO n 
1 182 GLU n 
1 183 GLY n 
1 184 GLU n 
1 185 PRO n 
1 186 PHE n 
1 187 ARG n 
1 188 ARG n 
1 189 TYR n 
1 190 SER n 
1 191 ARG n 
1 192 THR n 
1 193 PHE n 
1 194 PRO n 
1 195 THR n 
1 196 ILE n 
1 197 ASN n 
1 198 ILE n 
1 199 GLU n 
1 200 PRO n 
1 201 ASP n 
1 202 ILE n 
1 203 LYS n 
1 204 ARG n 
1 205 LEU n 
1 206 LEU n 
1 207 LYS n 
1 208 VAL n 
# 
_entity_src_gen.entity_id                          1 
_entity_src_gen.pdbx_src_id                        1 
_entity_src_gen.pdbx_alt_source_flag               sample 
_entity_src_gen.pdbx_seq_type                      ? 
_entity_src_gen.pdbx_beg_seq_num                   ? 
_entity_src_gen.pdbx_end_seq_num                   ? 
_entity_src_gen.gene_src_common_name               human 
_entity_src_gen.gene_src_genus                     Homo 
_entity_src_gen.pdbx_gene_src_gene                 GPX2 
_entity_src_gen.gene_src_species                   ? 
_entity_src_gen.gene_src_strain                    ? 
_entity_src_gen.gene_src_tissue                    ? 
_entity_src_gen.gene_src_tissue_fraction           ? 
_entity_src_gen.gene_src_details                   ? 
_entity_src_gen.pdbx_gene_src_fragment             ? 
_entity_src_gen.pdbx_gene_src_scientific_name      'Homo sapiens' 
_entity_src_gen.pdbx_gene_src_ncbi_taxonomy_id     9606 
_entity_src_gen.pdbx_gene_src_variant              ? 
_entity_src_gen.pdbx_gene_src_cell_line            ? 
_entity_src_gen.pdbx_gene_src_atcc                 ? 
_entity_src_gen.pdbx_gene_src_organ                ? 
_entity_src_gen.pdbx_gene_src_organelle            ? 
_entity_src_gen.pdbx_gene_src_cell                 ? 
_entity_src_gen.pdbx_gene_src_cellular_location    ? 
_entity_src_gen.host_org_common_name               ? 
_entity_src_gen.pdbx_host_org_scientific_name      'Escherichia coli' 
_entity_src_gen.pdbx_host_org_ncbi_taxonomy_id     562 
_entity_src_gen.host_org_genus                     Escherichia 
_entity_src_gen.pdbx_host_org_gene                 ? 
_entity_src_gen.pdbx_host_org_organ                ? 
_entity_src_gen.host_org_species                   ? 
_entity_src_gen.pdbx_host_org_tissue               ? 
_entity_src_gen.pdbx_host_org_tissue_fraction      ? 
_entity_src_gen.pdbx_host_org_strain               Rosetta 
_entity_src_gen.pdbx_host_org_variant              ? 
_entity_src_gen.pdbx_host_org_cell_line            ? 
_entity_src_gen.pdbx_host_org_atcc                 ? 
_entity_src_gen.pdbx_host_org_culture_collection   ? 
_entity_src_gen.pdbx_host_org_cell                 ? 
_entity_src_gen.pdbx_host_org_organelle            ? 
_entity_src_gen.pdbx_host_org_cellular_location    ? 
_entity_src_gen.pdbx_host_org_vector_type          plasmid 
_entity_src_gen.pdbx_host_org_vector               ? 
_entity_src_gen.host_org_details                   ? 
_entity_src_gen.expression_system_id               ? 
_entity_src_gen.plasmid_name                       'pNIC-Bsa4 (pET derivative)' 
_entity_src_gen.plasmid_details                    ? 
_entity_src_gen.pdbx_description                   ? 
# 
_struct_ref.id                         1 
_struct_ref.db_name                    UNP 
_struct_ref.db_code                    GPX2_HUMAN 
_struct_ref.pdbx_db_accession          P18283 
_struct_ref.entity_id                  1 
_struct_ref.pdbx_align_begin           4 
_struct_ref.pdbx_db_isoform            ? 
_struct_ref.pdbx_seq_one_letter_code   ? 
# 
_struct_ref_seq.align_id                      1 
_struct_ref_seq.ref_id                        1 
_struct_ref_seq.pdbx_PDB_id_code              2HE3 
_struct_ref_seq.pdbx_strand_id                A 
_struct_ref_seq.seq_align_beg                 24 
_struct_ref_seq.pdbx_seq_align_beg_ins_code   ? 
_struct_ref_seq.seq_align_end                 208 
_struct_ref_seq.pdbx_seq_align_end_ins_code   ? 
_struct_ref_seq.pdbx_db_accession             P18283 
_struct_ref_seq.db_align_beg                  4 
_struct_ref_seq.pdbx_db_align_beg_ins_code    ? 
_struct_ref_seq.db_align_end                  188 
_struct_ref_seq.pdbx_db_align_end_ins_code    ? 
_struct_ref_seq.pdbx_auth_seq_align_beg       4 
_struct_ref_seq.pdbx_auth_seq_align_end       188 
# 
loop_
_struct_ref_seq_dif.align_id 
_struct_ref_seq_dif.pdbx_pdb_id_code 
_struct_ref_seq_dif.mon_id 
_struct_ref_seq_dif.pdbx_pdb_strand_id 
_struct_ref_seq_dif.seq_num 
_struct_ref_seq_dif.pdbx_pdb_ins_code 
_struct_ref_seq_dif.pdbx_seq_db_name 
_struct_ref_seq_dif.pdbx_seq_db_accession_code 
_struct_ref_seq_dif.db_mon_id 
_struct_ref_seq_dif.pdbx_seq_db_seq_num 
_struct_ref_seq_dif.details 
_struct_ref_seq_dif.pdbx_auth_seq_num 
_struct_ref_seq_dif.pdbx_ordinal 
1 2HE3 MET A 1  ? UNP P18283 ?   ?  'cloning artifact'    -19 1  
1 2HE3 HIS A 2  ? UNP P18283 ?   ?  'cloning artifact'    -18 2  
1 2HE3 HIS A 3  ? UNP P18283 ?   ?  'cloning artifact'    -17 3  
1 2HE3 HIS A 4  ? UNP P18283 ?   ?  'cloning artifact'    -16 4  
1 2HE3 HIS A 5  ? UNP P18283 ?   ?  'cloning artifact'    -15 5  
1 2HE3 HIS A 6  ? UNP P18283 ?   ?  'cloning artifact'    -14 6  
1 2HE3 HIS A 7  ? UNP P18283 ?   ?  'cloning artifact'    -13 7  
1 2HE3 SER A 8  ? UNP P18283 ?   ?  'cloning artifact'    -12 8  
1 2HE3 SER A 9  ? UNP P18283 ?   ?  'cloning artifact'    -11 9  
1 2HE3 GLY A 10 ? UNP P18283 ?   ?  'cloning artifact'    -10 10 
1 2HE3 VAL A 11 ? UNP P18283 ?   ?  'cloning artifact'    -9  11 
1 2HE3 ASP A 12 ? UNP P18283 ?   ?  'cloning artifact'    -8  12 
1 2HE3 LEU A 13 ? UNP P18283 ?   ?  'cloning artifact'    -7  13 
1 2HE3 GLY A 14 ? UNP P18283 ?   ?  'cloning artifact'    -6  14 
1 2HE3 THR A 15 ? UNP P18283 ?   ?  'cloning artifact'    -5  15 
1 2HE3 GLU A 16 ? UNP P18283 ?   ?  'cloning artifact'    -4  16 
1 2HE3 ASN A 17 ? UNP P18283 ?   ?  'cloning artifact'    -3  17 
1 2HE3 LEU A 18 ? UNP P18283 ?   ?  'cloning artifact'    -2  18 
1 2HE3 TYR A 19 ? UNP P18283 ?   ?  'cloning artifact'    -1  19 
1 2HE3 PHE A 20 ? UNP P18283 ?   ?  'cloning artifact'    0   20 
1 2HE3 GLN A 21 ? UNP P18283 ?   ?  'cloning artifact'    1   21 
1 2HE3 SER A 22 ? UNP P18283 ?   ?  'cloning artifact'    2   22 
1 2HE3 MET A 23 ? UNP P18283 ?   ?  'cloning artifact'    3   23 
1 2HE3 ASN A 35 ? UNP P18283 SER 15 'engineered mutation' 15  24 
# 
loop_
_chem_comp.id 
_chem_comp.type 
_chem_comp.mon_nstd_flag 
_chem_comp.name 
_chem_comp.pdbx_synonyms 
_chem_comp.formula 
_chem_comp.formula_weight 
ALA 'L-peptide linking' y ALANINE         ? 'C3 H7 N O2'     89.093  
ARG 'L-peptide linking' y ARGININE        ? 'C6 H15 N4 O2 1' 175.209 
ASN 'L-peptide linking' y ASPARAGINE      ? 'C4 H8 N2 O3'    132.118 
ASP 'L-peptide linking' y 'ASPARTIC ACID' ? 'C4 H7 N O4'     133.103 
CL  non-polymer         . 'CHLORIDE ION'  ? 'Cl -1'          35.453  
CYS 'L-peptide linking' y CYSTEINE        ? 'C3 H7 N O2 S'   121.158 
GLN 'L-peptide linking' y GLUTAMINE       ? 'C5 H10 N2 O3'   146.144 
GLU 'L-peptide linking' y 'GLUTAMIC ACID' ? 'C5 H9 N O4'     147.129 
GLY 'peptide linking'   y GLYCINE         ? 'C2 H5 N O2'     75.067  
HIS 'L-peptide linking' y HISTIDINE       ? 'C6 H10 N3 O2 1' 156.162 
HOH non-polymer         . WATER           ? 'H2 O'           18.015  
ILE 'L-peptide linking' y ISOLEUCINE      ? 'C6 H13 N O2'    131.173 
LEU 'L-peptide linking' y LEUCINE         ? 'C6 H13 N O2'    131.173 
LYS 'L-peptide linking' y LYSINE          ? 'C6 H15 N2 O2 1' 147.195 
MET 'L-peptide linking' y METHIONINE      ? 'C5 H11 N O2 S'  149.211 
PHE 'L-peptide linking' y PHENYLALANINE   ? 'C9 H11 N O2'    165.189 
PRO 'L-peptide linking' y PROLINE         ? 'C5 H9 N O2'     115.130 
SER 'L-peptide linking' y SERINE          ? 'C3 H7 N O3'     105.093 
THR 'L-peptide linking' y THREONINE       ? 'C4 H9 N O3'     119.119 
TRP 'L-peptide linking' y TRYPTOPHAN      ? 'C11 H12 N2 O2'  204.225 
TYR 'L-peptide linking' y TYROSINE        ? 'C9 H11 N O3'    181.189 
VAL 'L-peptide linking' y VALINE          ? 'C5 H11 N O2'    117.146 
# 
_exptl.entry_id          2HE3 
_exptl.method            'X-RAY DIFFRACTION' 
_exptl.crystals_number   1 
# 
_exptl_crystal.id                    1 
_exptl_crystal.density_meas          ? 
_exptl_crystal.density_Matthews      3.01 
_exptl_crystal.density_percent_sol   59.19 
_exptl_crystal.description           ? 
_exptl_crystal.F_000                 ? 
_exptl_crystal.preparation           ? 
# 
_exptl_crystal_grow.crystal_id      1 
_exptl_crystal_grow.method          'VAPOR DIFFUSION, SITTING DROP' 
_exptl_crystal_grow.temp            293 
_exptl_crystal_grow.temp_details    ? 
_exptl_crystal_grow.pH              7.5 
_exptl_crystal_grow.pdbx_details    
;20% PEG 3350, 200 mM sodium formate, 100 mM Bis-Tris propane, 10% ethylene glycol, pH 7.5, VAPOR DIFFUSION, SITTING DROP, temperature 293K
;
_exptl_crystal_grow.pdbx_pH_range   . 
# 
_diffrn.id                     1 
_diffrn.ambient_temp           100 
_diffrn.ambient_temp_details   ? 
_diffrn.crystal_id             1 
# 
_diffrn_detector.diffrn_id              1 
_diffrn_detector.detector               CCD 
_diffrn_detector.type                   MARRESEARCH 
_diffrn_detector.pdbx_collection_date   2006-05-18 
_diffrn_detector.details                ? 
# 
_diffrn_radiation.diffrn_id                        1 
_diffrn_radiation.wavelength_id                    1 
_diffrn_radiation.pdbx_monochromatic_or_laue_m_l   M 
_diffrn_radiation.monochromator                    'Si(111)' 
_diffrn_radiation.pdbx_diffrn_protocol             'SINGLE WAVELENGTH' 
_diffrn_radiation.pdbx_scattering_type             x-ray 
# 
_diffrn_radiation_wavelength.id           1 
_diffrn_radiation_wavelength.wavelength   0.9183 
_diffrn_radiation_wavelength.wt           1.0 
# 
_diffrn_source.diffrn_id                   1 
_diffrn_source.source                      SYNCHROTRON 
_diffrn_source.type                        'SLS BEAMLINE X10SA' 
_diffrn_source.pdbx_synchrotron_site       SLS 
_diffrn_source.pdbx_synchrotron_beamline   X10SA 
_diffrn_source.pdbx_wavelength             ? 
_diffrn_source.pdbx_wavelength_list        0.9183 
# 
_reflns.entry_id                     2HE3 
_reflns.observed_criterion_sigma_F   0 
_reflns.observed_criterion_sigma_I   0 
_reflns.d_resolution_high            2.1 
_reflns.d_resolution_low             42 
_reflns.number_all                   17619 
_reflns.number_obs                   17619 
_reflns.percent_possible_obs         99.8 
_reflns.pdbx_Rmerge_I_obs            0.137 
_reflns.pdbx_Rsym_value              ? 
_reflns.pdbx_netI_over_sigmaI        14.9 
_reflns.B_iso_Wilson_estimate        27 
_reflns.pdbx_redundancy              9.1 
_reflns.R_free_details               ? 
_reflns.limit_h_max                  ? 
_reflns.limit_h_min                  ? 
_reflns.limit_k_max                  ? 
_reflns.limit_k_min                  ? 
_reflns.limit_l_max                  ? 
_reflns.limit_l_min                  ? 
_reflns.observed_criterion_F_max     ? 
_reflns.observed_criterion_F_min     ? 
_reflns.pdbx_chi_squared             ? 
_reflns.pdbx_scaling_rejects         ? 
_reflns.pdbx_ordinal                 1 
_reflns.pdbx_diffrn_id               1 
# 
_reflns_shell.d_res_high             2.1 
_reflns_shell.d_res_low              2.21 
_reflns_shell.percent_possible_all   98.7 
_reflns_shell.Rmerge_I_obs           ? 
_reflns_shell.pdbx_Rsym_value        ? 
_reflns_shell.meanI_over_sigI_obs    3.2 
_reflns_shell.pdbx_redundancy        6.3 
_reflns_shell.percent_possible_obs   ? 
_reflns_shell.number_unique_all      2496 
_reflns_shell.number_measured_all    ? 
_reflns_shell.number_measured_obs    ? 
_reflns_shell.number_unique_obs      ? 
_reflns_shell.pdbx_chi_squared       ? 
_reflns_shell.pdbx_ordinal           1 
_reflns_shell.pdbx_diffrn_id         1 
# 
_refine.entry_id                                 2HE3 
_refine.ls_number_reflns_obs                     16588 
_refine.ls_number_reflns_all                     16588 
_refine.pdbx_ls_sigma_I                          0 
_refine.pdbx_ls_sigma_F                          0 
_refine.pdbx_data_cutoff_high_absF               ? 
_refine.pdbx_data_cutoff_low_absF                ? 
_refine.pdbx_data_cutoff_high_rms_absF           ? 
_refine.ls_d_res_low                             42 
_refine.ls_d_res_high                            2.10 
_refine.ls_percent_reflns_obs                    99.73 
_refine.ls_R_factor_obs                          0.15833 
_refine.ls_R_factor_all                          0.15833 
_refine.ls_R_factor_R_work                       0.15583 
_refine.ls_R_factor_R_free                       0.20481 
_refine.ls_R_factor_R_free_error                 ? 
_refine.ls_R_factor_R_free_error_details         ? 
_refine.ls_percent_reflns_R_free                 5.1 
_refine.ls_number_reflns_R_free                  890 
_refine.ls_number_parameters                     ? 
_refine.ls_number_restraints                     ? 
_refine.occupancy_min                            ? 
_refine.occupancy_max                            ? 
_refine.correlation_coeff_Fo_to_Fc               0.965 
_refine.correlation_coeff_Fo_to_Fc_free          0.932 
_refine.B_iso_mean                               21.278 
_refine.aniso_B[1][1]                            1.44 
_refine.aniso_B[2][2]                            -0.91 
_refine.aniso_B[3][3]                            -0.53 
_refine.aniso_B[1][2]                            0.00 
_refine.aniso_B[1][3]                            0.00 
_refine.aniso_B[2][3]                            0.00 
_refine.solvent_model_details                    MASK 
_refine.solvent_model_param_ksol                 ? 
_refine.solvent_model_param_bsol                 ? 
_refine.pdbx_solvent_vdw_probe_radii             1.20 
_refine.pdbx_solvent_ion_probe_radii             0.80 
_refine.pdbx_solvent_shrinkage_radii             0.80 
_refine.pdbx_ls_cross_valid_method               THROUGHOUT 
_refine.details                                  'HYDROGENS HAVE BEEN ADDED IN THE RIDING POSITIONS' 
_refine.pdbx_starting_model                      2f8a 
_refine.pdbx_method_to_determine_struct          'MOLECULAR REPLACEMENT' 
_refine.pdbx_isotropic_thermal_model             ? 
_refine.pdbx_stereochemistry_target_values       'MAXIMUM LIKELIHOOD' 
_refine.pdbx_stereochem_target_val_spec_case     ? 
_refine.pdbx_R_Free_selection_details            RANDOM 
_refine.pdbx_overall_ESU_R                       0.136 
_refine.pdbx_overall_ESU_R_Free                  0.138 
_refine.overall_SU_ML                            0.097 
_refine.overall_SU_B                             7.015 
_refine.ls_redundancy_reflns_obs                 ? 
_refine.B_iso_min                                ? 
_refine.B_iso_max                                ? 
_refine.overall_SU_R_Cruickshank_DPI             ? 
_refine.overall_SU_R_free                        ? 
_refine.ls_wR_factor_R_free                      ? 
_refine.ls_wR_factor_R_work                      ? 
_refine.overall_FOM_free_R_set                   ? 
_refine.overall_FOM_work_R_set                   ? 
_refine.pdbx_refine_id                           'X-RAY DIFFRACTION' 
_refine.pdbx_TLS_residual_ADP_flag               'LIKELY RESIDUAL' 
_refine.pdbx_diffrn_id                           1 
_refine.pdbx_overall_phase_error                 ? 
_refine.pdbx_overall_SU_R_free_Cruickshank_DPI   ? 
_refine.pdbx_overall_SU_R_Blow_DPI               ? 
_refine.pdbx_overall_SU_R_free_Blow_DPI          ? 
# 
_refine_hist.pdbx_refine_id                   'X-RAY DIFFRACTION' 
_refine_hist.cycle_id                         LAST 
_refine_hist.pdbx_number_atoms_protein        1504 
_refine_hist.pdbx_number_atoms_nucleic_acid   0 
_refine_hist.pdbx_number_atoms_ligand         2 
_refine_hist.number_atoms_solvent             135 
_refine_hist.number_atoms_total               1641 
_refine_hist.d_res_high                       2.10 
_refine_hist.d_res_low                        42 
# 
loop_
_refine_ls_restr.type 
_refine_ls_restr.dev_ideal 
_refine_ls_restr.dev_ideal_target 
_refine_ls_restr.weight 
_refine_ls_restr.number 
_refine_ls_restr.pdbx_refine_id 
_refine_ls_restr.pdbx_restraint_function 
r_bond_refined_d             0.016  0.022  ? 1562 'X-RAY DIFFRACTION' ? 
r_bond_other_d               0.002  0.020  ? 1111 'X-RAY DIFFRACTION' ? 
r_angle_refined_deg          1.464  1.964  ? 2121 'X-RAY DIFFRACTION' ? 
r_angle_other_deg            0.958  3.000  ? 2687 'X-RAY DIFFRACTION' ? 
r_dihedral_angle_1_deg       6.564  5.000  ? 188  'X-RAY DIFFRACTION' ? 
r_dihedral_angle_2_deg       33.269 23.457 ? 81   'X-RAY DIFFRACTION' ? 
r_dihedral_angle_3_deg       12.290 15.000 ? 263  'X-RAY DIFFRACTION' ? 
r_dihedral_angle_4_deg       10.771 15.000 ? 14   'X-RAY DIFFRACTION' ? 
r_chiral_restr               0.087  0.200  ? 225  'X-RAY DIFFRACTION' ? 
r_gen_planes_refined         0.006  0.020  ? 1740 'X-RAY DIFFRACTION' ? 
r_gen_planes_other           0.001  0.020  ? 340  'X-RAY DIFFRACTION' ? 
r_nbd_refined                0.199  0.200  ? 291  'X-RAY DIFFRACTION' ? 
r_nbd_other                  0.197  0.200  ? 1152 'X-RAY DIFFRACTION' ? 
r_nbtor_refined              0.182  0.200  ? 739  'X-RAY DIFFRACTION' ? 
r_nbtor_other                0.084  0.200  ? 803  'X-RAY DIFFRACTION' ? 
r_xyhbond_nbd_refined        0.127  0.200  ? 111  'X-RAY DIFFRACTION' ? 
r_xyhbond_nbd_other          ?      ?      ? ?    'X-RAY DIFFRACTION' ? 
r_metal_ion_refined          ?      ?      ? ?    'X-RAY DIFFRACTION' ? 
r_metal_ion_other            ?      ?      ? ?    'X-RAY DIFFRACTION' ? 
r_symmetry_vdw_refined       0.142  0.200  ? 6    'X-RAY DIFFRACTION' ? 
r_symmetry_vdw_other         0.312  0.200  ? 49   'X-RAY DIFFRACTION' ? 
r_symmetry_hbond_refined     0.146  0.200  ? 12   'X-RAY DIFFRACTION' ? 
r_symmetry_hbond_other       ?      ?      ? ?    'X-RAY DIFFRACTION' ? 
r_symmetry_metal_ion_refined ?      ?      ? ?    'X-RAY DIFFRACTION' ? 
r_symmetry_metal_ion_other   ?      ?      ? ?    'X-RAY DIFFRACTION' ? 
r_mcbond_it                  2.740  3.000  ? 970  'X-RAY DIFFRACTION' ? 
r_mcbond_other               0.712  3.000  ? 368  'X-RAY DIFFRACTION' ? 
r_mcangle_it                 3.746  5.000  ? 1522 'X-RAY DIFFRACTION' ? 
r_scbond_it                  6.059  7.000  ? 682  'X-RAY DIFFRACTION' ? 
r_scangle_it                 8.134  11.000 ? 597  'X-RAY DIFFRACTION' ? 
r_rigid_bond_restr           ?      ?      ? ?    'X-RAY DIFFRACTION' ? 
r_sphericity_free            ?      ?      ? ?    'X-RAY DIFFRACTION' ? 
r_sphericity_bonded          ?      ?      ? ?    'X-RAY DIFFRACTION' ? 
# 
_refine_ls_shell.pdbx_total_number_of_bins_used   20 
_refine_ls_shell.d_res_high                       2.100 
_refine_ls_shell.d_res_low                        2.155 
_refine_ls_shell.number_reflns_R_work             1203 
_refine_ls_shell.R_factor_R_work                  0.211 
_refine_ls_shell.percent_reflns_obs               98.59 
_refine_ls_shell.R_factor_R_free                  0.348 
_refine_ls_shell.R_factor_R_free_error            ? 
_refine_ls_shell.percent_reflns_R_free            ? 
_refine_ls_shell.number_reflns_R_free             52 
_refine_ls_shell.number_reflns_all                ? 
_refine_ls_shell.R_factor_all                     ? 
_refine_ls_shell.number_reflns_obs                ? 
_refine_ls_shell.redundancy_reflns_obs            ? 
_refine_ls_shell.pdbx_refine_id                   'X-RAY DIFFRACTION' 
# 
_struct.entry_id                  2HE3 
_struct.title                     
'Crystal structure of the selenocysteine to cysteine mutant of human glutathionine peroxidase 2 (GPX2)' 
_struct.pdbx_model_details        ? 
_struct.pdbx_CASP_flag            ? 
_struct.pdbx_model_type_details   ? 
# 
_struct_keywords.entry_id        2HE3 
_struct_keywords.pdbx_keywords   OXIDOREDUCTASE 
_struct_keywords.text            
;thioredoxin fold, gastrointestinal glutathione peroxidase 2, GPRP, GSHPX-GI, Structural Genomics, Structural Genomics Consortium, SGC, OXIDOREDUCTASE
;
# 
loop_
_struct_asym.id 
_struct_asym.pdbx_blank_PDB_chainid_flag 
_struct_asym.pdbx_modified 
_struct_asym.entity_id 
_struct_asym.details 
A N N 1 ? 
B N N 2 ? 
C N N 2 ? 
D N N 3 ? 
# 
_struct_biol.id                    1 
_struct_biol.details               
'The biological assembly is a tetramer generated from the monomer in the AU by the operations: -x,-y,z; x,-y,-z+1; -x,y,-z+1' 
_struct_biol.pdbx_parent_biol_id   ? 
# 
loop_
_struct_conf.conf_type_id 
_struct_conf.id 
_struct_conf.pdbx_PDB_helix_id 
_struct_conf.beg_label_comp_id 
_struct_conf.beg_label_asym_id 
_struct_conf.beg_label_seq_id 
_struct_conf.pdbx_beg_PDB_ins_code 
_struct_conf.end_label_comp_id 
_struct_conf.end_label_asym_id 
_struct_conf.end_label_seq_id 
_struct_conf.pdbx_end_PDB_ins_code 
_struct_conf.beg_auth_comp_id 
_struct_conf.beg_auth_asym_id 
_struct_conf.beg_auth_seq_id 
_struct_conf.end_auth_comp_id 
_struct_conf.end_auth_asym_id 
_struct_conf.end_auth_seq_id 
_struct_conf.pdbx_PDB_helix_class 
_struct_conf.details 
_struct_conf.pdbx_PDB_helix_length 
HELX_P HELX_P1 1 SER A 27  ? ASP A 30  ? SER A 7   ASP A 10  5 ? 4  
HELX_P HELX_P2 2 ASN A 44  ? ARG A 47  ? ASN A 24  ARG A 27  5 ? 4  
HELX_P HELX_P3 3 THR A 62  ? PHE A 77  ? THR A 42  PHE A 57  1 ? 16 
HELX_P HELX_P4 4 GLN A 98  ? GLU A 100 ? GLN A 78  GLU A 80  5 ? 3  
HELX_P HELX_P5 5 GLU A 101 ? VAL A 109 ? GLU A 81  VAL A 89  1 ? 9  
HELX_P HELX_P6 6 HIS A 133 ? LEU A 143 ? HIS A 113 LEU A 123 1 ? 11 
HELX_P HELX_P7 7 ASP A 156 ? ILE A 160 ? ASP A 136 ILE A 140 5 ? 5  
HELX_P HELX_P8 8 PRO A 194 ? ASN A 197 ? PRO A 174 ASN A 177 5 ? 4  
HELX_P HELX_P9 9 ILE A 198 ? LYS A 207 ? ILE A 178 LYS A 187 1 ? 10 
# 
_struct_conf_type.id          HELX_P 
_struct_conf_type.criteria    ? 
_struct_conf_type.reference   ? 
# 
loop_
_struct_mon_prot_cis.pdbx_id 
_struct_mon_prot_cis.label_comp_id 
_struct_mon_prot_cis.label_seq_id 
_struct_mon_prot_cis.label_asym_id 
_struct_mon_prot_cis.label_alt_id 
_struct_mon_prot_cis.pdbx_PDB_ins_code 
_struct_mon_prot_cis.auth_comp_id 
_struct_mon_prot_cis.auth_seq_id 
_struct_mon_prot_cis.auth_asym_id 
_struct_mon_prot_cis.pdbx_label_comp_id_2 
_struct_mon_prot_cis.pdbx_label_seq_id_2 
_struct_mon_prot_cis.pdbx_label_asym_id_2 
_struct_mon_prot_cis.pdbx_PDB_ins_code_2 
_struct_mon_prot_cis.pdbx_auth_comp_id_2 
_struct_mon_prot_cis.pdbx_auth_seq_id_2 
_struct_mon_prot_cis.pdbx_auth_asym_id_2 
_struct_mon_prot_cis.pdbx_PDB_model_num 
_struct_mon_prot_cis.pdbx_omega_angle 
1 ARG 110 A . ? ARG 90  A PRO 111 A ? PRO 91  A 1 -0.56 
2 SER 163 A . ? SER 143 A PRO 164 A ? PRO 144 A 1 -6.36 
# 
loop_
_struct_sheet.id 
_struct_sheet.type 
_struct_sheet.number_strands 
_struct_sheet.details 
A ? 2 ? 
B ? 5 ? 
# 
loop_
_struct_sheet_order.sheet_id 
_struct_sheet_order.range_id_1 
_struct_sheet_order.range_id_2 
_struct_sheet_order.offset 
_struct_sheet_order.sense 
A 1 2 ? anti-parallel 
B 1 2 ? parallel      
B 2 3 ? parallel      
B 3 4 ? anti-parallel 
B 4 5 ? anti-parallel 
# 
loop_
_struct_sheet_range.sheet_id 
_struct_sheet_range.id 
_struct_sheet_range.beg_label_comp_id 
_struct_sheet_range.beg_label_asym_id 
_struct_sheet_range.beg_label_seq_id 
_struct_sheet_range.pdbx_beg_PDB_ins_code 
_struct_sheet_range.end_label_comp_id 
_struct_sheet_range.end_label_asym_id 
_struct_sheet_range.end_label_seq_id 
_struct_sheet_range.pdbx_end_PDB_ins_code 
_struct_sheet_range.beg_auth_comp_id 
_struct_sheet_range.beg_auth_asym_id 
_struct_sheet_range.beg_auth_seq_id 
_struct_sheet_range.end_auth_comp_id 
_struct_sheet_range.end_auth_asym_id 
_struct_sheet_range.end_auth_seq_id 
A 1 SER A 32  ? ILE A 34  ? SER A 12  ILE A 14  
A 2 LYS A 40  ? ASP A 42  ? LYS A 20  ASP A 22  
B 1 THR A 120 ? LEU A 121 ? THR A 100 LEU A 101 
B 2 LEU A 81  ? PRO A 87  ? LEU A 61  PRO A 67  
B 3 ALA A 50  ? VAL A 56  ? ALA A 30  VAL A 36  
B 4 LYS A 176 ? ILE A 179 ? LYS A 156 ILE A 159 
B 5 PRO A 185 ? TYR A 189 ? PRO A 165 TYR A 169 
# 
loop_
_pdbx_struct_sheet_hbond.sheet_id 
_pdbx_struct_sheet_hbond.range_id_1 
_pdbx_struct_sheet_hbond.range_id_2 
_pdbx_struct_sheet_hbond.range_1_label_atom_id 
_pdbx_struct_sheet_hbond.range_1_label_comp_id 
_pdbx_struct_sheet_hbond.range_1_label_asym_id 
_pdbx_struct_sheet_hbond.range_1_label_seq_id 
_pdbx_struct_sheet_hbond.range_1_PDB_ins_code 
_pdbx_struct_sheet_hbond.range_1_auth_atom_id 
_pdbx_struct_sheet_hbond.range_1_auth_comp_id 
_pdbx_struct_sheet_hbond.range_1_auth_asym_id 
_pdbx_struct_sheet_hbond.range_1_auth_seq_id 
_pdbx_struct_sheet_hbond.range_2_label_atom_id 
_pdbx_struct_sheet_hbond.range_2_label_comp_id 
_pdbx_struct_sheet_hbond.range_2_label_asym_id 
_pdbx_struct_sheet_hbond.range_2_label_seq_id 
_pdbx_struct_sheet_hbond.range_2_PDB_ins_code 
_pdbx_struct_sheet_hbond.range_2_auth_atom_id 
_pdbx_struct_sheet_hbond.range_2_auth_comp_id 
_pdbx_struct_sheet_hbond.range_2_auth_asym_id 
_pdbx_struct_sheet_hbond.range_2_auth_seq_id 
A 1 2 N ALA A 33  ? N ALA A 13  O VAL A 41  ? O VAL A 21  
B 1 2 O THR A 120 ? O THR A 100 N GLY A 85  ? N GLY A 65  
B 2 3 O LEU A 84  ? O LEU A 64  N LEU A 52  ? N LEU A 32  
B 3 4 N VAL A 51  ? N VAL A 31  O ILE A 179 ? O ILE A 159 
B 4 5 N LEU A 178 ? N LEU A 158 O ARG A 187 ? O ARG A 167 
# 
loop_
_struct_site.id 
_struct_site.pdbx_evidence_code 
_struct_site.pdbx_auth_asym_id 
_struct_site.pdbx_auth_comp_id 
_struct_site.pdbx_auth_seq_id 
_struct_site.pdbx_auth_ins_code 
_struct_site.pdbx_num_residues 
_struct_site.details 
AC1 Software A CL 189 ? 4 'BINDING SITE FOR RESIDUE CL A 189' 
AC2 Software A CL 190 ? 4 'BINDING SITE FOR RESIDUE CL A 190' 
# 
loop_
_struct_site_gen.id 
_struct_site_gen.site_id 
_struct_site_gen.pdbx_num_res 
_struct_site_gen.label_comp_id 
_struct_site_gen.label_asym_id 
_struct_site_gen.label_seq_id 
_struct_site_gen.pdbx_auth_ins_code 
_struct_site_gen.auth_comp_id 
_struct_site_gen.auth_asym_id 
_struct_site_gen.auth_seq_id 
_struct_site_gen.label_atom_id 
_struct_site_gen.label_alt_id 
_struct_site_gen.symmetry 
_struct_site_gen.details 
1 AC1 4 PHE A 77  ? PHE A 57  . ? 1_555 ? 
2 AC1 4 PRO A 78  ? PRO A 58  . ? 1_555 ? 
3 AC1 4 ARG A 79  ? ARG A 59  . ? 1_555 ? 
4 AC1 4 ARG A 80  ? ARG A 60  . ? 1_555 ? 
5 AC2 4 GLY A 180 ? GLY A 160 . ? 1_555 ? 
6 AC2 4 GLU A 182 ? GLU A 162 . ? 1_555 ? 
7 AC2 4 GLY A 183 ? GLY A 163 . ? 1_555 ? 
8 AC2 4 GLU A 184 ? GLU A 164 . ? 1_555 ? 
# 
_atom_sites.entry_id                    2HE3 
_atom_sites.fract_transf_matrix[1][1]   -0.00604984 
_atom_sites.fract_transf_matrix[1][2]   0.02329362 
_atom_sites.fract_transf_matrix[1][3]   0.00262344 
_atom_sites.fract_transf_matrix[2][1]   0.00222710 
_atom_sites.fract_transf_matrix[2][2]   0.00149071 
_atom_sites.fract_transf_matrix[2][3]   -0.00810018 
_atom_sites.fract_transf_matrix[3][1]   -0.00775963 
_atom_sites.fract_transf_matrix[3][2]   -0.00173901 
_atom_sites.fract_transf_matrix[3][3]   -0.00245350 
_atom_sites.fract_transf_vector[1]      0.085400 
_atom_sites.fract_transf_vector[2]      0.152438 
_atom_sites.fract_transf_vector[3]      0.344579 
# 
loop_
_atom_type.symbol 
C  
CL 
N  
O  
S  
# 
loop_
_atom_site.group_PDB 
_atom_site.id 
_atom_site.type_symbol 
_atom_site.label_atom_id 
_atom_site.label_alt_id 
_atom_site.label_comp_id 
_atom_site.label_asym_id 
_atom_site.label_entity_id 
_atom_site.label_seq_id 
_atom_site.pdbx_PDB_ins_code 
_atom_site.Cartn_x 
_atom_site.Cartn_y 
_atom_site.Cartn_z 
_atom_site.occupancy 
_atom_site.B_iso_or_equiv 
_atom_site.pdbx_formal_charge 
_atom_site.auth_seq_id 
_atom_site.auth_comp_id 
_atom_site.auth_asym_id 
_atom_site.auth_atom_id 
_atom_site.pdbx_PDB_model_num 
ATOM   1    N  N   . MET A 1 23  ? -15.607 13.262  -6.157  1.00 53.54 ? 3   MET A N   1 
ATOM   2    C  CA  . MET A 1 23  ? -14.843 12.577  -5.069  1.00 53.95 ? 3   MET A CA  1 
ATOM   3    C  C   . MET A 1 23  ? -13.400 12.267  -5.502  1.00 52.83 ? 3   MET A C   1 
ATOM   4    O  O   . MET A 1 23  ? -12.455 12.767  -4.894  1.00 57.95 ? 3   MET A O   1 
ATOM   5    C  CB  . MET A 1 23  ? -15.557 11.282  -4.635  1.00 53.72 ? 3   MET A CB  1 
ATOM   6    N  N   . ILE A 1 24  ? -13.250 11.474  -6.568  1.00 47.50 ? 4   ILE A N   1 
ATOM   7    C  CA  . ILE A 1 24  ? -11.958 10.891  -7.009  1.00 44.06 ? 4   ILE A CA  1 
ATOM   8    C  C   . ILE A 1 24  ? -11.033 11.986  -7.589  1.00 40.37 ? 4   ILE A C   1 
ATOM   9    O  O   . ILE A 1 24  ? -11.489 12.857  -8.342  1.00 35.62 ? 4   ILE A O   1 
ATOM   10   C  CB  . ILE A 1 24  ? -12.192 9.759   -8.109  1.00 45.03 ? 4   ILE A CB  1 
ATOM   11   C  CG1 . ILE A 1 24  ? -13.137 8.652   -7.609  1.00 46.63 ? 4   ILE A CG1 1 
ATOM   12   C  CG2 . ILE A 1 24  ? -10.903 9.141   -8.578  1.00 41.79 ? 4   ILE A CG2 1 
ATOM   13   C  CD1 . ILE A 1 24  ? -12.715 8.041   -6.306  1.00 52.41 ? 4   ILE A CD1 1 
ATOM   14   N  N   . ALA A 1 25  ? -9.744  11.945  -7.244  1.00 36.32 ? 5   ALA A N   1 
ATOM   15   C  CA  . ALA A 1 25  ? -8.770  12.911  -7.800  1.00 36.03 ? 5   ALA A CA  1 
ATOM   16   C  C   . ALA A 1 25  ? -8.748  12.818  -9.323  1.00 36.21 ? 5   ALA A C   1 
ATOM   17   O  O   . ALA A 1 25  ? -8.855  11.728  -9.891  1.00 37.86 ? 5   ALA A O   1 
ATOM   18   C  CB  . ALA A 1 25  ? -7.352  12.668  -7.233  1.00 32.46 ? 5   ALA A CB  1 
ATOM   19   N  N   . LYS A 1 26  ? -8.583  13.949  -9.989  1.00 35.21 ? 6   LYS A N   1 
ATOM   20   C  CA  . LYS A 1 26  ? -8.450  13.935  -11.439 1.00 36.73 ? 6   LYS A CA  1 
ATOM   21   C  C   . LYS A 1 26  ? -7.066  13.408  -11.831 1.00 32.66 ? 6   LYS A C   1 
ATOM   22   O  O   . LYS A 1 26  ? -6.943  12.647  -12.776 1.00 35.05 ? 6   LYS A O   1 
ATOM   23   C  CB  . LYS A 1 26  ? -8.695  15.343  -12.026 1.00 42.77 ? 6   LYS A CB  1 
ATOM   24   C  CG  . LYS A 1 26  ? -10.089 15.928  -11.727 1.00 54.75 ? 6   LYS A CG  1 
ATOM   25   C  CD  . LYS A 1 26  ? -11.234 15.062  -12.281 1.00 62.39 ? 6   LYS A CD  1 
ATOM   26   C  CE  . LYS A 1 26  ? -12.604 15.638  -11.916 1.00 62.33 ? 6   LYS A CE  1 
ATOM   27   N  NZ  . LYS A 1 26  ? -13.713 15.011  -12.701 1.00 63.11 ? 6   LYS A NZ  1 
ATOM   28   N  N   . SER A 1 27  ? -6.032  13.784  -11.088 1.00 28.70 ? 7   SER A N   1 
ATOM   29   C  CA  . SER A 1 27  ? -4.678  13.290  -11.334 1.00 26.64 ? 7   SER A CA  1 
ATOM   30   C  C   . SER A 1 27  ? -4.136  12.595  -10.103 1.00 24.99 ? 7   SER A C   1 
ATOM   31   O  O   . SER A 1 27  ? -4.392  13.001  -8.958  1.00 27.08 ? 7   SER A O   1 
ATOM   32   C  CB  . SER A 1 27  ? -3.746  14.449  -11.759 1.00 26.90 ? 7   SER A CB  1 
ATOM   33   O  OG  . SER A 1 27  ? -2.378  14.042  -11.886 1.00 27.80 ? 7   SER A OG  1 
ATOM   34   N  N   . PHE A 1 28  ? -3.376  11.528  -10.346 1.00 22.07 ? 8   PHE A N   1 
ATOM   35   C  CA  . PHE A 1 28  ? -2.555  10.896  -9.326  1.00 18.76 ? 8   PHE A CA  1 
ATOM   36   C  C   . PHE A 1 28  ? -1.721  11.946  -8.557  1.00 18.45 ? 8   PHE A C   1 
ATOM   37   O  O   . PHE A 1 28  ? -1.601  11.881  -7.338  1.00 21.60 ? 8   PHE A O   1 
ATOM   38   C  CB  . PHE A 1 28  ? -1.663  9.853   -10.001 1.00 19.69 ? 8   PHE A CB  1 
ATOM   39   C  CG  . PHE A 1 28  ? -0.719  9.178   -9.085  1.00 17.89 ? 8   PHE A CG  1 
ATOM   40   C  CD1 . PHE A 1 28  ? -1.173  8.265   -8.149  1.00 16.89 ? 8   PHE A CD1 1 
ATOM   41   C  CD2 . PHE A 1 28  ? 0.644   9.421   -9.168  1.00 18.03 ? 8   PHE A CD2 1 
ATOM   42   C  CE1 . PHE A 1 28  ? -0.280  7.613   -7.298  1.00 21.04 ? 8   PHE A CE1 1 
ATOM   43   C  CE2 . PHE A 1 28  ? 1.528   8.755   -8.324  1.00 18.66 ? 8   PHE A CE2 1 
ATOM   44   C  CZ  . PHE A 1 28  ? 1.059   7.859   -7.385  1.00 21.04 ? 8   PHE A CZ  1 
ATOM   45   N  N   . TYR A 1 29  ? -1.197  12.940  -9.274  1.00 18.97 ? 9   TYR A N   1 
ATOM   46   C  CA  . TYR A 1 29  ? -0.314  13.937  -8.688  1.00 18.61 ? 9   TYR A CA  1 
ATOM   47   C  C   . TYR A 1 29  ? -1.029  14.957  -7.790  1.00 19.35 ? 9   TYR A C   1 
ATOM   48   O  O   . TYR A 1 29  ? -0.357  15.661  -7.069  1.00 16.57 ? 9   TYR A O   1 
ATOM   49   C  CB  . TYR A 1 29  ? 0.476   14.637  -9.789  1.00 19.62 ? 9   TYR A CB  1 
ATOM   50   C  CG  . TYR A 1 29  ? 1.325   13.686  -10.566 1.00 17.25 ? 9   TYR A CG  1 
ATOM   51   C  CD1 . TYR A 1 29  ? 2.207   12.831  -9.916  1.00 22.47 ? 9   TYR A CD1 1 
ATOM   52   C  CD2 . TYR A 1 29  ? 1.253   13.623  -11.964 1.00 20.29 ? 9   TYR A CD2 1 
ATOM   53   C  CE1 . TYR A 1 29  ? 2.972   11.933  -10.624 1.00 17.93 ? 9   TYR A CE1 1 
ATOM   54   C  CE2 . TYR A 1 29  ? 2.056   12.719  -12.696 1.00 17.29 ? 9   TYR A CE2 1 
ATOM   55   C  CZ  . TYR A 1 29  ? 2.902   11.886  -12.009 1.00 17.04 ? 9   TYR A CZ  1 
ATOM   56   O  OH  . TYR A 1 29  ? 3.723   11.015  -12.683 1.00 17.55 ? 9   TYR A OH  1 
ATOM   57   N  N   . ASP A 1 30  ? -2.370  14.975  -7.797  1.00 19.95 ? 10  ASP A N   1 
ATOM   58   C  CA  . ASP A 1 30  ? -3.177  15.833  -6.921  1.00 22.52 ? 10  ASP A CA  1 
ATOM   59   C  C   . ASP A 1 30  ? -3.320  15.242  -5.528  1.00 23.09 ? 10  ASP A C   1 
ATOM   60   O  O   . ASP A 1 30  ? -3.816  15.900  -4.620  1.00 24.11 ? 10  ASP A O   1 
ATOM   61   C  CB  . ASP A 1 30  ? -4.597  16.012  -7.473  1.00 24.54 ? 10  ASP A CB  1 
ATOM   62   C  CG  . ASP A 1 30  ? -4.632  16.745  -8.790  1.00 25.00 ? 10  ASP A CG  1 
ATOM   63   O  OD1 . ASP A 1 30  ? -3.699  17.500  -9.056  1.00 24.44 ? 10  ASP A OD1 1 
ATOM   64   O  OD2 . ASP A 1 30  ? -5.586  16.541  -9.566  1.00 32.89 ? 10  ASP A OD2 1 
ATOM   65   N  N   . LEU A 1 31  ? -2.885  14.007  -5.354  1.00 20.29 ? 11  LEU A N   1 
ATOM   66   C  CA  . LEU A 1 31  ? -3.025  13.344  -4.088  1.00 18.62 ? 11  LEU A CA  1 
ATOM   67   C  C   . LEU A 1 31  ? -1.940  13.740  -3.096  1.00 21.72 ? 11  LEU A C   1 
ATOM   68   O  O   . LEU A 1 31  ? -0.942  14.364  -3.440  1.00 16.52 ? 11  LEU A O   1 
ATOM   69   C  CB  . LEU A 1 31  ? -3.066  11.822  -4.273  1.00 14.94 ? 11  LEU A CB  1 
ATOM   70   C  CG  . LEU A 1 31  ? -4.177  11.176  -5.127  1.00 19.84 ? 11  LEU A CG  1 
ATOM   71   C  CD1 . LEU A 1 31  ? -3.782  9.736   -5.594  1.00 24.33 ? 11  LEU A CD1 1 
ATOM   72   C  CD2 . LEU A 1 31  ? -5.500  11.181  -4.372  1.00 16.12 ? 11  LEU A CD2 1 
ATOM   73   N  N   . SER A 1 32  ? -2.181  13.386  -1.834  1.00 21.26 ? 12  SER A N   1 
ATOM   74   C  CA  . SER A 1 32  ? -1.204  13.549  -0.801  1.00 20.01 ? 12  SER A CA  1 
ATOM   75   C  C   . SER A 1 32  ? -1.554  12.652  0.360   1.00 20.38 ? 12  SER A C   1 
ATOM   76   O  O   . SER A 1 32  ? -2.628  12.049  0.425   1.00 20.08 ? 12  SER A O   1 
ATOM   77   C  CB  . SER A 1 32  ? -1.177  14.994  -0.296  1.00 26.40 ? 12  SER A CB  1 
ATOM   78   O  OG  . SER A 1 32  ? -2.416  15.339  0.349   1.00 22.59 ? 12  SER A OG  1 
ATOM   79   N  N   . ALA A 1 33  ? -0.628  12.595  1.291   1.00 22.59 ? 13  ALA A N   1 
ATOM   80   C  CA  . ALA A 1 33  ? -0.737  11.754  2.462   1.00 23.34 ? 13  ALA A CA  1 
ATOM   81   C  C   . ALA A 1 33  ? 0.100   12.415  3.561   1.00 23.85 ? 13  ALA A C   1 
ATOM   82   O  O   . ALA A 1 33  ? 0.866   13.338  3.288   1.00 22.56 ? 13  ALA A O   1 
ATOM   83   C  CB  . ALA A 1 33  ? -0.229  10.362  2.132   1.00 20.13 ? 13  ALA A CB  1 
ATOM   84   N  N   . ILE A 1 34  ? -0.097  11.989  4.802   1.00 24.61 ? 14  ILE A N   1 
ATOM   85   C  CA  . ILE A 1 34  ? 0.681   12.456  5.933   1.00 24.26 ? 14  ILE A CA  1 
ATOM   86   C  C   . ILE A 1 34  ? 1.564   11.296  6.419   1.00 22.09 ? 14  ILE A C   1 
ATOM   87   O  O   . ILE A 1 34  ? 1.079   10.193  6.697   1.00 23.40 ? 14  ILE A O   1 
ATOM   88   C  CB  . ILE A 1 34  ? -0.226  12.968  7.098   1.00 23.05 ? 14  ILE A CB  1 
ATOM   89   C  CG1 . ILE A 1 34  ? -1.313  13.910  6.604   1.00 29.33 ? 14  ILE A CG1 1 
ATOM   90   C  CG2 . ILE A 1 34  ? 0.613   13.658  8.179   1.00 20.81 ? 14  ILE A CG2 1 
ATOM   91   C  CD1 . ILE A 1 34  ? -0.787  15.127  5.883   1.00 35.13 ? 14  ILE A CD1 1 
ATOM   92   N  N   . ASN A 1 35  ? 2.867   11.518  6.489   1.00 21.74 ? 15  ASN A N   1 
ATOM   93   C  CA  . ASN A 1 35  ? 3.747   10.490  7.041   1.00 23.75 ? 15  ASN A CA  1 
ATOM   94   C  C   . ASN A 1 35  ? 3.679   10.430  8.573   1.00 22.28 ? 15  ASN A C   1 
ATOM   95   O  O   . ASN A 1 35  ? 3.028   11.258  9.209   1.00 25.99 ? 15  ASN A O   1 
ATOM   96   C  CB  . ASN A 1 35  ? 5.186   10.586  6.490   1.00 24.08 ? 15  ASN A CB  1 
ATOM   97   C  CG  . ASN A 1 35  ? 5.978   11.747  7.055   1.00 28.43 ? 15  ASN A CG  1 
ATOM   98   O  OD1 . ASN A 1 35  ? 5.704   12.255  8.142   1.00 29.33 ? 15  ASN A OD1 1 
ATOM   99   N  ND2 . ASN A 1 35  ? 6.976   12.175  6.304   1.00 30.10 ? 15  ASN A ND2 1 
ATOM   100  N  N   . LEU A 1 36  ? 4.353   9.444   9.150   1.00 29.21 ? 16  LEU A N   1 
ATOM   101  C  CA  . LEU A 1 36  ? 4.263   9.175   10.586  1.00 30.91 ? 16  LEU A CA  1 
ATOM   102  C  C   . LEU A 1 36  ? 4.817   10.319  11.420  1.00 32.90 ? 16  LEU A C   1 
ATOM   103  O  O   . LEU A 1 36  ? 4.381   10.509  12.558  1.00 36.83 ? 16  LEU A O   1 
ATOM   104  C  CB  . LEU A 1 36  ? 4.943   7.858   10.965  1.00 32.88 ? 16  LEU A CB  1 
ATOM   105  C  CG  . LEU A 1 36  ? 4.329   6.539   10.494  1.00 28.38 ? 16  LEU A CG  1 
ATOM   106  C  CD1 . LEU A 1 36  ? 5.235   5.369   10.960  1.00 28.60 ? 16  LEU A CD1 1 
ATOM   107  C  CD2 . LEU A 1 36  ? 2.888   6.370   10.982  1.00 30.79 ? 16  LEU A CD2 1 
ATOM   108  N  N   . ASP A 1 37  ? 5.724   11.111  10.843  1.00 34.20 ? 17  ASP A N   1 
ATOM   109  C  CA  . ASP A 1 37  ? 6.211   12.331  11.496  1.00 35.35 ? 17  ASP A CA  1 
ATOM   110  C  C   . ASP A 1 37  ? 5.296   13.523  11.303  1.00 34.71 ? 17  ASP A C   1 
ATOM   111  O  O   . ASP A 1 37  ? 5.627   14.613  11.741  1.00 37.05 ? 17  ASP A O   1 
ATOM   112  C  CB  . ASP A 1 37  ? 7.598   12.704  10.986  1.00 40.61 ? 17  ASP A CB  1 
ATOM   113  C  CG  . ASP A 1 37  ? 8.651   11.679  11.371  1.00 49.46 ? 17  ASP A CG  1 
ATOM   114  O  OD1 . ASP A 1 37  ? 8.555   11.129  12.494  1.00 54.02 ? 17  ASP A OD1 1 
ATOM   115  O  OD2 . ASP A 1 37  ? 9.578   11.447  10.557  1.00 55.27 ? 17  ASP A OD2 1 
ATOM   116  N  N   . GLY A 1 38  ? 4.141   13.327  10.672  1.00 31.29 ? 18  GLY A N   1 
ATOM   117  C  CA  . GLY A 1 38  ? 3.150   14.398  10.509  1.00 29.63 ? 18  GLY A CA  1 
ATOM   118  C  C   . GLY A 1 38  ? 3.452   15.331  9.349   1.00 27.24 ? 18  GLY A C   1 
ATOM   119  O  O   . GLY A 1 38  ? 2.831   16.375  9.232   1.00 32.01 ? 18  GLY A O   1 
ATOM   120  N  N   . GLU A 1 39  ? 4.410   14.951  8.506   1.00 28.17 ? 19  GLU A N   1 
ATOM   121  C  CA  . GLU A 1 39  ? 4.777   15.726  7.323   1.00 32.07 ? 19  GLU A CA  1 
ATOM   122  C  C   . GLU A 1 39  ? 3.960   15.303  6.102   1.00 27.43 ? 19  GLU A C   1 
ATOM   123  O  O   . GLU A 1 39  ? 3.693   14.126  5.894   1.00 23.17 ? 19  GLU A O   1 
ATOM   124  C  CB  . GLU A 1 39  ? 6.240   15.514  6.976   1.00 31.04 ? 19  GLU A CB  1 
ATOM   125  C  CG  . GLU A 1 39  ? 7.229   15.892  8.057   1.00 41.41 ? 19  GLU A CG  1 
ATOM   126  C  CD  . GLU A 1 39  ? 8.623   15.386  7.721   1.00 44.63 ? 19  GLU A CD  1 
ATOM   127  O  OE1 . GLU A 1 39  ? 8.879   14.165  7.862   1.00 58.54 ? 19  GLU A OE1 1 
ATOM   128  O  OE2 . GLU A 1 39  ? 9.458   16.212  7.296   1.00 65.98 ? 19  GLU A OE2 1 
ATOM   129  N  N   . LYS A 1 40  ? 3.604   16.283  5.284   1.00 25.61 ? 20  LYS A N   1 
ATOM   130  C  CA  . LYS A 1 40  ? 2.857   16.048  4.085   1.00 29.05 ? 20  LYS A CA  1 
ATOM   131  C  C   . LYS A 1 40  ? 3.778   15.408  3.057   1.00 27.70 ? 20  LYS A C   1 
ATOM   132  O  O   . LYS A 1 40  ? 4.933   15.803  2.895   1.00 34.15 ? 20  LYS A O   1 
ATOM   133  C  CB  . LYS A 1 40  ? 2.273   17.357  3.550   1.00 30.92 ? 20  LYS A CB  1 
ATOM   134  C  CG  . LYS A 1 40  ? 1.416   17.194  2.316   1.00 34.12 ? 20  LYS A CG  1 
ATOM   135  C  CD  . LYS A 1 40  ? 1.009   18.512  1.777   1.00 40.30 ? 20  LYS A CD  1 
ATOM   136  C  CE  . LYS A 1 40  ? 0.191   18.351  0.518   1.00 41.65 ? 20  LYS A CE  1 
ATOM   137  N  NZ  . LYS A 1 40  ? -0.639  19.598  0.319   1.00 43.45 ? 20  LYS A NZ  1 
ATOM   138  N  N   . VAL A 1 41  ? 3.269   14.366  2.429   1.00 25.56 ? 21  VAL A N   1 
ATOM   139  C  CA  . VAL A 1 41  ? 3.871   13.744  1.269   1.00 24.06 ? 21  VAL A CA  1 
ATOM   140  C  C   . VAL A 1 41  ? 3.050   14.208  0.075   1.00 23.07 ? 21  VAL A C   1 
ATOM   141  O  O   . VAL A 1 41  ? 1.906   13.774  -0.103  1.00 22.06 ? 21  VAL A O   1 
ATOM   142  C  CB  . VAL A 1 41  ? 3.807   12.225  1.379   1.00 24.81 ? 21  VAL A CB  1 
ATOM   143  C  CG1 . VAL A 1 41  ? 4.249   11.574  0.068   1.00 24.06 ? 21  VAL A CG1 1 
ATOM   144  C  CG2 . VAL A 1 41  ? 4.627   11.724  2.580   1.00 22.75 ? 21  VAL A CG2 1 
ATOM   145  N  N   . ASP A 1 42  ? 3.628   15.102  -0.725  1.00 18.71 ? 22  ASP A N   1 
ATOM   146  C  CA  . ASP A 1 42  ? 2.940   15.691  -1.876  1.00 20.89 ? 22  ASP A CA  1 
ATOM   147  C  C   . ASP A 1 42  ? 3.216   14.808  -3.098  1.00 18.12 ? 22  ASP A C   1 
ATOM   148  O  O   . ASP A 1 42  ? 4.356   14.614  -3.469  1.00 22.01 ? 22  ASP A O   1 
ATOM   149  C  CB  . ASP A 1 42  ? 3.417   17.141  -2.119  1.00 20.29 ? 22  ASP A CB  1 
ATOM   150  C  CG  . ASP A 1 42  ? 2.486   17.936  -3.041  1.00 22.01 ? 22  ASP A CG  1 
ATOM   151  O  OD1 . ASP A 1 42  ? 2.136   17.433  -4.138  1.00 23.27 ? 22  ASP A OD1 1 
ATOM   152  O  OD2 . ASP A 1 42  ? 2.130   19.088  -2.676  1.00 28.91 ? 22  ASP A OD2 1 
ATOM   153  N  N   . PHE A 1 43  ? 2.173   14.246  -3.702  1.00 17.41 ? 23  PHE A N   1 
ATOM   154  C  CA  . PHE A 1 43  ? 2.377   13.347  -4.817  1.00 17.75 ? 23  PHE A CA  1 
ATOM   155  C  C   . PHE A 1 43  ? 2.984   14.020  -6.076  1.00 18.40 ? 23  PHE A C   1 
ATOM   156  O  O   . PHE A 1 43  ? 3.382   13.321  -6.977  1.00 17.96 ? 23  PHE A O   1 
ATOM   157  C  CB  . PHE A 1 43  ? 1.096   12.611  -5.182  1.00 18.59 ? 23  PHE A CB  1 
ATOM   158  C  CG  . PHE A 1 43  ? 0.778   11.427  -4.288  1.00 15.23 ? 23  PHE A CG  1 
ATOM   159  C  CD1 . PHE A 1 43  ? 0.983   11.477  -2.909  1.00 16.99 ? 23  PHE A CD1 1 
ATOM   160  C  CD2 . PHE A 1 43  ? 0.194   10.305  -4.817  1.00 19.45 ? 23  PHE A CD2 1 
ATOM   161  C  CE1 . PHE A 1 43  ? 0.675   10.375  -2.090  1.00 19.17 ? 23  PHE A CE1 1 
ATOM   162  C  CE2 . PHE A 1 43  ? -0.135  9.222   -4.019  1.00 20.35 ? 23  PHE A CE2 1 
ATOM   163  C  CZ  . PHE A 1 43  ? 0.104   9.262   -2.651  1.00 20.76 ? 23  PHE A CZ  1 
ATOM   164  N  N   . ASN A 1 44  ? 3.042   15.351  -6.146  1.00 20.00 ? 24  ASN A N   1 
ATOM   165  C  CA  . ASN A 1 44  ? 3.778   15.997  -7.238  1.00 19.91 ? 24  ASN A CA  1 
ATOM   166  C  C   . ASN A 1 44  ? 5.235   15.595  -7.247  1.00 16.80 ? 24  ASN A C   1 
ATOM   167  O  O   . ASN A 1 44  ? 5.847   15.566  -8.297  1.00 16.03 ? 24  ASN A O   1 
ATOM   168  C  CB  . ASN A 1 44  ? 3.694   17.531  -7.182  1.00 15.59 ? 24  ASN A CB  1 
ATOM   169  C  CG  . ASN A 1 44  ? 2.444   18.076  -7.846  1.00 17.24 ? 24  ASN A CG  1 
ATOM   170  O  OD1 . ASN A 1 44  ? 2.066   17.669  -8.961  1.00 15.95 ? 24  ASN A OD1 1 
ATOM   171  N  ND2 . ASN A 1 44  ? 1.805   19.007  -7.183  1.00 21.38 ? 24  ASN A ND2 1 
ATOM   172  N  N   . THR A 1 45  ? 5.781   15.279  -6.068  1.00 19.23 ? 25  THR A N   1 
ATOM   173  C  CA  . THR A 1 45  ? 7.163   14.851  -5.958  1.00 20.21 ? 25  THR A CA  1 
ATOM   174  C  C   . THR A 1 45  ? 7.364   13.483  -6.611  1.00 20.20 ? 25  THR A C   1 
ATOM   175  O  O   . THR A 1 45  ? 8.501   13.054  -6.792  1.00 20.99 ? 25  THR A O   1 
ATOM   176  C  CB  . THR A 1 45  ? 7.665   14.802  -4.483  1.00 19.96 ? 25  THR A CB  1 
ATOM   177  O  OG1 . THR A 1 45  ? 6.909   13.838  -3.754  1.00 24.66 ? 25  THR A OG1 1 
ATOM   178  C  CG2 . THR A 1 45  ? 7.557   16.185  -3.794  1.00 16.41 ? 25  THR A CG2 1 
ATOM   179  N  N   . PHE A 1 46  ? 6.271   12.801  -6.972  1.00 20.38 ? 26  PHE A N   1 
ATOM   180  C  CA  . PHE A 1 46  ? 6.382   11.505  -7.650  1.00 18.83 ? 26  PHE A CA  1 
ATOM   181  C  C   . PHE A 1 46  ? 6.498   11.590  -9.169  1.00 18.29 ? 26  PHE A C   1 
ATOM   182  O  O   . PHE A 1 46  ? 6.620   10.568  -9.790  1.00 18.74 ? 26  PHE A O   1 
ATOM   183  C  CB  . PHE A 1 46  ? 5.219   10.585  -7.309  1.00 20.89 ? 26  PHE A CB  1 
ATOM   184  C  CG  . PHE A 1 46  ? 5.023   10.336  -5.843  1.00 16.81 ? 26  PHE A CG  1 
ATOM   185  C  CD1 . PHE A 1 46  ? 6.008   10.625  -4.912  1.00 18.26 ? 26  PHE A CD1 1 
ATOM   186  C  CD2 . PHE A 1 46  ? 3.835   9.766   -5.393  1.00 20.97 ? 26  PHE A CD2 1 
ATOM   187  C  CE1 . PHE A 1 46  ? 5.788   10.417  -3.566  1.00 16.03 ? 26  PHE A CE1 1 
ATOM   188  C  CE2 . PHE A 1 46  ? 3.634   9.520   -4.062  1.00 21.05 ? 26  PHE A CE2 1 
ATOM   189  C  CZ  . PHE A 1 46  ? 4.621   9.851   -3.136  1.00 15.36 ? 26  PHE A CZ  1 
ATOM   190  N  N   . ARG A 1 47  ? 6.491   12.790  -9.762  1.00 20.83 ? 27  ARG A N   1 
ATOM   191  C  CA  . ARG A 1 47  ? 6.526   12.919  -11.231 1.00 19.69 ? 27  ARG A CA  1 
ATOM   192  C  C   . ARG A 1 47  ? 7.834   12.380  -11.790 1.00 19.02 ? 27  ARG A C   1 
ATOM   193  O  O   . ARG A 1 47  ? 8.895   12.689  -11.295 1.00 20.14 ? 27  ARG A O   1 
ATOM   194  C  CB  . ARG A 1 47  ? 6.322   14.374  -11.661 1.00 15.67 ? 27  ARG A CB  1 
ATOM   195  C  CG  . ARG A 1 47  ? 4.948   14.884  -11.372 1.00 15.92 ? 27  ARG A CG  1 
ATOM   196  C  CD  . ARG A 1 47  ? 4.848   16.340  -11.563 1.00 16.46 ? 27  ARG A CD  1 
ATOM   197  N  NE  . ARG A 1 47  ? 3.516   16.832  -11.277 1.00 17.20 ? 27  ARG A NE  1 
ATOM   198  C  CZ  . ARG A 1 47  ? 2.529   16.886  -12.159 1.00 22.14 ? 27  ARG A CZ  1 
ATOM   199  N  NH1 . ARG A 1 47  ? 2.702   16.456  -13.396 1.00 23.68 ? 27  ARG A NH1 1 
ATOM   200  N  NH2 . ARG A 1 47  ? 1.353   17.370  -11.808 1.00 22.34 ? 27  ARG A NH2 1 
ATOM   201  N  N   . GLY A 1 48  ? 7.736   11.521  -12.795 1.00 19.85 ? 28  GLY A N   1 
ATOM   202  C  CA  . GLY A 1 48  ? 8.904   10.895  -13.358 1.00 20.48 ? 28  GLY A CA  1 
ATOM   203  C  C   . GLY A 1 48  ? 9.371   9.681   -12.585 1.00 20.42 ? 28  GLY A C   1 
ATOM   204  O  O   . GLY A 1 48  ? 10.365  9.071   -12.952 1.00 21.51 ? 28  GLY A O   1 
ATOM   205  N  N   . ARG A 1 49  ? 8.668   9.325   -11.516 1.00 22.46 ? 29  ARG A N   1 
ATOM   206  C  CA  A ARG A 1 49  ? 9.018   8.145   -10.725 0.50 19.43 ? 29  ARG A CA  1 
ATOM   207  C  CA  B ARG A 1 49  ? 9.002   8.150   -10.698 0.50 22.18 ? 29  ARG A CA  1 
ATOM   208  C  C   . ARG A 1 49  ? 7.878   7.143   -10.786 1.00 20.82 ? 29  ARG A C   1 
ATOM   209  O  O   . ARG A 1 49  ? 6.722   7.525   -10.822 1.00 23.68 ? 29  ARG A O   1 
ATOM   210  C  CB  A ARG A 1 49  ? 9.339   8.533   -9.272  0.50 17.94 ? 29  ARG A CB  1 
ATOM   211  C  CB  B ARG A 1 49  ? 9.202   8.515   -9.218  0.50 21.64 ? 29  ARG A CB  1 
ATOM   212  C  CG  A ARG A 1 49  ? 10.502  9.509   -9.136  0.50 16.72 ? 29  ARG A CG  1 
ATOM   213  C  CG  B ARG A 1 49  ? 10.451  9.316   -8.901  0.50 23.30 ? 29  ARG A CG  1 
ATOM   214  C  CD  A ARG A 1 49  ? 10.714  10.002  -7.702  0.50 11.69 ? 29  ARG A CD  1 
ATOM   215  C  CD  B ARG A 1 49  ? 11.219  8.743   -7.699  0.50 29.17 ? 29  ARG A CD  1 
ATOM   216  N  NE  A ARG A 1 49  ? 12.069  10.519  -7.504  0.50 24.88 ? 29  ARG A NE  1 
ATOM   217  N  NE  B ARG A 1 49  ? 11.127  9.513   -6.462  0.50 23.40 ? 29  ARG A NE  1 
ATOM   218  C  CZ  A ARG A 1 49  ? 12.666  10.704  -6.318  0.50 24.44 ? 29  ARG A CZ  1 
ATOM   219  C  CZ  B ARG A 1 49  ? 11.742  9.188   -5.311  0.50 30.74 ? 29  ARG A CZ  1 
ATOM   220  N  NH1 A ARG A 1 49  ? 12.043  10.430  -5.173  0.50 25.49 ? 29  ARG A NH1 1 
ATOM   221  N  NH1 B ARG A 1 49  ? 12.477  8.072   -5.193  0.50 11.24 ? 29  ARG A NH1 1 
ATOM   222  N  NH2 A ARG A 1 49  ? 13.898  11.165  -6.269  0.50 23.22 ? 29  ARG A NH2 1 
ATOM   223  N  NH2 B ARG A 1 49  ? 11.584  9.971   -4.240  0.50 23.82 ? 29  ARG A NH2 1 
ATOM   224  N  N   . ALA A 1 50  ? 8.236   5.858   -10.841 1.00 20.94 ? 30  ALA A N   1 
ATOM   225  C  CA  . ALA A 1 50  ? 7.314   4.785   -10.579 1.00 20.10 ? 30  ALA A CA  1 
ATOM   226  C  C   . ALA A 1 50  ? 6.999   4.806   -9.058  1.00 20.76 ? 30  ALA A C   1 
ATOM   227  O  O   . ALA A 1 50  ? 7.875   5.166   -8.224  1.00 18.21 ? 30  ALA A O   1 
ATOM   228  C  CB  . ALA A 1 50  ? 7.900   3.425   -10.991 1.00 13.22 ? 30  ALA A CB  1 
ATOM   229  N  N   . VAL A 1 51  ? 5.758   4.428   -8.723  1.00 21.57 ? 31  VAL A N   1 
ATOM   230  C  CA  . VAL A 1 51  ? 5.275   4.407   -7.336  1.00 21.42 ? 31  VAL A CA  1 
ATOM   231  C  C   . VAL A 1 51  ? 4.632   3.056   -7.037  1.00 20.54 ? 31  VAL A C   1 
ATOM   232  O  O   . VAL A 1 51  ? 3.791   2.551   -7.808  1.00 19.47 ? 31  VAL A O   1 
ATOM   233  C  CB  . VAL A 1 51  ? 4.297   5.587   -6.997  1.00 21.24 ? 31  VAL A CB  1 
ATOM   234  C  CG1 . VAL A 1 51  ? 3.911   5.616   -5.478  1.00 14.47 ? 31  VAL A CG1 1 
ATOM   235  C  CG2 . VAL A 1 51  ? 4.903   6.928   -7.400  1.00 16.99 ? 31  VAL A CG2 1 
ATOM   236  N  N   . LEU A 1 52  ? 5.093   2.444   -5.941  1.00 18.13 ? 32  LEU A N   1 
ATOM   237  C  CA  . LEU A 1 52  ? 4.506   1.236   -5.396  1.00 18.39 ? 32  LEU A CA  1 
ATOM   238  C  C   . LEU A 1 52  ? 3.775   1.621   -4.084  1.00 17.98 ? 32  LEU A C   1 
ATOM   239  O  O   . LEU A 1 52  ? 4.384   2.132   -3.151  1.00 17.01 ? 32  LEU A O   1 
ATOM   240  C  CB  . LEU A 1 52  ? 5.567   0.159   -5.160  1.00 21.52 ? 32  LEU A CB  1 
ATOM   241  C  CG  . LEU A 1 52  ? 5.012   -1.182  -4.635  1.00 24.64 ? 32  LEU A CG  1 
ATOM   242  C  CD1 . LEU A 1 52  ? 3.932   -1.742  -5.606  1.00 19.21 ? 32  LEU A CD1 1 
ATOM   243  C  CD2 . LEU A 1 52  ? 6.156   -2.199  -4.337  1.00 20.61 ? 32  LEU A CD2 1 
ATOM   244  N  N   . ILE A 1 53  ? 2.461   1.448   -4.079  1.00 19.87 ? 33  ILE A N   1 
ATOM   245  C  CA  . ILE A 1 53  ? 1.649   1.677   -2.881  1.00 21.62 ? 33  ILE A CA  1 
ATOM   246  C  C   . ILE A 1 53  ? 1.092   0.335   -2.408  1.00 21.92 ? 33  ILE A C   1 
ATOM   247  O  O   . ILE A 1 53  ? 0.533   -0.403  -3.188  1.00 19.22 ? 33  ILE A O   1 
ATOM   248  C  CB  . ILE A 1 53  ? 0.517   2.718   -3.136  1.00 20.54 ? 33  ILE A CB  1 
ATOM   249  C  CG1 . ILE A 1 53  ? 1.145   4.106   -3.383  1.00 19.39 ? 33  ILE A CG1 1 
ATOM   250  C  CG2 . ILE A 1 53  ? -0.555  2.728   -1.954  1.00 15.73 ? 33  ILE A CG2 1 
ATOM   251  C  CD1 . ILE A 1 53  ? 0.197   5.211   -3.899  1.00 19.73 ? 33  ILE A CD1 1 
ATOM   252  N  N   . GLU A 1 54  ? 1.338   0.005   -1.134  1.00 22.48 ? 34  GLU A N   1 
ATOM   253  C  CA  . GLU A 1 54  ? 0.715   -1.143  -0.479  1.00 22.56 ? 34  GLU A CA  1 
ATOM   254  C  C   . GLU A 1 54  ? -0.020  -0.679  0.783   1.00 21.20 ? 34  GLU A C   1 
ATOM   255  O  O   . GLU A 1 54  ? 0.451   0.197   1.470   1.00 24.64 ? 34  GLU A O   1 
ATOM   256  C  CB  . GLU A 1 54  ? 1.763   -2.205  -0.083  1.00 22.57 ? 34  GLU A CB  1 
ATOM   257  C  CG  . GLU A 1 54  ? 2.591   -2.751  -1.218  1.00 26.29 ? 34  GLU A CG  1 
ATOM   258  C  CD  . GLU A 1 54  ? 3.212   -4.100  -0.928  1.00 22.10 ? 34  GLU A CD  1 
ATOM   259  O  OE1 . GLU A 1 54  ? 2.910   -4.716  0.097   1.00 27.09 ? 34  GLU A OE1 1 
ATOM   260  O  OE2 . GLU A 1 54  ? 3.982   -4.572  -1.767  1.00 26.39 ? 34  GLU A OE2 1 
ATOM   261  N  N   . ASN A 1 55  ? -1.166  -1.272  1.075   1.00 20.45 ? 35  ASN A N   1 
ATOM   262  C  CA  . ASN A 1 55  ? -1.723  -1.250  2.433   1.00 17.37 ? 35  ASN A CA  1 
ATOM   263  C  C   . ASN A 1 55  ? -1.002  -2.308  3.240   1.00 16.22 ? 35  ASN A C   1 
ATOM   264  O  O   . ASN A 1 55  ? -0.844  -3.447  2.786   1.00 19.99 ? 35  ASN A O   1 
ATOM   265  C  CB  . ASN A 1 55  ? -3.263  -1.445  2.489   1.00 20.20 ? 35  ASN A CB  1 
ATOM   266  C  CG  . ASN A 1 55  ? -3.721  -2.791  1.923   1.00 18.58 ? 35  ASN A CG  1 
ATOM   267  O  OD1 . ASN A 1 55  ? -3.475  -3.101  0.757   1.00 22.10 ? 35  ASN A OD1 1 
ATOM   268  N  ND2 . ASN A 1 55  ? -4.389  -3.592  2.759   1.00 14.67 ? 35  ASN A ND2 1 
ATOM   269  N  N   . VAL A 1 56  ? -0.556  -1.921  4.427   1.00 19.02 ? 36  VAL A N   1 
ATOM   270  C  CA  . VAL A 1 56  ? 0.327   -2.762  5.232   1.00 20.41 ? 36  VAL A CA  1 
ATOM   271  C  C   . VAL A 1 56  ? -0.266  -2.987  6.624   1.00 23.71 ? 36  VAL A C   1 
ATOM   272  O  O   . VAL A 1 56  ? -1.166  -2.279  7.069   1.00 21.76 ? 36  VAL A O   1 
ATOM   273  C  CB  . VAL A 1 56  ? 1.786   -2.184  5.310   1.00 19.23 ? 36  VAL A CB  1 
ATOM   274  C  CG1 . VAL A 1 56  ? 2.356   -1.991  3.927   1.00 16.25 ? 36  VAL A CG1 1 
ATOM   275  C  CG2 . VAL A 1 56  ? 1.873   -0.888  6.154   1.00 16.89 ? 36  VAL A CG2 1 
ATOM   276  N  N   . ALA A 1 57  ? 0.215   -4.013  7.293   1.00 24.38 ? 37  ALA A N   1 
ATOM   277  C  CA  . ALA A 1 57  ? -0.164  -4.234  8.664   1.00 27.63 ? 37  ALA A CA  1 
ATOM   278  C  C   . ALA A 1 57  ? 1.053   -4.772  9.414   1.00 30.32 ? 37  ALA A C   1 
ATOM   279  O  O   . ALA A 1 57  ? 1.777   -5.604  8.897   1.00 28.11 ? 37  ALA A O   1 
ATOM   280  C  CB  . ALA A 1 57  ? -1.360  -5.184  8.739   1.00 22.35 ? 37  ALA A CB  1 
ATOM   281  N  N   . SER A 1 58  ? 1.279   -4.272  10.627  1.00 40.15 ? 38  SER A N   1 
ATOM   282  C  CA  . SER A 1 58  ? 2.448   -4.665  11.462  1.00 46.36 ? 38  SER A CA  1 
ATOM   283  C  C   . SER A 1 58  ? 2.398   -6.101  12.031  1.00 49.97 ? 38  SER A C   1 
ATOM   284  O  O   . SER A 1 58  ? 3.446   -6.715  12.259  1.00 49.81 ? 38  SER A O   1 
ATOM   285  C  CB  . SER A 1 58  ? 2.621   -3.686  12.643  1.00 44.94 ? 38  SER A CB  1 
ATOM   286  O  OG  . SER A 1 58  ? 3.015   -2.405  12.198  1.00 54.97 ? 38  SER A OG  1 
ATOM   287  N  N   . LEU A 1 59  ? 1.202   -6.615  12.307  1.00 51.84 ? 39  LEU A N   1 
ATOM   288  C  CA  . LEU A 1 59  ? 1.075   -7.938  12.912  1.00 55.27 ? 39  LEU A CA  1 
ATOM   289  C  C   . LEU A 1 59  ? 0.237   -8.875  12.031  1.00 57.92 ? 39  LEU A C   1 
ATOM   290  O  O   . LEU A 1 59  ? -0.689  -9.548  12.516  1.00 58.31 ? 39  LEU A O   1 
ATOM   291  C  CB  . LEU A 1 59  ? 0.535   -7.821  14.350  1.00 56.69 ? 39  LEU A CB  1 
ATOM   292  C  CG  . LEU A 1 59  ? 1.579   -7.551  15.456  1.00 59.67 ? 39  LEU A CG  1 
ATOM   293  C  CD1 . LEU A 1 59  ? 0.903   -6.820  16.650  1.00 56.53 ? 39  LEU A CD1 1 
ATOM   294  C  CD2 . LEU A 1 59  ? 2.355   -8.843  15.939  1.00 44.74 ? 39  LEU A CD2 1 
ATOM   295  N  N   . CYS A 1 60  ? 0.611   -8.925  10.741  1.00 61.31 ? 40  CYS A N   1 
ATOM   296  C  CA  . CYS A 1 60  ? 0.059   -9.871  9.747   1.00 63.72 ? 40  CYS A CA  1 
ATOM   297  C  C   . CYS A 1 60  ? 0.996   -11.097 9.550   1.00 65.77 ? 40  CYS A C   1 
ATOM   298  O  O   . CYS A 1 60  ? 2.188   -11.040 9.869   1.00 66.89 ? 40  CYS A O   1 
ATOM   299  C  CB  . CYS A 1 60  ? -0.200  -9.131  8.406   1.00 62.63 ? 40  CYS A CB  1 
ATOM   300  S  SG  . CYS A 1 60  ? -1.081  -10.045 7.023   1.00 63.91 ? 40  CYS A SG  1 
ATOM   301  N  N   . GLY A 1 61  ? 0.451   -12.204 9.043   1.00 67.37 ? 41  GLY A N   1 
ATOM   302  C  CA  . GLY A 1 61  ? 1.256   -13.384 8.660   1.00 68.16 ? 41  GLY A CA  1 
ATOM   303  C  C   . GLY A 1 61  ? 2.344   -13.114 7.607   1.00 68.22 ? 41  GLY A C   1 
ATOM   304  O  O   . GLY A 1 61  ? 3.419   -13.740 7.643   1.00 67.53 ? 41  GLY A O   1 
ATOM   305  N  N   . THR A 1 62  ? 2.063   -12.197 6.668   1.00 66.47 ? 42  THR A N   1 
ATOM   306  C  CA  . THR A 1 62  ? 3.053   -11.768 5.656   1.00 64.26 ? 42  THR A CA  1 
ATOM   307  C  C   . THR A 1 62  ? 3.727   -10.412 5.977   1.00 59.21 ? 42  THR A C   1 
ATOM   308  O  O   . THR A 1 62  ? 4.317   -9.794  5.081   1.00 59.44 ? 42  THR A O   1 
ATOM   309  C  CB  . THR A 1 62  ? 2.454   -11.712 4.204   1.00 65.78 ? 42  THR A CB  1 
ATOM   310  O  OG1 . THR A 1 62  ? 1.488   -10.654 4.098   1.00 67.84 ? 42  THR A OG1 1 
ATOM   311  C  CG2 . THR A 1 62  ? 1.816   -13.045 3.802   1.00 65.62 ? 42  THR A CG2 1 
ATOM   312  N  N   . THR A 1 63  ? 3.662   -9.964  7.237   1.00 52.40 ? 43  THR A N   1 
ATOM   313  C  CA  . THR A 1 63  ? 4.389   -8.749  7.677   1.00 52.83 ? 43  THR A CA  1 
ATOM   314  C  C   . THR A 1 63  ? 5.910   -8.832  7.385   1.00 51.16 ? 43  THR A C   1 
ATOM   315  O  O   . THR A 1 63  ? 6.449   -8.009  6.633   1.00 47.10 ? 43  THR A O   1 
ATOM   316  C  CB  . THR A 1 63  ? 4.150   -8.408  9.205   1.00 54.24 ? 43  THR A CB  1 
ATOM   317  O  OG1 . THR A 1 63  ? 2.785   -7.982  9.410   1.00 45.95 ? 43  THR A OG1 1 
ATOM   318  C  CG2 . THR A 1 63  ? 5.132   -7.301  9.707   1.00 49.58 ? 43  THR A CG2 1 
ATOM   319  N  N   . THR A 1 64  ? 6.593   -9.825  7.959   1.00 48.83 ? 44  THR A N   1 
ATOM   320  C  CA  . THR A 1 64  ? 8.052   -9.899  7.826   1.00 46.58 ? 44  THR A CA  1 
ATOM   321  C  C   . THR A 1 64  ? 8.483   -9.915  6.350   1.00 43.88 ? 44  THR A C   1 
ATOM   322  O  O   . THR A 1 64  ? 9.393   -9.167  5.989   1.00 39.39 ? 44  THR A O   1 
ATOM   323  C  CB  . THR A 1 64  ? 8.650   -11.082 8.624   1.00 44.21 ? 44  THR A CB  1 
ATOM   324  O  OG1 . THR A 1 64  ? 8.336   -10.899 10.006  1.00 44.70 ? 44  THR A OG1 1 
ATOM   325  C  CG2 . THR A 1 64  ? 10.189  -11.170 8.454   1.00 40.88 ? 44  THR A CG2 1 
ATOM   326  N  N   . ARG A 1 65  ? 7.799   -10.727 5.521   1.00 40.83 ? 45  ARG A N   1 
ATOM   327  C  CA  . ARG A 1 65  ? 8.173   -10.927 4.109   1.00 36.91 ? 45  ARG A CA  1 
ATOM   328  C  C   . ARG A 1 65  ? 7.948   -9.675  3.302   1.00 32.76 ? 45  ARG A C   1 
ATOM   329  O  O   . ARG A 1 65  ? 8.833   -9.244  2.560   1.00 27.84 ? 45  ARG A O   1 
ATOM   330  C  CB  . ARG A 1 65  ? 7.368   -12.059 3.473   1.00 37.23 ? 45  ARG A CB  1 
ATOM   331  C  CG  . ARG A 1 65  ? 7.977   -12.584 2.187   1.00 38.98 ? 45  ARG A CG  1 
ATOM   332  N  N   . ASP A 1 66  ? 6.766   -9.078  3.440   1.00 29.52 ? 46  ASP A N   1 
ATOM   333  C  CA  . ASP A 1 66  ? 6.458   -7.900  2.648   1.00 29.18 ? 46  ASP A CA  1 
ATOM   334  C  C   . ASP A 1 66  ? 7.294   -6.698  3.070   1.00 28.05 ? 46  ASP A C   1 
ATOM   335  O  O   . ASP A 1 66  ? 7.748   -5.952  2.202   1.00 24.53 ? 46  ASP A O   1 
ATOM   336  C  CB  . ASP A 1 66  ? 4.977   -7.597  2.656   1.00 35.09 ? 46  ASP A CB  1 
ATOM   337  C  CG  . ASP A 1 66  ? 4.184   -8.531  1.722   1.00 31.53 ? 46  ASP A CG  1 
ATOM   338  O  OD1 . ASP A 1 66  ? 4.378   -8.486  0.478   1.00 42.05 ? 46  ASP A OD1 1 
ATOM   339  O  OD2 . ASP A 1 66  ? 3.379   -9.314  2.250   1.00 44.44 ? 46  ASP A OD2 1 
ATOM   340  N  N   . PHE A 1 67  ? 7.527   -6.538  4.382   1.00 24.59 ? 47  PHE A N   1 
ATOM   341  C  CA  . PHE A 1 67  ? 8.334   -5.448  4.893   1.00 24.84 ? 47  PHE A CA  1 
ATOM   342  C  C   . PHE A 1 67  ? 9.801   -5.533  4.452   1.00 23.84 ? 47  PHE A C   1 
ATOM   343  O  O   . PHE A 1 67  ? 10.408  -4.514  4.142   1.00 25.62 ? 47  PHE A O   1 
ATOM   344  C  CB  . PHE A 1 67  ? 8.175   -5.287  6.430   1.00 24.96 ? 47  PHE A CB  1 
ATOM   345  C  CG  . PHE A 1 67  ? 6.992   -4.391  6.829   1.00 22.69 ? 47  PHE A CG  1 
ATOM   346  C  CD1 . PHE A 1 67  ? 7.099   -3.015  6.785   1.00 33.54 ? 47  PHE A CD1 1 
ATOM   347  C  CD2 . PHE A 1 67  ? 5.798   -4.938  7.262   1.00 32.64 ? 47  PHE A CD2 1 
ATOM   348  C  CE1 . PHE A 1 67  ? 6.044   -2.211  7.157   1.00 30.50 ? 47  PHE A CE1 1 
ATOM   349  C  CE2 . PHE A 1 67  ? 4.739   -4.141  7.619   1.00 26.77 ? 47  PHE A CE2 1 
ATOM   350  C  CZ  . PHE A 1 67  ? 4.850   -2.789  7.557   1.00 27.39 ? 47  PHE A CZ  1 
ATOM   351  N  N   . THR A 1 68  ? 10.346  -6.743  4.428   1.00 23.74 ? 48  THR A N   1 
ATOM   352  C  CA  . THR A 1 68  ? 11.691  -7.006  3.922   1.00 25.97 ? 48  THR A CA  1 
ATOM   353  C  C   . THR A 1 68  ? 11.794  -6.748  2.425   1.00 24.46 ? 48  THR A C   1 
ATOM   354  O  O   . THR A 1 68  ? 12.791  -6.196  1.950   1.00 27.74 ? 48  THR A O   1 
ATOM   355  C  CB  . THR A 1 68  ? 12.108  -8.483  4.191   1.00 28.97 ? 48  THR A CB  1 
ATOM   356  O  OG1 . THR A 1 68  ? 12.150  -8.712  5.605   1.00 42.99 ? 48  THR A OG1 1 
ATOM   357  C  CG2 . THR A 1 68  ? 13.491  -8.782  3.608   1.00 41.90 ? 48  THR A CG2 1 
ATOM   358  N  N   . GLN A 1 69  ? 10.760  -7.152  1.693   1.00 22.02 ? 49  GLN A N   1 
ATOM   359  C  CA  . GLN A 1 69  ? 10.733  -7.043  0.250   1.00 22.44 ? 49  GLN A CA  1 
ATOM   360  C  C   . GLN A 1 69  ? 10.461  -5.597  -0.166  1.00 22.05 ? 49  GLN A C   1 
ATOM   361  O  O   . GLN A 1 69  ? 11.007  -5.142  -1.168  1.00 19.26 ? 49  GLN A O   1 
ATOM   362  C  CB  . GLN A 1 69  ? 9.739   -8.047  -0.364  1.00 20.46 ? 49  GLN A CB  1 
ATOM   363  C  CG  . GLN A 1 69  ? 10.191  -9.505  -0.249  1.00 23.43 ? 49  GLN A CG  1 
ATOM   364  C  CD  . GLN A 1 69  ? 9.246   -10.498 -0.885  1.00 25.53 ? 49  GLN A CD  1 
ATOM   365  O  OE1 . GLN A 1 69  ? 8.219   -10.137 -1.455  1.00 25.51 ? 49  GLN A OE1 1 
ATOM   366  N  NE2 . GLN A 1 69  ? 9.602   -11.772 -0.805  1.00 27.88 ? 49  GLN A NE2 1 
ATOM   367  N  N   . LEU A 1 70  ? 9.670   -4.855  0.622   1.00 22.20 ? 50  LEU A N   1 
ATOM   368  C  CA  . LEU A 1 70  ? 9.468   -3.426  0.352   1.00 20.09 ? 50  LEU A CA  1 
ATOM   369  C  C   . LEU A 1 70  ? 10.779  -2.645  0.530   1.00 18.69 ? 50  LEU A C   1 
ATOM   370  O  O   . LEU A 1 70  ? 11.094  -1.759  -0.257  1.00 19.52 ? 50  LEU A O   1 
ATOM   371  C  CB  . LEU A 1 70  ? 8.345   -2.829  1.220   1.00 19.04 ? 50  LEU A CB  1 
ATOM   372  C  CG  . LEU A 1 70  ? 6.921   -3.302  0.907   1.00 24.88 ? 50  LEU A CG  1 
ATOM   373  C  CD1 . LEU A 1 70  ? 5.969   -3.033  2.095   1.00 25.71 ? 50  LEU A CD1 1 
ATOM   374  C  CD2 . LEU A 1 70  ? 6.457   -2.625  -0.379  1.00 23.71 ? 50  LEU A CD2 1 
ATOM   375  N  N   . ASN A 1 71  ? 11.533  -2.963  1.575   1.00 17.15 ? 51  ASN A N   1 
ATOM   376  C  CA  . ASN A 1 71  ? 12.831  -2.358  1.747   1.00 17.22 ? 51  ASN A CA  1 
ATOM   377  C  C   . ASN A 1 71  ? 13.769  -2.662  0.569   1.00 21.43 ? 51  ASN A C   1 
ATOM   378  O  O   . ASN A 1 71  ? 14.469  -1.773  0.076   1.00 19.73 ? 51  ASN A O   1 
ATOM   379  C  CB  . ASN A 1 71  ? 13.516  -2.830  3.042   1.00 18.79 ? 51  ASN A CB  1 
ATOM   380  C  CG  . ASN A 1 71  ? 13.083  -2.043  4.278   1.00 21.59 ? 51  ASN A CG  1 
ATOM   381  O  OD1 . ASN A 1 71  ? 12.149  -1.252  4.246   1.00 26.81 ? 51  ASN A OD1 1 
ATOM   382  N  ND2 . ASN A 1 71  ? 13.805  -2.229  5.353   1.00 20.62 ? 51  ASN A ND2 1 
ATOM   383  N  N   . GLU A 1 72  ? 13.813  -3.927  0.164   1.00 19.21 ? 52  GLU A N   1 
ATOM   384  C  CA  . GLU A 1 72  ? 14.688  -4.346  -0.906  1.00 19.18 ? 52  GLU A CA  1 
ATOM   385  C  C   . GLU A 1 72  ? 14.384  -3.589  -2.214  1.00 20.33 ? 52  GLU A C   1 
ATOM   386  O  O   . GLU A 1 72  ? 15.287  -3.031  -2.834  1.00 20.88 ? 52  GLU A O   1 
ATOM   387  C  CB  . GLU A 1 72  ? 14.580  -5.840  -1.107  1.00 22.35 ? 52  GLU A CB  1 
ATOM   388  C  CG  . GLU A 1 72  ? 15.656  -6.376  -2.025  1.00 30.01 ? 52  GLU A CG  1 
ATOM   389  C  CD  . GLU A 1 72  ? 15.787  -7.881  -1.926  1.00 42.90 ? 52  GLU A CD  1 
ATOM   390  O  OE1 . GLU A 1 72  ? 14.802  -8.588  -2.245  1.00 55.31 ? 52  GLU A OE1 1 
ATOM   391  O  OE2 . GLU A 1 72  ? 16.867  -8.355  -1.512  1.00 42.09 ? 52  GLU A OE2 1 
ATOM   392  N  N   . LEU A 1 73  ? 13.114  -3.534  -2.601  1.00 20.28 ? 53  LEU A N   1 
ATOM   393  C  CA  . LEU A 1 73  ? 12.734  -2.794  -3.767  1.00 19.87 ? 53  LEU A CA  1 
ATOM   394  C  C   . LEU A 1 73  ? 13.104  -1.337  -3.703  1.00 21.09 ? 53  LEU A C   1 
ATOM   395  O  O   . LEU A 1 73  ? 13.551  -0.798  -4.696  1.00 21.50 ? 53  LEU A O   1 
ATOM   396  C  CB  . LEU A 1 73  ? 11.236  -2.926  -4.070  1.00 22.36 ? 53  LEU A CB  1 
ATOM   397  C  CG  . LEU A 1 73  ? 10.692  -4.205  -4.716  1.00 28.92 ? 53  LEU A CG  1 
ATOM   398  C  CD1 . LEU A 1 73  ? 9.195   -4.044  -4.800  1.00 22.28 ? 53  LEU A CD1 1 
ATOM   399  C  CD2 . LEU A 1 73  ? 11.296  -4.565  -6.105  1.00 23.86 ? 53  LEU A CD2 1 
ATOM   400  N  N   . GLN A 1 74  ? 12.886  -0.674  -2.565  1.00 20.04 ? 54  GLN A N   1 
ATOM   401  C  CA  . GLN A 1 74  ? 13.207  0.752   -2.460  1.00 23.12 ? 54  GLN A CA  1 
ATOM   402  C  C   . GLN A 1 74  ? 14.716  0.984   -2.589  1.00 22.64 ? 54  GLN A C   1 
ATOM   403  O  O   . GLN A 1 74  ? 15.142  1.973   -3.210  1.00 22.45 ? 54  GLN A O   1 
ATOM   404  C  CB  . GLN A 1 74  ? 12.703  1.364   -1.141  1.00 18.62 ? 54  GLN A CB  1 
ATOM   405  C  CG  . GLN A 1 74  ? 12.947  2.869   -1.031  1.00 24.84 ? 54  GLN A CG  1 
ATOM   406  C  CD  . GLN A 1 74  ? 12.151  3.675   -2.082  1.00 22.65 ? 54  GLN A CD  1 
ATOM   407  O  OE1 . GLN A 1 74  ? 11.041  4.096   -1.807  1.00 21.04 ? 54  GLN A OE1 1 
ATOM   408  N  NE2 . GLN A 1 74  ? 12.706  3.849   -3.282  1.00 26.01 ? 54  GLN A NE2 1 
ATOM   409  N  N   . CYS A 1 75  ? 15.507  0.100   -1.984  1.00 19.71 ? 55  CYS A N   1 
ATOM   410  C  CA  . CYS A 1 75  ? 16.985  0.178   -2.055  1.00 19.15 ? 55  CYS A CA  1 
ATOM   411  C  C   . CYS A 1 75  ? 17.539  -0.126  -3.451  1.00 17.98 ? 55  CYS A C   1 
ATOM   412  O  O   . CYS A 1 75  ? 18.557  0.438   -3.842  1.00 16.27 ? 55  CYS A O   1 
ATOM   413  C  CB  . CYS A 1 75  ? 17.627  -0.739  -1.012  1.00 20.48 ? 55  CYS A CB  1 
ATOM   414  S  SG  . CYS A 1 75  ? 17.310  -0.177  0.640   1.00 29.63 ? 55  CYS A SG  1 
ATOM   415  N  N   . ARG A 1 76  ? 16.852  -0.989  -4.199  1.00 17.48 ? 56  ARG A N   1 
ATOM   416  C  CA  . ARG A 1 76  ? 17.200  -1.279  -5.600  1.00 17.02 ? 56  ARG A CA  1 
ATOM   417  C  C   . ARG A 1 76  ? 16.940  -0.146  -6.579  1.00 19.78 ? 56  ARG A C   1 
ATOM   418  O  O   . ARG A 1 76  ? 17.666  -0.002  -7.580  1.00 18.74 ? 56  ARG A O   1 
ATOM   419  C  CB  . ARG A 1 76  ? 16.440  -2.490  -6.092  1.00 14.82 ? 56  ARG A CB  1 
ATOM   420  C  CG  . ARG A 1 76  ? 16.907  -3.748  -5.497  1.00 18.42 ? 56  ARG A CG  1 
ATOM   421  C  CD  . ARG A 1 76  ? 16.242  -4.936  -6.132  1.00 20.65 ? 56  ARG A CD  1 
ATOM   422  N  NE  . ARG A 1 76  ? 16.691  -6.155  -5.477  1.00 22.04 ? 56  ARG A NE  1 
ATOM   423  C  CZ  . ARG A 1 76  ? 16.126  -7.349  -5.631  1.00 29.97 ? 56  ARG A CZ  1 
ATOM   424  N  NH1 . ARG A 1 76  ? 15.092  -7.492  -6.441  1.00 31.07 ? 56  ARG A NH1 1 
ATOM   425  N  NH2 . ARG A 1 76  ? 16.620  -8.403  -4.986  1.00 24.28 ? 56  ARG A NH2 1 
ATOM   426  N  N   . PHE A 1 77  ? 15.882  0.617   -6.317  1.00 20.15 ? 57  PHE A N   1 
ATOM   427  C  CA  . PHE A 1 77  ? 15.524  1.775   -7.129  1.00 19.84 ? 57  PHE A CA  1 
ATOM   428  C  C   . PHE A 1 77  ? 15.410  3.042   -6.256  1.00 21.65 ? 57  PHE A C   1 
ATOM   429  O  O   . PHE A 1 77  ? 14.337  3.636   -6.168  1.00 18.79 ? 57  PHE A O   1 
ATOM   430  C  CB  . PHE A 1 77  ? 14.192  1.513   -7.878  1.00 26.75 ? 57  PHE A CB  1 
ATOM   431  C  CG  . PHE A 1 77  ? 14.202  0.265   -8.730  1.00 25.23 ? 57  PHE A CG  1 
ATOM   432  C  CD1 . PHE A 1 77  ? 13.812  -0.958  -8.196  1.00 16.34 ? 57  PHE A CD1 1 
ATOM   433  C  CD2 . PHE A 1 77  ? 14.629  0.308   -10.040 1.00 20.64 ? 57  PHE A CD2 1 
ATOM   434  C  CE1 . PHE A 1 77  ? 13.880  -2.123  -8.986  1.00 19.62 ? 57  PHE A CE1 1 
ATOM   435  C  CE2 . PHE A 1 77  ? 14.667  -0.833  -10.816 1.00 26.85 ? 57  PHE A CE2 1 
ATOM   436  C  CZ  . PHE A 1 77  ? 14.297  -2.038  -10.298 1.00 17.59 ? 57  PHE A CZ  1 
ATOM   437  N  N   . PRO A 1 78  ? 16.534  3.493   -5.639  1.00 17.89 ? 58  PRO A N   1 
ATOM   438  C  CA  . PRO A 1 78  ? 16.388  4.563   -4.657  1.00 17.30 ? 58  PRO A CA  1 
ATOM   439  C  C   . PRO A 1 78  ? 15.932  5.919   -5.236  1.00 20.74 ? 58  PRO A C   1 
ATOM   440  O  O   . PRO A 1 78  ? 15.348  6.699   -4.510  1.00 23.68 ? 58  PRO A O   1 
ATOM   441  C  CB  . PRO A 1 78  ? 17.786  4.648   -4.036  1.00 16.95 ? 58  PRO A CB  1 
ATOM   442  C  CG  . PRO A 1 78  ? 18.709  4.230   -5.164  1.00 20.22 ? 58  PRO A CG  1 
ATOM   443  C  CD  . PRO A 1 78  ? 17.941  3.089   -5.801  1.00 16.61 ? 58  PRO A CD  1 
ATOM   444  N  N   . ARG A 1 79  ? 16.212  6.193   -6.513  1.00 22.40 ? 59  ARG A N   1 
ATOM   445  C  CA  . ARG A 1 79  ? 15.837  7.438   -7.138  1.00 23.38 ? 59  ARG A CA  1 
ATOM   446  C  C   . ARG A 1 79  ? 14.621  7.321   -8.062  1.00 22.00 ? 59  ARG A C   1 
ATOM   447  O  O   . ARG A 1 79  ? 13.929  8.300   -8.269  1.00 24.07 ? 59  ARG A O   1 
ATOM   448  C  CB  . ARG A 1 79  ? 16.998  8.018   -7.940  1.00 21.07 ? 59  ARG A CB  1 
ATOM   449  C  CG  . ARG A 1 79  ? 18.249  8.339   -7.113  1.00 25.25 ? 59  ARG A CG  1 
ATOM   450  C  CD  . ARG A 1 79  ? 19.260  9.219   -7.936  1.00 31.13 ? 59  ARG A CD  1 
ATOM   451  N  NE  . ARG A 1 79  ? 20.559  9.371   -7.250  1.00 35.59 ? 59  ARG A NE  1 
ATOM   452  C  CZ  . ARG A 1 79  ? 20.839  10.252  -6.274  1.00 44.16 ? 59  ARG A CZ  1 
ATOM   453  N  NH1 . ARG A 1 79  ? 19.925  11.119  -5.822  1.00 42.05 ? 59  ARG A NH1 1 
ATOM   454  N  NH2 . ARG A 1 79  ? 22.062  10.267  -5.735  1.00 45.73 ? 59  ARG A NH2 1 
ATOM   455  N  N   . ARG A 1 80  ? 14.381  6.160   -8.649  1.00 21.47 ? 60  ARG A N   1 
ATOM   456  C  CA  . ARG A 1 80  ? 13.378  6.064   -9.710  1.00 19.94 ? 60  ARG A CA  1 
ATOM   457  C  C   . ARG A 1 80  ? 12.056  5.473   -9.263  1.00 18.10 ? 60  ARG A C   1 
ATOM   458  O  O   . ARG A 1 80  ? 11.118  5.409   -10.061 1.00 18.02 ? 60  ARG A O   1 
ATOM   459  C  CB  . ARG A 1 80  ? 13.930  5.267   -10.887 1.00 14.17 ? 60  ARG A CB  1 
ATOM   460  C  CG  . ARG A 1 80  ? 15.136  5.876   -11.564 1.00 21.58 ? 60  ARG A CG  1 
ATOM   461  C  CD  . ARG A 1 80  ? 15.696  4.922   -12.665 1.00 28.11 ? 60  ARG A CD  1 
ATOM   462  N  NE  . ARG A 1 80  ? 16.369  3.700   -12.148 1.00 30.90 ? 60  ARG A NE  1 
ATOM   463  C  CZ  . ARG A 1 80  ? 16.544  2.557   -12.834 1.00 34.17 ? 60  ARG A CZ  1 
ATOM   464  N  NH1 . ARG A 1 80  ? 16.057  2.426   -14.063 1.00 29.29 ? 60  ARG A NH1 1 
ATOM   465  N  NH2 . ARG A 1 80  ? 17.195  1.523   -12.287 1.00 29.51 ? 60  ARG A NH2 1 
ATOM   466  N  N   . LEU A 1 81  ? 12.010  4.996   -8.017  1.00 19.64 ? 61  LEU A N   1 
ATOM   467  C  CA  . LEU A 1 81  ? 10.844  4.368   -7.438  1.00 20.16 ? 61  LEU A CA  1 
ATOM   468  C  C   . LEU A 1 81  ? 10.561  5.042   -6.099  1.00 18.20 ? 61  LEU A C   1 
ATOM   469  O  O   . LEU A 1 81  ? 11.481  5.416   -5.405  1.00 18.46 ? 61  LEU A O   1 
ATOM   470  C  CB  . LEU A 1 81  ? 11.081  2.872   -7.231  1.00 24.06 ? 61  LEU A CB  1 
ATOM   471  C  CG  . LEU A 1 81  ? 9.970   2.004   -6.618  1.00 22.38 ? 61  LEU A CG  1 
ATOM   472  C  CD1 . LEU A 1 81  ? 8.731   1.887   -7.552  1.00 13.70 ? 61  LEU A CD1 1 
ATOM   473  C  CD2 . LEU A 1 81  ? 10.560  0.633   -6.231  1.00 20.28 ? 61  LEU A CD2 1 
ATOM   474  N  N   . VAL A 1 82  ? 9.280   5.245   -5.804  1.00 19.46 ? 62  VAL A N   1 
ATOM   475  C  CA  . VAL A 1 82  ? 8.827   5.558   -4.462  1.00 17.63 ? 62  VAL A CA  1 
ATOM   476  C  C   . VAL A 1 82  ? 7.997   4.389   -3.990  1.00 18.19 ? 62  VAL A C   1 
ATOM   477  O  O   . VAL A 1 82  ? 7.040   4.018   -4.658  1.00 20.42 ? 62  VAL A O   1 
ATOM   478  C  CB  . VAL A 1 82  ? 7.990   6.864   -4.416  1.00 22.55 ? 62  VAL A CB  1 
ATOM   479  C  CG1 . VAL A 1 82  ? 7.490   7.161   -2.975  1.00 19.18 ? 62  VAL A CG1 1 
ATOM   480  C  CG2 . VAL A 1 82  ? 8.806   8.047   -4.964  1.00 17.45 ? 62  VAL A CG2 1 
ATOM   481  N  N   . VAL A 1 83  ? 8.386   3.792   -2.855  1.00 21.83 ? 63  VAL A N   1 
ATOM   482  C  CA  . VAL A 1 83  ? 7.591   2.774   -2.147  1.00 18.31 ? 63  VAL A CA  1 
ATOM   483  C  C   . VAL A 1 83  ? 6.870   3.456   -0.963  1.00 19.05 ? 63  VAL A C   1 
ATOM   484  O  O   . VAL A 1 83  ? 7.476   4.118   -0.152  1.00 19.86 ? 63  VAL A O   1 
ATOM   485  C  CB  . VAL A 1 83  ? 8.459   1.595   -1.654  1.00 21.80 ? 63  VAL A CB  1 
ATOM   486  C  CG1 . VAL A 1 83  ? 7.604   0.528   -1.002  1.00 22.71 ? 63  VAL A CG1 1 
ATOM   487  C  CG2 . VAL A 1 83  ? 9.272   0.996   -2.790  1.00 18.44 ? 63  VAL A CG2 1 
ATOM   488  N  N   . LEU A 1 84  ? 5.556   3.301   -0.883  1.00 19.19 ? 64  LEU A N   1 
ATOM   489  C  CA  . LEU A 1 84  ? 4.769   3.982   0.122   1.00 23.00 ? 64  LEU A CA  1 
ATOM   490  C  C   . LEU A 1 84  ? 3.841   2.969   0.768   1.00 22.84 ? 64  LEU A C   1 
ATOM   491  O  O   . LEU A 1 84  ? 3.132   2.237   0.065   1.00 22.22 ? 64  LEU A O   1 
ATOM   492  C  CB  . LEU A 1 84  ? 4.016   5.138   -0.581  1.00 28.98 ? 64  LEU A CB  1 
ATOM   493  C  CG  . LEU A 1 84  ? 3.362   6.354   0.074   1.00 36.22 ? 64  LEU A CG  1 
ATOM   494  C  CD1 . LEU A 1 84  ? 4.341   7.187   0.913   1.00 39.18 ? 64  LEU A CD1 1 
ATOM   495  C  CD2 . LEU A 1 84  ? 2.761   7.211   -1.079  1.00 28.50 ? 64  LEU A CD2 1 
ATOM   496  N  N   . GLY A 1 85  ? 3.901   2.854   2.096   1.00 19.77 ? 65  GLY A N   1 
ATOM   497  C  CA  . GLY A 1 85  ? 3.044   1.902   2.823   1.00 18.67 ? 65  GLY A CA  1 
ATOM   498  C  C   . GLY A 1 85  ? 2.002   2.604   3.660   1.00 20.35 ? 65  GLY A C   1 
ATOM   499  O  O   . GLY A 1 85  ? 2.336   3.517   4.409   1.00 21.47 ? 65  GLY A O   1 
ATOM   500  N  N   . PHE A 1 86  ? 0.748   2.170   3.532   1.00 17.30 ? 66  PHE A N   1 
ATOM   501  C  CA  . PHE A 1 86  ? -0.365  2.687   4.269   1.00 15.61 ? 66  PHE A CA  1 
ATOM   502  C  C   . PHE A 1 86  ? -0.825  1.693   5.315   1.00 17.56 ? 66  PHE A C   1 
ATOM   503  O  O   . PHE A 1 86  ? -1.507  0.729   4.983   1.00 18.36 ? 66  PHE A O   1 
ATOM   504  C  CB  . PHE A 1 86  ? -1.539  3.021   3.337   1.00 16.92 ? 66  PHE A CB  1 
ATOM   505  C  CG  . PHE A 1 86  ? -1.308  4.236   2.466   1.00 15.38 ? 66  PHE A CG  1 
ATOM   506  C  CD1 . PHE A 1 86  ? -2.063  5.384   2.640   1.00 24.28 ? 66  PHE A CD1 1 
ATOM   507  C  CD2 . PHE A 1 86  ? -0.385  4.206   1.450   1.00 18.41 ? 66  PHE A CD2 1 
ATOM   508  C  CE1 . PHE A 1 86  ? -1.887  6.493   1.791   1.00 24.23 ? 66  PHE A CE1 1 
ATOM   509  C  CE2 . PHE A 1 86  ? -0.200  5.299   0.601   1.00 23.02 ? 66  PHE A CE2 1 
ATOM   510  C  CZ  . PHE A 1 86  ? -0.939  6.441   0.785   1.00 21.77 ? 66  PHE A CZ  1 
ATOM   511  N  N   . PRO A 1 87  ? -0.455  1.928   6.588   1.00 19.95 ? 67  PRO A N   1 
ATOM   512  C  CA  . PRO A 1 87  ? -0.938  1.035   7.654   1.00 21.19 ? 67  PRO A CA  1 
ATOM   513  C  C   . PRO A 1 87  ? -2.457  1.096   7.733   1.00 20.51 ? 67  PRO A C   1 
ATOM   514  O  O   . PRO A 1 87  ? -3.045  2.155   7.540   1.00 20.72 ? 67  PRO A O   1 
ATOM   515  C  CB  . PRO A 1 87  ? -0.280  1.578   8.914   1.00 18.30 ? 67  PRO A CB  1 
ATOM   516  C  CG  . PRO A 1 87  ? 0.898   2.403   8.451   1.00 20.02 ? 67  PRO A CG  1 
ATOM   517  C  CD  . PRO A 1 87  ? 0.457   2.973   7.108   1.00 21.97 ? 67  PRO A CD  1 
ATOM   518  N  N   . CYS A 1 88  ? -3.089  -0.045  7.981   1.00 24.92 ? 68  CYS A N   1 
ATOM   519  C  CA  . CYS A 1 88  ? -4.547  -0.116  8.011   1.00 20.63 ? 68  CYS A CA  1 
ATOM   520  C  C   . CYS A 1 88  ? -4.973  -1.272  8.923   1.00 22.64 ? 68  CYS A C   1 
ATOM   521  O  O   . CYS A 1 88  ? -4.415  -2.384  8.852   1.00 18.07 ? 68  CYS A O   1 
ATOM   522  C  CB  . CYS A 1 88  ? -5.069  -0.304  6.572   1.00 23.52 ? 68  CYS A CB  1 
ATOM   523  S  SG  . CYS A 1 88  ? -6.886  -0.469  6.440   1.00 22.44 ? 68  CYS A SG  1 
ATOM   524  N  N   . ASN A 1 89  ? -5.991  -1.007  9.746   1.00 22.68 ? 69  ASN A N   1 
ATOM   525  C  CA  . ASN A 1 89  ? -6.516  -1.961  10.732  1.00 21.41 ? 69  ASN A CA  1 
ATOM   526  C  C   . ASN A 1 89  ? -7.837  -2.652  10.306  1.00 22.08 ? 69  ASN A C   1 
ATOM   527  O  O   . ASN A 1 89  ? -8.521  -3.257  11.110  1.00 20.35 ? 69  ASN A O   1 
ATOM   528  C  CB  . ASN A 1 89  ? -6.699  -1.218  12.067  1.00 24.22 ? 69  ASN A CB  1 
ATOM   529  C  CG  . ASN A 1 89  ? -6.749  -2.148  13.236  1.00 34.77 ? 69  ASN A CG  1 
ATOM   530  O  OD1 . ASN A 1 89  ? -6.026  -3.167  13.265  1.00 23.77 ? 69  ASN A OD1 1 
ATOM   531  N  ND2 . ASN A 1 89  ? -7.611  -1.827  14.217  1.00 30.85 ? 69  ASN A ND2 1 
ATOM   532  N  N   . GLN A 1 90  ? -8.193  -2.585  9.025   1.00 23.73 ? 70  GLN A N   1 
ATOM   533  C  CA  . GLN A 1 90  ? -9.475  -3.148  8.575   1.00 21.39 ? 70  GLN A CA  1 
ATOM   534  C  C   . GLN A 1 90  ? -9.507  -4.660  8.291   1.00 18.40 ? 70  GLN A C   1 
ATOM   535  O  O   . GLN A 1 90  ? -10.583 -5.198  8.026   1.00 21.28 ? 70  GLN A O   1 
ATOM   536  C  CB  . GLN A 1 90  ? -9.935  -2.402  7.328   1.00 23.79 ? 70  GLN A CB  1 
ATOM   537  C  CG  . GLN A 1 90  ? -10.362 -0.997  7.648   1.00 22.23 ? 70  GLN A CG  1 
ATOM   538  C  CD  . GLN A 1 90  ? -10.969 -0.304  6.460   1.00 24.85 ? 70  GLN A CD  1 
ATOM   539  O  OE1 . GLN A 1 90  ? -10.341 -0.202  5.411   1.00 23.97 ? 70  GLN A OE1 1 
ATOM   540  N  NE2 . GLN A 1 90  ? -12.205 0.169   6.613   1.00 17.81 ? 70  GLN A NE2 1 
ATOM   541  N  N   . PHE A 1 91  ? -8.345  -5.323  8.336   1.00 21.00 ? 71  PHE A N   1 
ATOM   542  C  CA  . PHE A 1 91  ? -8.192  -6.704  7.893   1.00 21.01 ? 71  PHE A CA  1 
ATOM   543  C  C   . PHE A 1 91  ? -7.687  -7.590  9.017   1.00 24.56 ? 71  PHE A C   1 
ATOM   544  O  O   . PHE A 1 91  ? -6.486  -7.781  9.194   1.00 28.30 ? 71  PHE A O   1 
ATOM   545  C  CB  . PHE A 1 91  ? -7.310  -6.781  6.651   1.00 19.50 ? 71  PHE A CB  1 
ATOM   546  C  CG  . PHE A 1 91  ? -7.715  -5.807  5.580   1.00 23.15 ? 71  PHE A CG  1 
ATOM   547  C  CD1 . PHE A 1 91  ? -8.812  -6.069  4.764   1.00 19.52 ? 71  PHE A CD1 1 
ATOM   548  C  CD2 . PHE A 1 91  ? -7.052  -4.584  5.442   1.00 18.06 ? 71  PHE A CD2 1 
ATOM   549  C  CE1 . PHE A 1 91  ? -9.203  -5.168  3.802   1.00 20.90 ? 71  PHE A CE1 1 
ATOM   550  C  CE2 . PHE A 1 91  ? -7.454  -3.683  4.478   1.00 20.69 ? 71  PHE A CE2 1 
ATOM   551  C  CZ  . PHE A 1 91  ? -8.543  -3.980  3.663   1.00 25.20 ? 71  PHE A CZ  1 
ATOM   552  N  N   . GLY A 1 92  ? -8.631  -8.125  9.786   1.00 24.96 ? 72  GLY A N   1 
ATOM   553  C  CA  . GLY A 1 92  ? -8.275  -8.940  10.950  1.00 28.83 ? 72  GLY A CA  1 
ATOM   554  C  C   . GLY A 1 92  ? -7.738  -8.072  12.087  1.00 29.27 ? 72  GLY A C   1 
ATOM   555  O  O   . GLY A 1 92  ? -7.159  -8.592  13.025  1.00 30.41 ? 72  GLY A O   1 
ATOM   556  N  N   . HIS A 1 93  ? -7.970  -6.757  12.006  1.00 28.03 ? 73  HIS A N   1 
ATOM   557  C  CA  . HIS A 1 93  ? -7.464  -5.778  12.964  1.00 30.82 ? 73  HIS A CA  1 
ATOM   558  C  C   . HIS A 1 93  ? -5.975  -5.966  13.237  1.00 31.27 ? 73  HIS A C   1 
ATOM   559  O  O   . HIS A 1 93  ? -5.553  -5.976  14.403  1.00 32.54 ? 73  HIS A O   1 
ATOM   560  C  CB  . HIS A 1 93  ? -8.228  -5.830  14.285  1.00 30.45 ? 73  HIS A CB  1 
ATOM   561  C  CG  . HIS A 1 93  ? -9.694  -5.536  14.168  1.00 35.74 ? 73  HIS A CG  1 
ATOM   562  N  ND1 . HIS A 1 93  ? -10.198 -4.250  14.137  1.00 51.08 ? 73  HIS A ND1 1 
ATOM   563  C  CD2 . HIS A 1 93  ? -10.770 -6.359  14.144  1.00 31.75 ? 73  HIS A CD2 1 
ATOM   564  C  CE1 . HIS A 1 93  ? -11.518 -4.300  14.066  1.00 50.95 ? 73  HIS A CE1 1 
ATOM   565  N  NE2 . HIS A 1 93  ? -11.890 -5.568  14.077  1.00 34.88 ? 73  HIS A NE2 1 
ATOM   566  N  N   . GLN A 1 94  ? -5.175  -6.084  12.169  1.00 28.96 ? 74  GLN A N   1 
ATOM   567  C  CA  . GLN A 1 94  ? -3.762  -6.444  12.317  1.00 25.87 ? 74  GLN A CA  1 
ATOM   568  C  C   . GLN A 1 94  ? -2.823  -5.216  12.332  1.00 25.84 ? 74  GLN A C   1 
ATOM   569  O  O   . GLN A 1 94  ? -1.619  -5.305  12.066  1.00 26.13 ? 74  GLN A O   1 
ATOM   570  C  CB  . GLN A 1 94  ? -3.403  -7.480  11.256  1.00 25.45 ? 74  GLN A CB  1 
ATOM   571  C  CG  . GLN A 1 94  ? -4.153  -8.772  11.496  1.00 27.28 ? 74  GLN A CG  1 
ATOM   572  C  CD  . GLN A 1 94  ? -3.881  -9.814  10.483  1.00 30.76 ? 74  GLN A CD  1 
ATOM   573  O  OE1 . GLN A 1 94  ? -3.103  -9.606  9.577   1.00 37.39 ? 74  GLN A OE1 1 
ATOM   574  N  NE2 . GLN A 1 94  ? -4.517  -10.958 10.632  1.00 36.82 ? 74  GLN A NE2 1 
ATOM   575  N  N   . GLU A 1 95  ? -3.407  -4.060  12.627  1.00 29.79 ? 75  GLU A N   1 
ATOM   576  C  CA  . GLU A 1 95  ? -2.680  -2.826  12.878  1.00 29.26 ? 75  GLU A CA  1 
ATOM   577  C  C   . GLU A 1 95  ? -3.405  -2.018  13.974  1.00 30.40 ? 75  GLU A C   1 
ATOM   578  O  O   . GLU A 1 95  ? -3.994  -0.966  13.692  1.00 30.54 ? 75  GLU A O   1 
ATOM   579  C  CB  . GLU A 1 95  ? -2.573  -1.992  11.601  1.00 29.88 ? 75  GLU A CB  1 
ATOM   580  C  CG  . GLU A 1 95  ? -1.631  -0.808  11.731  1.00 36.88 ? 75  GLU A CG  1 
ATOM   581  C  CD  . GLU A 1 95  ? -0.216  -1.296  11.919  1.00 52.32 ? 75  GLU A CD  1 
ATOM   582  O  OE1 . GLU A 1 95  ? 0.368   -1.711  10.897  1.00 47.55 ? 75  GLU A OE1 1 
ATOM   583  O  OE2 . GLU A 1 95  ? 0.275   -1.318  13.079  1.00 60.53 ? 75  GLU A OE2 1 
ATOM   584  N  N   . ASN A 1 96  ? -3.385  -2.520  15.205  1.00 30.47 ? 76  ASN A N   1 
ATOM   585  C  CA  . ASN A 1 96  ? -4.038  -1.818  16.361  1.00 37.17 ? 76  ASN A CA  1 
ATOM   586  C  C   . ASN A 1 96  ? -3.139  -0.736  17.013  1.00 40.01 ? 76  ASN A C   1 
ATOM   587  O  O   . ASN A 1 96  ? -3.584  0.046   17.877  1.00 43.52 ? 76  ASN A O   1 
ATOM   588  C  CB  . ASN A 1 96  ? -4.515  -2.838  17.429  1.00 35.40 ? 76  ASN A CB  1 
ATOM   589  C  CG  . ASN A 1 96  ? -5.769  -3.637  16.994  1.00 29.48 ? 76  ASN A CG  1 
ATOM   590  O  OD1 . ASN A 1 96  ? -6.823  -3.068  16.670  1.00 32.71 ? 76  ASN A OD1 1 
ATOM   591  N  ND2 . ASN A 1 96  ? -5.655  -4.956  17.013  1.00 33.24 ? 76  ASN A ND2 1 
ATOM   592  N  N   . CYS A 1 97  ? -1.877  -0.704  16.591  1.00 42.89 ? 77  CYS A N   1 
ATOM   593  C  CA  . CYS A 1 97  ? -0.935  0.304   17.037  1.00 46.19 ? 77  CYS A CA  1 
ATOM   594  C  C   . CYS A 1 97  ? -1.451  1.702   16.695  1.00 44.12 ? 77  CYS A C   1 
ATOM   595  O  O   . CYS A 1 97  ? -2.047  1.897   15.634  1.00 41.59 ? 77  CYS A O   1 
ATOM   596  C  CB  . CYS A 1 97  ? 0.436   0.118   16.357  1.00 45.83 ? 77  CYS A CB  1 
ATOM   597  S  SG  . CYS A 1 97  ? 1.465   -1.121  17.123  1.00 53.52 ? 77  CYS A SG  1 
ATOM   598  N  N   . GLN A 1 98  ? -1.225  2.635   17.626  1.00 37.30 ? 78  GLN A N   1 
ATOM   599  C  CA  . GLN A 1 98  ? -1.224  4.059   17.343  1.00 33.26 ? 78  GLN A CA  1 
ATOM   600  C  C   . GLN A 1 98  ? -0.063  4.340   16.406  1.00 28.76 ? 78  GLN A C   1 
ATOM   601  O  O   . GLN A 1 98  ? 0.910   3.571   16.338  1.00 23.55 ? 78  GLN A O   1 
ATOM   602  C  CB  . GLN A 1 98  ? -1.026  4.884   18.616  1.00 34.71 ? 78  GLN A CB  1 
ATOM   603  C  CG  . GLN A 1 98  ? -2.071  4.679   19.721  1.00 45.83 ? 78  GLN A CG  1 
ATOM   604  C  CD  . GLN A 1 98  ? -3.498  4.784   19.207  1.00 61.81 ? 78  GLN A CD  1 
ATOM   605  O  OE1 . GLN A 1 98  ? -3.970  3.937   18.434  1.00 70.12 ? 78  GLN A OE1 1 
ATOM   606  N  NE2 . GLN A 1 98  ? -4.198  5.826   19.638  1.00 70.43 ? 78  GLN A NE2 1 
ATOM   607  N  N   . ASN A 1 99  ? -0.161  5.452   15.692  1.00 25.60 ? 79  ASN A N   1 
ATOM   608  C  CA  . ASN A 1 99  ? 0.863   5.849   14.744  1.00 26.54 ? 79  ASN A CA  1 
ATOM   609  C  C   . ASN A 1 99  ? 2.237   5.889   15.380  1.00 25.02 ? 79  ASN A C   1 
ATOM   610  O  O   . ASN A 1 99  ? 3.195   5.390   14.797  1.00 24.25 ? 79  ASN A O   1 
ATOM   611  C  CB  . ASN A 1 99  ? 0.521   7.208   14.113  1.00 26.99 ? 79  ASN A CB  1 
ATOM   612  C  CG  . ASN A 1 99  ? -0.575  7.111   13.062  1.00 29.49 ? 79  ASN A CG  1 
ATOM   613  O  OD1 . ASN A 1 99  ? -0.730  6.082   12.380  1.00 22.33 ? 79  ASN A OD1 1 
ATOM   614  N  ND2 . ASN A 1 99  ? -1.338  8.189   12.915  1.00 21.40 ? 79  ASN A ND2 1 
ATOM   615  N  N   . GLU A 1 100 ? 2.316   6.444   16.590  1.00 24.77 ? 80  GLU A N   1 
ATOM   616  C  CA  . GLU A 1 100 ? 3.582   6.551   17.345  1.00 28.63 ? 80  GLU A CA  1 
ATOM   617  C  C   . GLU A 1 100 ? 4.163   5.209   17.875  1.00 24.10 ? 80  GLU A C   1 
ATOM   618  O  O   . GLU A 1 100 ? 5.265   5.182   18.408  1.00 25.64 ? 80  GLU A O   1 
ATOM   619  C  CB  . GLU A 1 100 ? 3.458   7.568   18.515  1.00 32.65 ? 80  GLU A CB  1 
ATOM   620  C  CG  . GLU A 1 100 ? 2.079   7.691   19.168  1.00 44.56 ? 80  GLU A CG  1 
ATOM   621  C  CD  . GLU A 1 100 ? 1.067   8.409   18.262  1.00 47.56 ? 80  GLU A CD  1 
ATOM   622  O  OE1 . GLU A 1 100 ? 1.320   9.544   17.790  1.00 57.75 ? 80  GLU A OE1 1 
ATOM   623  O  OE2 . GLU A 1 100 ? 0.019   7.820   18.000  1.00 38.43 ? 80  GLU A OE2 1 
ATOM   624  N  N   . GLU A 1 101 ? 3.431   4.115   17.729  1.00 23.55 ? 81  GLU A N   1 
ATOM   625  C  CA  . GLU A 1 101 ? 3.872   2.787   18.175  1.00 21.97 ? 81  GLU A CA  1 
ATOM   626  C  C   . GLU A 1 101 ? 4.361   1.867   17.035  1.00 22.28 ? 81  GLU A C   1 
ATOM   627  O  O   . GLU A 1 101 ? 5.064   0.877   17.295  1.00 21.35 ? 81  GLU A O   1 
ATOM   628  C  CB  . GLU A 1 101 ? 2.728   2.104   18.925  1.00 23.04 ? 81  GLU A CB  1 
ATOM   629  C  CG  . GLU A 1 101 ? 2.287   2.851   20.207  1.00 19.99 ? 81  GLU A CG  1 
ATOM   630  C  CD  . GLU A 1 101 ? 1.013   2.276   20.829  1.00 21.20 ? 81  GLU A CD  1 
ATOM   631  O  OE1 . GLU A 1 101 ? 0.139   1.809   20.070  1.00 30.21 ? 81  GLU A OE1 1 
ATOM   632  O  OE2 . GLU A 1 101 ? 0.879   2.302   22.074  1.00 28.39 ? 81  GLU A OE2 1 
ATOM   633  N  N   . ILE A 1 102 ? 4.000   2.203   15.791  1.00 22.16 ? 82  ILE A N   1 
ATOM   634  C  CA  . ILE A 1 102 ? 4.235   1.347   14.601  1.00 22.83 ? 82  ILE A CA  1 
ATOM   635  C  C   . ILE A 1 102 ? 5.719   1.034   14.361  1.00 21.67 ? 82  ILE A C   1 
ATOM   636  O  O   . ILE A 1 102 ? 6.092   -0.124  14.176  1.00 23.81 ? 82  ILE A O   1 
ATOM   637  C  CB  . ILE A 1 102 ? 3.552   1.967   13.330  1.00 23.87 ? 82  ILE A CB  1 
ATOM   638  C  CG1 . ILE A 1 102 ? 2.019   1.886   13.473  1.00 35.71 ? 82  ILE A CG1 1 
ATOM   639  C  CG2 . ILE A 1 102 ? 4.018   1.260   12.046  1.00 23.60 ? 82  ILE A CG2 1 
ATOM   640  C  CD1 . ILE A 1 102 ? 1.173   2.506   12.333  1.00 27.21 ? 82  ILE A CD1 1 
ATOM   641  N  N   . LEU A 1 103 ? 6.587   2.044   14.397  1.00 21.85 ? 83  LEU A N   1 
ATOM   642  C  CA  . LEU A 1 103 ? 8.019   1.799   14.141  1.00 18.54 ? 83  LEU A CA  1 
ATOM   643  C  C   . LEU A 1 103 ? 8.631   0.921   15.213  1.00 21.01 ? 83  LEU A C   1 
ATOM   644  O  O   . LEU A 1 103 ? 9.445   0.065   14.913  1.00 22.05 ? 83  LEU A O   1 
ATOM   645  C  CB  . LEU A 1 103 ? 8.786   3.125   14.023  1.00 20.26 ? 83  LEU A CB  1 
ATOM   646  C  CG  . LEU A 1 103 ? 8.388   3.966   12.793  1.00 22.94 ? 83  LEU A CG  1 
ATOM   647  C  CD1 . LEU A 1 103 ? 9.191   5.350   12.732  1.00 21.75 ? 83  LEU A CD1 1 
ATOM   648  C  CD2 . LEU A 1 103 ? 8.597   3.116   11.506  1.00 20.97 ? 83  LEU A CD2 1 
ATOM   649  N  N   . ASN A 1 104 ? 8.239   1.141   16.474  1.00 19.80 ? 84  ASN A N   1 
ATOM   650  C  CA  . ASN A 1 104 ? 8.629   0.270   17.602  1.00 18.17 ? 84  ASN A CA  1 
ATOM   651  C  C   . ASN A 1 104 ? 8.235   -1.175  17.450  1.00 17.38 ? 84  ASN A C   1 
ATOM   652  O  O   . ASN A 1 104 ? 9.019   -2.078  17.728  1.00 20.04 ? 84  ASN A O   1 
ATOM   653  C  CB  . ASN A 1 104 ? 8.049   0.797   18.923  1.00 19.71 ? 84  ASN A CB  1 
ATOM   654  C  CG  . ASN A 1 104 ? 8.845   1.947   19.466  1.00 20.58 ? 84  ASN A CG  1 
ATOM   655  O  OD1 . ASN A 1 104 ? 9.952   2.167   19.009  1.00 25.39 ? 84  ASN A OD1 1 
ATOM   656  N  ND2 . ASN A 1 104 ? 8.304   2.674   20.451  1.00 20.91 ? 84  ASN A ND2 1 
ATOM   657  N  N   . SER A 1 105 ? 7.006   -1.380  17.011  1.00 18.51 ? 85  SER A N   1 
ATOM   658  C  CA  . SER A 1 105 ? 6.484   -2.703  16.788  1.00 19.72 ? 85  SER A CA  1 
ATOM   659  C  C   . SER A 1 105 ? 7.257   -3.378  15.658  1.00 22.18 ? 85  SER A C   1 
ATOM   660  O  O   . SER A 1 105 ? 7.624   -4.544  15.778  1.00 20.62 ? 85  SER A O   1 
ATOM   661  C  CB  . SER A 1 105 ? 4.994   -2.628  16.487  1.00 21.05 ? 85  SER A CB  1 
ATOM   662  O  OG  . SER A 1 105 ? 4.414   -3.925  16.506  1.00 25.57 ? 85  SER A OG  1 
ATOM   663  N  N   . LEU A 1 106 ? 7.549   -2.638  14.579  1.00 22.99 ? 86  LEU A N   1 
ATOM   664  C  CA  . LEU A 1 106 ? 8.321   -3.214  13.469  1.00 22.84 ? 86  LEU A CA  1 
ATOM   665  C  C   . LEU A 1 106 ? 9.756   -3.533  13.905  1.00 22.27 ? 86  LEU A C   1 
ATOM   666  O  O   . LEU A 1 106 ? 10.338  -4.539  13.502  1.00 21.44 ? 86  LEU A O   1 
ATOM   667  C  CB  . LEU A 1 106 ? 8.335   -2.281  12.251  1.00 21.57 ? 86  LEU A CB  1 
ATOM   668  C  CG  . LEU A 1 106 ? 7.005   -2.029  11.563  1.00 20.86 ? 86  LEU A CG  1 
ATOM   669  C  CD1 . LEU A 1 106 ? 7.086   -0.786  10.593  1.00 21.97 ? 86  LEU A CD1 1 
ATOM   670  C  CD2 . LEU A 1 106 ? 6.467   -3.302  10.870  1.00 26.68 ? 86  LEU A CD2 1 
ATOM   671  N  N   . LYS A 1 107 ? 10.320  -2.659  14.740  1.00 21.24 ? 87  LYS A N   1 
ATOM   672  C  CA  . LYS A 1 107 ? 11.690  -2.772  15.162  1.00 18.81 ? 87  LYS A CA  1 
ATOM   673  C  C   . LYS A 1 107 ? 11.923  -3.834  16.205  1.00 20.36 ? 87  LYS A C   1 
ATOM   674  O  O   . LYS A 1 107 ? 12.985  -4.460  16.223  1.00 19.77 ? 87  LYS A O   1 
ATOM   675  C  CB  . LYS A 1 107 ? 12.182  -1.437  15.700  1.00 19.75 ? 87  LYS A CB  1 
ATOM   676  C  CG  . LYS A 1 107 ? 13.621  -1.419  16.020  1.00 23.04 ? 87  LYS A CG  1 
ATOM   677  C  CD  . LYS A 1 107 ? 14.123  0.003   16.157  1.00 28.17 ? 87  LYS A CD  1 
ATOM   678  C  CE  . LYS A 1 107 ? 15.501  0.050   16.773  1.00 32.32 ? 87  LYS A CE  1 
ATOM   679  N  NZ  . LYS A 1 107 ? 16.023  1.452   16.719  1.00 45.33 ? 87  LYS A NZ  1 
ATOM   680  N  N   . TYR A 1 108 ? 10.959  -4.015  17.107  1.00 19.43 ? 88  TYR A N   1 
ATOM   681  C  CA  . TYR A 1 108 ? 11.190  -4.824  18.293  1.00 19.74 ? 88  TYR A CA  1 
ATOM   682  C  C   . TYR A 1 108 ? 10.314  -6.049  18.379  1.00 17.20 ? 88  TYR A C   1 
ATOM   683  O  O   . TYR A 1 108 ? 10.570  -6.916  19.202  1.00 23.33 ? 88  TYR A O   1 
ATOM   684  C  CB  . TYR A 1 108 ? 11.018  -3.977  19.562  1.00 19.50 ? 88  TYR A CB  1 
ATOM   685  C  CG  . TYR A 1 108 ? 12.081  -2.921  19.751  1.00 18.17 ? 88  TYR A CG  1 
ATOM   686  C  CD1 . TYR A 1 108 ? 13.386  -3.271  20.096  1.00 24.66 ? 88  TYR A CD1 1 
ATOM   687  C  CD2 . TYR A 1 108 ? 11.784  -1.581  19.594  1.00 21.26 ? 88  TYR A CD2 1 
ATOM   688  C  CE1 . TYR A 1 108 ? 14.357  -2.306  20.268  1.00 30.86 ? 88  TYR A CE1 1 
ATOM   689  C  CE2 . TYR A 1 108 ? 12.745  -0.614  19.763  1.00 21.14 ? 88  TYR A CE2 1 
ATOM   690  C  CZ  . TYR A 1 108 ? 14.029  -0.978  20.103  1.00 31.10 ? 88  TYR A CZ  1 
ATOM   691  O  OH  . TYR A 1 108 ? 14.990  -0.001  20.277  1.00 30.79 ? 88  TYR A OH  1 
ATOM   692  N  N   . VAL A 1 109 ? 9.278   -6.134  17.557  1.00 18.61 ? 89  VAL A N   1 
ATOM   693  C  CA  . VAL A 1 109 ? 8.324   -7.248  17.687  1.00 20.05 ? 89  VAL A CA  1 
ATOM   694  C  C   . VAL A 1 109 ? 8.302   -8.109  16.416  1.00 20.75 ? 89  VAL A C   1 
ATOM   695  O  O   . VAL A 1 109 ? 8.757   -9.244  16.434  1.00 20.71 ? 89  VAL A O   1 
ATOM   696  C  CB  . VAL A 1 109 ? 6.918   -6.751  18.079  1.00 15.71 ? 89  VAL A CB  1 
ATOM   697  C  CG1 . VAL A 1 109 ? 5.937   -7.933  18.200  1.00 18.54 ? 89  VAL A CG1 1 
ATOM   698  C  CG2 . VAL A 1 109 ? 7.009   -5.920  19.371  1.00 16.20 ? 89  VAL A CG2 1 
ATOM   699  N  N   . ARG A 1 110 ? 7.781   -7.550  15.330  1.00 23.68 ? 90  ARG A N   1 
ATOM   700  C  CA  . ARG A 1 110 ? 7.677   -8.262  14.069  1.00 27.41 ? 90  ARG A CA  1 
ATOM   701  C  C   . ARG A 1 110 ? 7.778   -7.248  12.938  1.00 26.49 ? 90  ARG A C   1 
ATOM   702  O  O   . ARG A 1 110 ? 6.948   -6.356  12.873  1.00 24.18 ? 90  ARG A O   1 
ATOM   703  C  CB  . ARG A 1 110 ? 6.343   -9.000  13.962  1.00 26.56 ? 90  ARG A CB  1 
ATOM   704  C  CG  . ARG A 1 110 ? 6.266   -9.871  12.698  1.00 30.94 ? 90  ARG A CG  1 
ATOM   705  C  CD  . ARG A 1 110 ? 4.871   -10.372 12.388  1.00 39.37 ? 90  ARG A CD  1 
ATOM   706  N  NE  . ARG A 1 110 ? 4.375   -11.296 13.402  1.00 43.09 ? 90  ARG A NE  1 
ATOM   707  C  CZ  . ARG A 1 110 ? 3.096   -11.657 13.532  1.00 59.13 ? 90  ARG A CZ  1 
ATOM   708  N  NH1 . ARG A 1 110 ? 2.170   -11.208 12.686  1.00 65.32 ? 90  ARG A NH1 1 
ATOM   709  N  NH2 . ARG A 1 110 ? 2.741   -12.483 14.516  1.00 47.94 ? 90  ARG A NH2 1 
ATOM   710  N  N   . PRO A 1 111 ? 8.794   -7.379  12.050  1.00 26.70 ? 91  PRO A N   1 
ATOM   711  C  CA  . PRO A 1 111 ? 9.882   -8.354  11.963  1.00 25.32 ? 91  PRO A CA  1 
ATOM   712  C  C   . PRO A 1 111 ? 10.779  -8.414  13.186  1.00 25.75 ? 91  PRO A C   1 
ATOM   713  O  O   . PRO A 1 111 ? 11.348  -9.455  13.496  1.00 24.93 ? 91  PRO A O   1 
ATOM   714  C  CB  . PRO A 1 111 ? 10.714  -7.845  10.773  1.00 27.80 ? 91  PRO A CB  1 
ATOM   715  C  CG  . PRO A 1 111 ? 9.805   -7.042  9.999   1.00 23.36 ? 91  PRO A CG  1 
ATOM   716  C  CD  . PRO A 1 111 ? 8.877   -6.406  10.953  1.00 25.86 ? 91  PRO A CD  1 
ATOM   717  N  N   . GLY A 1 112 ? 10.933  -7.312  13.896  1.00 25.14 ? 92  GLY A N   1 
ATOM   718  C  CA  . GLY A 1 112 ? 11.793  -7.355  15.062  1.00 21.86 ? 92  GLY A CA  1 
ATOM   719  C  C   . GLY A 1 112 ? 13.226  -7.324  14.607  1.00 22.95 ? 92  GLY A C   1 
ATOM   720  O  O   . GLY A 1 112 ? 13.525  -7.042  13.448  1.00 24.40 ? 92  GLY A O   1 
ATOM   721  N  N   . GLY A 1 113 ? 14.118  -7.571  15.548  1.00 25.54 ? 93  GLY A N   1 
ATOM   722  C  CA  . GLY A 1 113 ? 15.544  -7.668  15.273  1.00 26.57 ? 93  GLY A CA  1 
ATOM   723  C  C   . GLY A 1 113 ? 16.181  -6.388  14.785  1.00 26.21 ? 93  GLY A C   1 
ATOM   724  O  O   . GLY A 1 113 ? 17.249  -6.424  14.209  1.00 27.40 ? 93  GLY A O   1 
ATOM   725  N  N   . GLY A 1 114 ? 15.542  -5.251  15.030  1.00 26.38 ? 94  GLY A N   1 
ATOM   726  C  CA  . GLY A 1 114 ? 16.134  -3.955  14.667  1.00 24.07 ? 94  GLY A CA  1 
ATOM   727  C  C   . GLY A 1 114 ? 15.676  -3.474  13.319  1.00 21.35 ? 94  GLY A C   1 
ATOM   728  O  O   . GLY A 1 114 ? 16.168  -2.462  12.832  1.00 22.98 ? 94  GLY A O   1 
ATOM   729  N  N   . TYR A 1 115 ? 14.692  -4.166  12.744  1.00 22.62 ? 95  TYR A N   1 
ATOM   730  C  CA  . TYR A 1 115 ? 14.146  -3.799  11.456  1.00 23.34 ? 95  TYR A CA  1 
ATOM   731  C  C   . TYR A 1 115 ? 13.677  -2.345  11.447  1.00 23.89 ? 95  TYR A C   1 
ATOM   732  O  O   . TYR A 1 115 ? 12.940  -1.894  12.346  1.00 24.43 ? 95  TYR A O   1 
ATOM   733  C  CB  . TYR A 1 115 ? 12.975  -4.706  11.060  1.00 21.28 ? 95  TYR A CB  1 
ATOM   734  C  CG  . TYR A 1 115 ? 12.277  -4.207  9.838   1.00 22.90 ? 95  TYR A CG  1 
ATOM   735  C  CD1 . TYR A 1 115 ? 12.671  -4.623  8.576   1.00 26.87 ? 95  TYR A CD1 1 
ATOM   736  C  CD2 . TYR A 1 115 ? 11.240  -3.278  9.933   1.00 26.29 ? 95  TYR A CD2 1 
ATOM   737  C  CE1 . TYR A 1 115 ? 12.047  -4.157  7.455   1.00 23.19 ? 95  TYR A CE1 1 
ATOM   738  C  CE2 . TYR A 1 115 ? 10.628  -2.802  8.824   1.00 17.40 ? 95  TYR A CE2 1 
ATOM   739  C  CZ  . TYR A 1 115 ? 11.036  -3.230  7.582   1.00 23.03 ? 95  TYR A CZ  1 
ATOM   740  O  OH  . TYR A 1 115 ? 10.410  -2.754  6.447   1.00 19.72 ? 95  TYR A OH  1 
ATOM   741  N  N   . GLN A 1 116 ? 14.090  -1.619  10.414  1.00 24.23 ? 96  GLN A N   1 
ATOM   742  C  CA  . GLN A 1 116 ? 13.578  -0.287  10.155  1.00 28.11 ? 96  GLN A CA  1 
ATOM   743  C  C   . GLN A 1 116 ? 13.173  -0.207  8.694   1.00 28.31 ? 96  GLN A C   1 
ATOM   744  O  O   . GLN A 1 116 ? 13.866  -0.768  7.827   1.00 20.83 ? 96  GLN A O   1 
ATOM   745  C  CB  . GLN A 1 116 ? 14.644  0.753   10.464  1.00 30.17 ? 96  GLN A CB  1 
ATOM   746  C  CG  . GLN A 1 116 ? 14.962  0.836   11.941  1.00 37.87 ? 96  GLN A CG  1 
ATOM   747  C  CD  . GLN A 1 116 ? 16.092  1.796   12.266  1.00 34.26 ? 96  GLN A CD  1 
ATOM   748  O  OE1 . GLN A 1 116 ? 16.299  2.787   11.577  1.00 52.20 ? 96  GLN A OE1 1 
ATOM   749  N  NE2 . GLN A 1 116 ? 16.822  1.501   13.329  1.00 54.34 ? 96  GLN A NE2 1 
ATOM   750  N  N   . PRO A 1 117 ? 12.040  0.463   8.408   1.00 24.70 ? 97  PRO A N   1 
ATOM   751  C  CA  . PRO A 1 117 ? 11.689  0.658   6.998   1.00 28.46 ? 97  PRO A CA  1 
ATOM   752  C  C   . PRO A 1 117 ? 12.624  1.643   6.278   1.00 26.95 ? 97  PRO A C   1 
ATOM   753  O  O   . PRO A 1 117 ? 13.020  2.632   6.858   1.00 25.11 ? 97  PRO A O   1 
ATOM   754  C  CB  . PRO A 1 117 ? 10.239  1.187   7.041   1.00 30.40 ? 97  PRO A CB  1 
ATOM   755  C  CG  . PRO A 1 117 ? 9.885   1.388   8.449   1.00 25.77 ? 97  PRO A CG  1 
ATOM   756  C  CD  . PRO A 1 117 ? 11.040  1.028   9.331   1.00 27.84 ? 97  PRO A CD  1 
ATOM   757  N  N   . THR A 1 118 ? 12.963  1.355   5.028   1.00 25.65 ? 98  THR A N   1 
ATOM   758  C  CA  . THR A 1 118 ? 13.754  2.270   4.196   1.00 26.54 ? 98  THR A CA  1 
ATOM   759  C  C   . THR A 1 118 ? 12.814  3.029   3.248   1.00 29.47 ? 98  THR A C   1 
ATOM   760  O  O   . THR A 1 118 ? 13.242  3.845   2.445   1.00 26.27 ? 98  THR A O   1 
ATOM   761  C  CB  . THR A 1 118 ? 14.852  1.508   3.367   1.00 24.60 ? 98  THR A CB  1 
ATOM   762  O  OG1 . THR A 1 118 ? 14.243  0.527   2.534   1.00 30.14 ? 98  THR A OG1 1 
ATOM   763  C  CG2 . THR A 1 118 ? 15.833  0.829   4.274   1.00 25.69 ? 98  THR A CG2 1 
ATOM   764  N  N   . PHE A 1 119 ? 11.519  2.773   3.379   1.00 31.79 ? 99  PHE A N   1 
ATOM   765  C  CA  . PHE A 1 119 ? 10.513  3.384   2.532   1.00 30.44 ? 99  PHE A CA  1 
ATOM   766  C  C   . PHE A 1 119 ? 9.605   4.218   3.452   1.00 29.04 ? 99  PHE A C   1 
ATOM   767  O  O   . PHE A 1 119 ? 9.732   4.171   4.670   1.00 31.67 ? 99  PHE A O   1 
ATOM   768  C  CB  . PHE A 1 119 ? 9.754   2.297   1.751   1.00 28.36 ? 99  PHE A CB  1 
ATOM   769  C  CG  . PHE A 1 119 ? 8.975   1.371   2.617   1.00 26.55 ? 99  PHE A CG  1 
ATOM   770  C  CD1 . PHE A 1 119 ? 7.652   1.655   2.946   1.00 23.67 ? 99  PHE A CD1 1 
ATOM   771  C  CD2 . PHE A 1 119 ? 9.560   0.221   3.125   1.00 30.00 ? 99  PHE A CD2 1 
ATOM   772  C  CE1 . PHE A 1 119 ? 6.935   0.807   3.761   1.00 21.30 ? 99  PHE A CE1 1 
ATOM   773  C  CE2 . PHE A 1 119 ? 8.844   -0.640  3.960   1.00 22.19 ? 99  PHE A CE2 1 
ATOM   774  C  CZ  . PHE A 1 119 ? 7.539   -0.342  4.277   1.00 23.82 ? 99  PHE A CZ  1 
ATOM   775  N  N   . THR A 1 120 ? 8.683   4.959   2.859   1.00 26.17 ? 100 THR A N   1 
ATOM   776  C  CA  . THR A 1 120 ? 7.861   5.898   3.579   1.00 27.44 ? 100 THR A CA  1 
ATOM   777  C  C   . THR A 1 120 ? 6.614   5.188   4.059   1.00 22.42 ? 100 THR A C   1 
ATOM   778  O  O   . THR A 1 120 ? 5.898   4.613   3.250   1.00 21.11 ? 100 THR A O   1 
ATOM   779  C  CB  . THR A 1 120 ? 7.443   7.049   2.635   1.00 33.41 ? 100 THR A CB  1 
ATOM   780  O  OG1 . THR A 1 120 ? 8.591   7.500   1.895   1.00 38.86 ? 100 THR A OG1 1 
ATOM   781  C  CG2 . THR A 1 120 ? 6.778   8.197   3.397   1.00 27.60 ? 100 THR A CG2 1 
ATOM   782  N  N   . LEU A 1 121 ? 6.367   5.239   5.364   1.00 21.50 ? 101 LEU A N   1 
ATOM   783  C  CA  . LEU A 1 121 ? 5.112   4.825   5.965   1.00 28.79 ? 101 LEU A CA  1 
ATOM   784  C  C   . LEU A 1 121 ? 4.312   6.036   6.279   1.00 28.29 ? 101 LEU A C   1 
ATOM   785  O  O   . LEU A 1 121 ? 4.833   7.020   6.815   1.00 31.37 ? 101 LEU A O   1 
ATOM   786  C  CB  . LEU A 1 121 ? 5.309   4.081   7.284   1.00 28.28 ? 101 LEU A CB  1 
ATOM   787  C  CG  . LEU A 1 121 ? 5.786   2.650   7.253   1.00 32.31 ? 101 LEU A CG  1 
ATOM   788  C  CD1 . LEU A 1 121 ? 6.168   2.247   8.674   1.00 29.74 ? 101 LEU A CD1 1 
ATOM   789  C  CD2 . LEU A 1 121 ? 4.713   1.713   6.632   1.00 27.08 ? 101 LEU A CD2 1 
ATOM   790  N  N   . VAL A 1 122 ? 3.015   5.934   6.025   1.00 27.25 ? 102 VAL A N   1 
ATOM   791  C  CA  . VAL A 1 122 ? 2.135   7.037   6.288   1.00 29.96 ? 102 VAL A CA  1 
ATOM   792  C  C   . VAL A 1 122 ? 1.274   6.737   7.525   1.00 25.68 ? 102 VAL A C   1 
ATOM   793  O  O   . VAL A 1 122 ? 1.345   5.656   8.103   1.00 25.82 ? 102 VAL A O   1 
ATOM   794  C  CB  . VAL A 1 122 ? 1.317   7.388   5.015   1.00 35.47 ? 102 VAL A CB  1 
ATOM   795  C  CG1 . VAL A 1 122 ? 2.298   7.760   3.861   1.00 29.75 ? 102 VAL A CG1 1 
ATOM   796  C  CG2 . VAL A 1 122 ? 0.452   6.280   4.642   1.00 30.42 ? 102 VAL A CG2 1 
ATOM   797  N  N   . GLN A 1 123 ? 0.519   7.729   7.956   1.00 25.94 ? 103 GLN A N   1 
ATOM   798  C  CA  . GLN A 1 123 ? -0.372  7.560   9.087   1.00 25.85 ? 103 GLN A CA  1 
ATOM   799  C  C   . GLN A 1 123 ? -1.444  6.518   8.798   1.00 27.45 ? 103 GLN A C   1 
ATOM   800  O  O   . GLN A 1 123 ? -1.895  6.371   7.663   1.00 27.42 ? 103 GLN A O   1 
ATOM   801  C  CB  . GLN A 1 123 ? -1.000  8.874   9.435   1.00 23.84 ? 103 GLN A CB  1 
ATOM   802  C  CG  . GLN A 1 123 ? -0.047  9.789   10.150  1.00 27.78 ? 103 GLN A CG  1 
ATOM   803  C  CD  . GLN A 1 123 ? -0.661  11.126  10.438  1.00 28.11 ? 103 GLN A CD  1 
ATOM   804  O  OE1 . GLN A 1 123 ? -1.660  11.511  9.826   1.00 32.72 ? 103 GLN A OE1 1 
ATOM   805  N  NE2 . GLN A 1 123 ? -0.062  11.851  11.362  1.00 22.65 ? 103 GLN A NE2 1 
ATOM   806  N  N   . LYS A 1 124 ? -1.812  5.767   9.833   1.00 26.05 ? 104 LYS A N   1 
ATOM   807  C  CA  . LYS A 1 124 ? -2.807  4.732   9.714   1.00 30.01 ? 104 LYS A CA  1 
ATOM   808  C  C   . LYS A 1 124 ? -4.096  5.329   9.095   1.00 29.04 ? 104 LYS A C   1 
ATOM   809  O  O   . LYS A 1 124 ? -4.500  6.452   9.407   1.00 29.30 ? 104 LYS A O   1 
ATOM   810  C  CB  . LYS A 1 124 ? -3.048  4.108   11.097  1.00 30.92 ? 104 LYS A CB  1 
ATOM   811  C  CG  . LYS A 1 124 ? -4.075  3.029   11.120  1.00 42.41 ? 104 LYS A CG  1 
ATOM   812  C  CD  . LYS A 1 124 ? -3.944  2.133   12.369  1.00 40.96 ? 104 LYS A CD  1 
ATOM   813  C  CE  . LYS A 1 124 ? -4.271  2.871   13.639  1.00 41.98 ? 104 LYS A CE  1 
ATOM   814  N  NZ  . LYS A 1 124 ? -4.586  1.907   14.720  1.00 42.33 ? 104 LYS A NZ  1 
ATOM   815  N  N   . CYS A 1 125 ? -4.711  4.570   8.201   1.00 27.47 ? 105 CYS A N   1 
ATOM   816  C  CA  . CYS A 1 125 ? -5.929  4.999   7.499   1.00 25.57 ? 105 CYS A CA  1 
ATOM   817  C  C   . CYS A 1 125 ? -6.885  3.835   7.294   1.00 20.93 ? 105 CYS A C   1 
ATOM   818  O  O   . CYS A 1 125 ? -6.600  2.708   7.695   1.00 23.63 ? 105 CYS A O   1 
ATOM   819  C  CB  . CYS A 1 125 ? -5.558  5.622   6.136   1.00 23.43 ? 105 CYS A CB  1 
ATOM   820  S  SG  . CYS A 1 125 ? -4.977  4.468   4.924   1.00 31.13 ? 105 CYS A SG  1 
ATOM   821  N  N   . GLU A 1 126 ? -8.043  4.143   6.707   1.00 23.36 ? 106 GLU A N   1 
ATOM   822  C  CA  . GLU A 1 126 ? -8.950  3.152   6.150   1.00 20.29 ? 106 GLU A CA  1 
ATOM   823  C  C   . GLU A 1 126 ? -8.809  3.158   4.627   1.00 21.11 ? 106 GLU A C   1 
ATOM   824  O  O   . GLU A 1 126 ? -8.609  4.208   4.006   1.00 22.52 ? 106 GLU A O   1 
ATOM   825  C  CB  . GLU A 1 126 ? -10.381 3.395   6.637   1.00 20.16 ? 106 GLU A CB  1 
ATOM   826  C  CG  . GLU A 1 126 ? -10.539 2.883   8.026   1.00 21.51 ? 106 GLU A CG  1 
ATOM   827  C  CD  . GLU A 1 126 ? -11.825 3.278   8.698   1.00 36.79 ? 106 GLU A CD  1 
ATOM   828  O  OE1 . GLU A 1 126 ? -12.728 3.815   8.028   1.00 34.10 ? 106 GLU A OE1 1 
ATOM   829  O  OE2 . GLU A 1 126 ? -11.936 2.995   9.907   1.00 38.42 ? 106 GLU A OE2 1 
ATOM   830  N  N   . VAL A 1 127 ? -8.764  1.965   4.036   1.00 21.64 ? 107 VAL A N   1 
ATOM   831  C  CA  . VAL A 1 127 ? -8.642  1.806   2.572   1.00 22.33 ? 107 VAL A CA  1 
ATOM   832  C  C   . VAL A 1 127 ? -9.982  1.462   1.930   1.00 22.84 ? 107 VAL A C   1 
ATOM   833  O  O   . VAL A 1 127 ? -10.129 1.598   0.700   1.00 22.41 ? 107 VAL A O   1 
ATOM   834  C  CB  . VAL A 1 127 ? -7.550  0.744   2.160   1.00 19.24 ? 107 VAL A CB  1 
ATOM   835  C  CG1 . VAL A 1 127 ? -6.099  1.220   2.638   1.00 17.06 ? 107 VAL A CG1 1 
ATOM   836  C  CG2 . VAL A 1 127 ? -7.902  -0.673  2.663   1.00 26.12 ? 107 VAL A CG2 1 
ATOM   837  N  N   . ASN A 1 128 ? -10.936 0.998   2.762   1.00 19.44 ? 108 ASN A N   1 
ATOM   838  C  CA  . ASN A 1 128 ? -12.281 0.608   2.313   1.00 20.87 ? 108 ASN A CA  1 
ATOM   839  C  C   . ASN A 1 128 ? -13.342 1.359   3.121   1.00 21.63 ? 108 ASN A C   1 
ATOM   840  O  O   . ASN A 1 128 ? -13.113 1.758   4.261   1.00 20.21 ? 108 ASN A O   1 
ATOM   841  C  CB  . ASN A 1 128 ? -12.565 -0.909  2.416   1.00 18.14 ? 108 ASN A CB  1 
ATOM   842  C  CG  . ASN A 1 128 ? -11.712 -1.750  1.533   1.00 19.54 ? 108 ASN A CG  1 
ATOM   843  O  OD1 . ASN A 1 128 ? -11.355 -1.343  0.438   1.00 19.29 ? 108 ASN A OD1 1 
ATOM   844  N  ND2 . ASN A 1 128 ? -11.407 -2.985  1.990   1.00 17.33 ? 108 ASN A ND2 1 
ATOM   845  N  N   . GLY A 1 129 ? -14.496 1.557   2.492   1.00 22.56 ? 109 GLY A N   1 
ATOM   846  C  CA  . GLY A 1 129 ? -15.652 2.120   3.156   1.00 23.68 ? 109 GLY A CA  1 
ATOM   847  C  C   . GLY A 1 129 ? -15.764 3.634   3.044   1.00 23.15 ? 109 GLY A C   1 
ATOM   848  O  O   . GLY A 1 129 ? -14.983 4.293   2.360   1.00 19.37 ? 109 GLY A O   1 
ATOM   849  N  N   . GLN A 1 130 ? -16.761 4.155   3.746   1.00 19.47 ? 110 GLN A N   1 
ATOM   850  C  CA  . GLN A 1 130 ? -17.105 5.569   3.746   1.00 25.95 ? 110 GLN A CA  1 
ATOM   851  C  C   . GLN A 1 130 ? -15.914 6.518   4.025   1.00 22.05 ? 110 GLN A C   1 
ATOM   852  O  O   . GLN A 1 130 ? -15.825 7.571   3.429   1.00 25.39 ? 110 GLN A O   1 
ATOM   853  C  CB  . GLN A 1 130 ? -18.198 5.790   4.785   1.00 24.42 ? 110 GLN A CB  1 
ATOM   854  C  CG  . GLN A 1 130 ? -18.911 7.106   4.670   1.00 48.95 ? 110 GLN A CG  1 
ATOM   855  C  CD  . GLN A 1 130 ? -20.121 7.154   5.583   1.00 61.47 ? 110 GLN A CD  1 
ATOM   856  O  OE1 . GLN A 1 130 ? -20.200 6.414   6.574   1.00 64.33 ? 110 GLN A OE1 1 
ATOM   857  N  NE2 . GLN A 1 130 ? -21.079 8.009   5.248   1.00 74.32 ? 110 GLN A NE2 1 
ATOM   858  N  N   . ASN A 1 131 ? -15.004 6.129   4.905   1.00 21.70 ? 111 ASN A N   1 
ATOM   859  C  CA  . ASN A 1 131 ? -13.845 6.969   5.251   1.00 24.86 ? 111 ASN A CA  1 
ATOM   860  C  C   . ASN A 1 131 ? -12.536 6.548   4.613   1.00 21.52 ? 111 ASN A C   1 
ATOM   861  O  O   . ASN A 1 131 ? -11.472 6.830   5.131   1.00 23.55 ? 111 ASN A O   1 
ATOM   862  C  CB  . ASN A 1 131 ? -13.680 6.995   6.764   1.00 25.83 ? 111 ASN A CB  1 
ATOM   863  C  CG  . ASN A 1 131 ? -14.925 7.472   7.450   1.00 34.53 ? 111 ASN A CG  1 
ATOM   864  O  OD1 . ASN A 1 131 ? -15.416 6.818   8.361   1.00 36.34 ? 111 ASN A OD1 1 
ATOM   865  N  ND2 . ASN A 1 131 ? -15.486 8.589   6.971   1.00 27.04 ? 111 ASN A ND2 1 
ATOM   866  N  N   . GLU A 1 132 ? -12.611 5.859   3.494   1.00 26.17 ? 112 GLU A N   1 
ATOM   867  C  CA  . GLU A 1 132 ? -11.406 5.365   2.842   1.00 25.08 ? 112 GLU A CA  1 
ATOM   868  C  C   . GLU A 1 132 ? -10.516 6.545   2.403   1.00 22.15 ? 112 GLU A C   1 
ATOM   869  O  O   . GLU A 1 132 ? -10.997 7.600   2.052   1.00 21.60 ? 112 GLU A O   1 
ATOM   870  C  CB  . GLU A 1 132 ? -11.763 4.507   1.652   1.00 23.01 ? 112 GLU A CB  1 
ATOM   871  C  CG  . GLU A 1 132 ? -12.575 5.219   0.540   1.00 26.98 ? 112 GLU A CG  1 
ATOM   872  C  CD  . GLU A 1 132 ? -13.065 4.255   -0.545  1.00 27.70 ? 112 GLU A CD  1 
ATOM   873  O  OE1 . GLU A 1 132 ? -13.036 3.026   -0.327  1.00 29.68 ? 112 GLU A OE1 1 
ATOM   874  O  OE2 . GLU A 1 132 ? -13.477 4.726   -1.619  1.00 36.56 ? 112 GLU A OE2 1 
ATOM   875  N  N   . HIS A 1 133 ? -9.214  6.342   2.427   1.00 24.48 ? 113 HIS A N   1 
ATOM   876  C  CA  . HIS A 1 133 ? -8.266  7.397   2.139   1.00 22.51 ? 113 HIS A CA  1 
ATOM   877  C  C   . HIS A 1 133 ? -8.431  7.807   0.663   1.00 24.22 ? 113 HIS A C   1 
ATOM   878  O  O   . HIS A 1 133 ? -8.621  6.953   -0.197  1.00 18.48 ? 113 HIS A O   1 
ATOM   879  C  CB  . HIS A 1 133 ? -6.852  6.889   2.404   1.00 24.08 ? 113 HIS A CB  1 
ATOM   880  C  CG  . HIS A 1 133 ? -5.818  7.962   2.414   1.00 24.48 ? 113 HIS A CG  1 
ATOM   881  N  ND1 . HIS A 1 133 ? -5.476  8.675   1.284   1.00 23.01 ? 113 HIS A ND1 1 
ATOM   882  C  CD2 . HIS A 1 133 ? -5.050  8.446   3.417   1.00 26.81 ? 113 HIS A CD2 1 
ATOM   883  C  CE1 . HIS A 1 133 ? -4.558  9.569   1.598   1.00 27.36 ? 113 HIS A CE1 1 
ATOM   884  N  NE2 . HIS A 1 133 ? -4.259  9.432   2.880   1.00 30.67 ? 113 HIS A NE2 1 
ATOM   885  N  N   . PRO A 1 134 ? -8.387  9.119   0.368   1.00 20.45 ? 114 PRO A N   1 
ATOM   886  C  CA  . PRO A 1 134 ? -8.485  9.536   -1.038  1.00 20.59 ? 114 PRO A CA  1 
ATOM   887  C  C   . PRO A 1 134 ? -7.553  8.825   -2.016  1.00 21.22 ? 114 PRO A C   1 
ATOM   888  O  O   . PRO A 1 134 ? -7.928  8.640   -3.179  1.00 19.10 ? 114 PRO A O   1 
ATOM   889  C  CB  . PRO A 1 134 ? -8.201  11.039  -0.980  1.00 23.44 ? 114 PRO A CB  1 
ATOM   890  C  CG  . PRO A 1 134 ? -8.616  11.449  0.363   1.00 25.69 ? 114 PRO A CG  1 
ATOM   891  C  CD  . PRO A 1 134 ? -8.388  10.271  1.290   1.00 23.84 ? 114 PRO A CD  1 
ATOM   892  N  N   . VAL A 1 135 ? -6.368  8.419   -1.563  1.00 18.21 ? 115 VAL A N   1 
ATOM   893  C  CA  . VAL A 1 135 ? -5.396  7.707   -2.434  1.00 20.06 ? 115 VAL A CA  1 
ATOM   894  C  C   . VAL A 1 135 ? -5.970  6.361   -2.875  1.00 19.99 ? 115 VAL A C   1 
ATOM   895  O  O   . VAL A 1 135 ? -5.883  5.981   -4.058  1.00 21.91 ? 115 VAL A O   1 
ATOM   896  C  CB  . VAL A 1 135 ? -4.044  7.528   -1.704  1.00 20.28 ? 115 VAL A CB  1 
ATOM   897  C  CG1 . VAL A 1 135 ? -3.124  6.551   -2.420  1.00 16.89 ? 115 VAL A CG1 1 
ATOM   898  C  CG2 . VAL A 1 135 ? -3.380  8.893   -1.476  1.00 12.63 ? 115 VAL A CG2 1 
ATOM   899  N  N   . PHE A 1 136 ? -6.609  5.677   -1.928  1.00 21.07 ? 116 PHE A N   1 
ATOM   900  C  CA  . PHE A 1 136 ? -7.250  4.380   -2.201  1.00 21.34 ? 116 PHE A CA  1 
ATOM   901  C  C   . PHE A 1 136 ? -8.566  4.496   -2.947  1.00 21.42 ? 116 PHE A C   1 
ATOM   902  O  O   . PHE A 1 136 ? -8.818  3.698   -3.834  1.00 20.23 ? 116 PHE A O   1 
ATOM   903  C  CB  . PHE A 1 136 ? -7.326  3.517   -0.938  1.00 21.60 ? 116 PHE A CB  1 
ATOM   904  C  CG  . PHE A 1 136 ? -6.006  2.853   -0.627  1.00 20.92 ? 116 PHE A CG  1 
ATOM   905  C  CD1 . PHE A 1 136 ? -5.000  3.552   0.017   1.00 25.78 ? 116 PHE A CD1 1 
ATOM   906  C  CD2 . PHE A 1 136 ? -5.743  1.560   -1.066  1.00 20.85 ? 116 PHE A CD2 1 
ATOM   907  C  CE1 . PHE A 1 136 ? -3.774  2.960   0.250   1.00 21.19 ? 116 PHE A CE1 1 
ATOM   908  C  CE2 . PHE A 1 136 ? -4.524  0.964   -0.832  1.00 20.59 ? 116 PHE A CE2 1 
ATOM   909  C  CZ  . PHE A 1 136 ? -3.531  1.649   -0.179  1.00 21.74 ? 116 PHE A CZ  1 
ATOM   910  N  N   . ALA A 1 137 ? -9.354  5.537   -2.684  1.00 19.06 ? 117 ALA A N   1 
ATOM   911  C  CA  . ALA A 1 137 ? -10.508 5.807   -3.562  1.00 20.71 ? 117 ALA A CA  1 
ATOM   912  C  C   . ALA A 1 137 ? -10.070 5.954   -5.031  1.00 23.19 ? 117 ALA A C   1 
ATOM   913  O  O   . ALA A 1 137 ? -10.691 5.364   -5.939  1.00 21.15 ? 117 ALA A O   1 
ATOM   914  C  CB  . ALA A 1 137 ? -11.311 7.016   -3.080  1.00 17.46 ? 117 ALA A CB  1 
ATOM   915  N  N   . TYR A 1 138 ? -8.968  6.681   -5.250  1.00 20.48 ? 118 TYR A N   1 
ATOM   916  C  CA  . TYR A 1 138 ? -8.465  6.939   -6.575  1.00 21.07 ? 118 TYR A CA  1 
ATOM   917  C  C   . TYR A 1 138 ? -7.942  5.636   -7.227  1.00 19.80 ? 118 TYR A C   1 
ATOM   918  O  O   . TYR A 1 138 ? -8.284  5.299   -8.357  1.00 21.46 ? 118 TYR A O   1 
ATOM   919  C  CB  . TYR A 1 138 ? -7.340  8.004   -6.537  1.00 20.43 ? 118 TYR A CB  1 
ATOM   920  C  CG  . TYR A 1 138 ? -6.588  8.126   -7.866  1.00 20.68 ? 118 TYR A CG  1 
ATOM   921  C  CD1 . TYR A 1 138 ? -7.052  8.957   -8.867  1.00 18.95 ? 118 TYR A CD1 1 
ATOM   922  C  CD2 . TYR A 1 138 ? -5.435  7.386   -8.116  1.00 17.30 ? 118 TYR A CD2 1 
ATOM   923  C  CE1 . TYR A 1 138 ? -6.395  9.075   -10.071 1.00 27.05 ? 118 TYR A CE1 1 
ATOM   924  C  CE2 . TYR A 1 138 ? -4.746  7.517   -9.320  1.00 16.77 ? 118 TYR A CE2 1 
ATOM   925  C  CZ  . TYR A 1 138 ? -5.247  8.353   -10.295 1.00 20.84 ? 118 TYR A CZ  1 
ATOM   926  O  OH  . TYR A 1 138 ? -4.606  8.482   -11.506 1.00 23.32 ? 118 TYR A OH  1 
ATOM   927  N  N   . LEU A 1 139 ? -7.115  4.920   -6.503  1.00 19.48 ? 119 LEU A N   1 
ATOM   928  C  CA  . LEU A 1 139 ? -6.455  3.732   -7.055  1.00 21.17 ? 119 LEU A CA  1 
ATOM   929  C  C   . LEU A 1 139 ? -7.451  2.608   -7.352  1.00 21.51 ? 119 LEU A C   1 
ATOM   930  O  O   . LEU A 1 139 ? -7.315  1.931   -8.372  1.00 19.65 ? 119 LEU A O   1 
ATOM   931  C  CB  . LEU A 1 139 ? -5.342  3.235   -6.122  1.00 19.69 ? 119 LEU A CB  1 
ATOM   932  C  CG  . LEU A 1 139 ? -4.076  4.101   -6.016  1.00 24.33 ? 119 LEU A CG  1 
ATOM   933  C  CD1 . LEU A 1 139 ? -3.186  3.585   -4.860  1.00 19.51 ? 119 LEU A CD1 1 
ATOM   934  C  CD2 . LEU A 1 139 ? -3.261  4.190   -7.329  1.00 21.66 ? 119 LEU A CD2 1 
ATOM   935  N  N   . LYS A 1 140 ? -8.449  2.410   -6.489  1.00 17.66 ? 120 LYS A N   1 
ATOM   936  C  CA  . LYS A 1 140 ? -9.430  1.340   -6.702  1.00 21.85 ? 120 LYS A CA  1 
ATOM   937  C  C   . LYS A 1 140 ? -10.370 1.648   -7.868  1.00 21.22 ? 120 LYS A C   1 
ATOM   938  O  O   . LYS A 1 140 ? -10.929 0.749   -8.503  1.00 21.27 ? 120 LYS A O   1 
ATOM   939  C  CB  . LYS A 1 140 ? -10.240 1.038   -5.440  1.00 22.72 ? 120 LYS A CB  1 
ATOM   940  C  CG  . LYS A 1 140 ? -9.403  0.543   -4.287  1.00 20.64 ? 120 LYS A CG  1 
ATOM   941  C  CD  . LYS A 1 140 ? -10.251 0.128   -3.095  1.00 20.00 ? 120 LYS A CD  1 
ATOM   942  C  CE  . LYS A 1 140 ? -10.964 1.251   -2.460  1.00 19.91 ? 120 LYS A CE  1 
ATOM   943  N  NZ  . LYS A 1 140 ? -11.849 0.816   -1.318  1.00 19.30 ? 120 LYS A NZ  1 
ATOM   944  N  N   . ASP A 1 141 ? -10.526 2.926   -8.136  1.00 20.69 ? 121 ASP A N   1 
ATOM   945  C  CA  . ASP A 1 141 ? -11.281 3.392   -9.268  1.00 23.49 ? 121 ASP A CA  1 
ATOM   946  C  C   . ASP A 1 141 ? -10.535 3.167   -10.570 1.00 23.06 ? 121 ASP A C   1 
ATOM   947  O  O   . ASP A 1 141 ? -11.131 2.798   -11.566 1.00 18.69 ? 121 ASP A O   1 
ATOM   948  C  CB  . ASP A 1 141 ? -11.561 4.895   -9.118  1.00 22.13 ? 121 ASP A CB  1 
ATOM   949  C  CG  . ASP A 1 141 ? -12.491 5.399   -10.184 1.00 28.73 ? 121 ASP A CG  1 
ATOM   950  O  OD1 . ASP A 1 141 ? -13.667 4.957   -10.196 1.00 41.11 ? 121 ASP A OD1 1 
ATOM   951  O  OD2 . ASP A 1 141 ? -12.039 6.216   -11.014 1.00 32.62 ? 121 ASP A OD2 1 
ATOM   952  N  N   . LYS A 1 142 ? -9.225  3.439   -10.569 1.00 21.85 ? 122 LYS A N   1 
ATOM   953  C  CA  . LYS A 1 142 ? -8.417  3.208   -11.760 1.00 23.22 ? 122 LYS A CA  1 
ATOM   954  C  C   . LYS A 1 142 ? -8.139  1.735   -11.957 1.00 22.61 ? 122 LYS A C   1 
ATOM   955  O  O   . LYS A 1 142 ? -8.047  1.269   -13.069 1.00 23.65 ? 122 LYS A O   1 
ATOM   956  C  CB  . LYS A 1 142 ? -7.116  3.986   -11.671 1.00 21.30 ? 122 LYS A CB  1 
ATOM   957  C  CG  . LYS A 1 142 ? -7.327  5.465   -11.609 1.00 25.09 ? 122 LYS A CG  1 
ATOM   958  C  CD  . LYS A 1 142 ? -7.944  5.987   -12.890 1.00 32.92 ? 122 LYS A CD  1 
ATOM   959  C  CE  . LYS A 1 142 ? -7.915  7.487   -12.962 1.00 42.90 ? 122 LYS A CE  1 
ATOM   960  N  NZ  . LYS A 1 142 ? -7.910  7.959   -14.399 1.00 55.62 ? 122 LYS A NZ  1 
ATOM   961  N  N   . LEU A 1 143 ? -8.017  0.990   -10.865 1.00 24.67 ? 123 LEU A N   1 
ATOM   962  C  CA  . LEU A 1 143 ? -7.629  -0.415  -10.937 1.00 21.99 ? 123 LEU A CA  1 
ATOM   963  C  C   . LEU A 1 143 ? -8.573  -1.224  -10.042 1.00 23.32 ? 123 LEU A C   1 
ATOM   964  O  O   . LEU A 1 143 ? -8.200  -1.578  -8.910  1.00 22.27 ? 123 LEU A O   1 
ATOM   965  C  CB  . LEU A 1 143 ? -6.164  -0.572  -10.496 1.00 26.52 ? 123 LEU A CB  1 
ATOM   966  C  CG  . LEU A 1 143 ? -5.033  0.082   -11.313 1.00 25.14 ? 123 LEU A CG  1 
ATOM   967  C  CD1 . LEU A 1 143 ? -3.783  0.109   -10.439 1.00 24.71 ? 123 LEU A CD1 1 
ATOM   968  C  CD2 . LEU A 1 143 ? -4.819  -0.622  -12.693 1.00 17.20 ? 123 LEU A CD2 1 
ATOM   969  N  N   . PRO A 1 144 ? -9.814  -1.483  -10.530 1.00 22.31 ? 124 PRO A N   1 
ATOM   970  C  CA  . PRO A 1 144 ? -10.892 -2.057  -9.705  1.00 23.16 ? 124 PRO A CA  1 
ATOM   971  C  C   . PRO A 1 144 ? -10.715 -3.534  -9.282  1.00 22.67 ? 124 PRO A C   1 
ATOM   972  O  O   . PRO A 1 144 ? -11.427 -3.994  -8.393  1.00 19.83 ? 124 PRO A O   1 
ATOM   973  C  CB  . PRO A 1 144 ? -12.149 -1.857  -10.572 1.00 23.43 ? 124 PRO A CB  1 
ATOM   974  C  CG  . PRO A 1 144 ? -11.680 -1.638  -11.956 1.00 29.88 ? 124 PRO A CG  1 
ATOM   975  C  CD  . PRO A 1 144 ? -10.238 -1.232  -11.924 1.00 25.56 ? 124 PRO A CD  1 
ATOM   976  N  N   . TYR A 1 145 ? -9.787  -4.282  -9.892  1.00 26.09 ? 125 TYR A N   1 
ATOM   977  C  CA  . TYR A 1 145 ? -9.436  -5.607  -9.360  1.00 26.17 ? 125 TYR A CA  1 
ATOM   978  C  C   . TYR A 1 145 ? -7.987  -5.988  -9.584  1.00 24.70 ? 125 TYR A C   1 
ATOM   979  O  O   . TYR A 1 145 ? -7.350  -5.463  -10.478 1.00 25.23 ? 125 TYR A O   1 
ATOM   980  C  CB  . TYR A 1 145 ? -10.367 -6.693  -9.917  1.00 33.14 ? 125 TYR A CB  1 
ATOM   981  C  CG  . TYR A 1 145 ? -10.249 -6.804  -11.386 1.00 32.28 ? 125 TYR A CG  1 
ATOM   982  C  CD1 . TYR A 1 145 ? -9.181  -7.536  -11.961 1.00 40.42 ? 125 TYR A CD1 1 
ATOM   983  C  CD2 . TYR A 1 145 ? -11.153 -6.159  -12.220 1.00 35.79 ? 125 TYR A CD2 1 
ATOM   984  C  CE1 . TYR A 1 145 ? -9.016  -7.628  -13.339 1.00 46.96 ? 125 TYR A CE1 1 
ATOM   985  C  CE2 . TYR A 1 145 ? -11.006 -6.247  -13.628 1.00 48.66 ? 125 TYR A CE2 1 
ATOM   986  C  CZ  . TYR A 1 145 ? -9.935  -6.983  -14.170 1.00 44.68 ? 125 TYR A CZ  1 
ATOM   987  O  OH  . TYR A 1 145 ? -9.778  -7.087  -15.531 1.00 51.41 ? 125 TYR A OH  1 
ATOM   988  N  N   . PRO A 1 146 ? -7.469  -6.907  -8.752  1.00 22.89 ? 126 PRO A N   1 
ATOM   989  C  CA  . PRO A 1 146 ? -6.136  -7.432  -8.900  1.00 24.77 ? 126 PRO A CA  1 
ATOM   990  C  C   . PRO A 1 146 ? -5.975  -8.254  -10.165 1.00 25.50 ? 126 PRO A C   1 
ATOM   991  O  O   . PRO A 1 146 ? -6.777  -9.125  -10.447 1.00 22.45 ? 126 PRO A O   1 
ATOM   992  C  CB  . PRO A 1 146 ? -5.955  -8.330  -7.654  1.00 23.53 ? 126 PRO A CB  1 
ATOM   993  C  CG  . PRO A 1 146 ? -6.942  -7.812  -6.670  1.00 24.88 ? 126 PRO A CG  1 
ATOM   994  C  CD  . PRO A 1 146 ? -8.117  -7.466  -7.553  1.00 27.60 ? 126 PRO A CD  1 
ATOM   995  N  N   . TYR A 1 147 ? -4.913  -7.960  -10.890 1.00 25.83 ? 127 TYR A N   1 
ATOM   996  C  CA  . TYR A 1 147 ? -4.565  -8.629  -12.122 1.00 25.03 ? 127 TYR A CA  1 
ATOM   997  C  C   . TYR A 1 147 ? -4.461  -10.134 -11.983 1.00 22.22 ? 127 TYR A C   1 
ATOM   998  O  O   . TYR A 1 147 ? -4.934  -10.836 -12.854 1.00 23.84 ? 127 TYR A O   1 
ATOM   999  C  CB  . TYR A 1 147 ? -3.226  -8.075  -12.607 1.00 25.51 ? 127 TYR A CB  1 
ATOM   1000 C  CG  . TYR A 1 147 ? -2.788  -8.538  -13.964 1.00 28.67 ? 127 TYR A CG  1 
ATOM   1001 C  CD1 . TYR A 1 147 ? -3.404  -8.057  -15.099 1.00 34.84 ? 127 TYR A CD1 1 
ATOM   1002 C  CD2 . TYR A 1 147 ? -1.714  -9.410  -14.111 1.00 39.03 ? 127 TYR A CD2 1 
ATOM   1003 C  CE1 . TYR A 1 147 ? -2.997  -8.450  -16.361 1.00 36.55 ? 127 TYR A CE1 1 
ATOM   1004 C  CE2 . TYR A 1 147 ? -1.295  -9.816  -15.379 1.00 42.09 ? 127 TYR A CE2 1 
ATOM   1005 C  CZ  . TYR A 1 147 ? -1.951  -9.322  -16.497 1.00 38.86 ? 127 TYR A CZ  1 
ATOM   1006 O  OH  . TYR A 1 147 ? -1.562  -9.695  -17.766 1.00 45.39 ? 127 TYR A OH  1 
ATOM   1007 N  N   . ASP A 1 148 ? -3.818  -10.598 -10.910 1.00 22.20 ? 128 ASP A N   1 
ATOM   1008 C  CA  . ASP A 1 148 ? -3.505  -12.024 -10.667 1.00 25.63 ? 128 ASP A CA  1 
ATOM   1009 C  C   . ASP A 1 148 ? -4.677  -12.790 -10.057 1.00 26.68 ? 128 ASP A C   1 
ATOM   1010 O  O   . ASP A 1 148 ? -4.678  -13.998 -10.042 1.00 25.49 ? 128 ASP A O   1 
ATOM   1011 C  CB  . ASP A 1 148 ? -2.306  -12.163 -9.706  1.00 27.27 ? 128 ASP A CB  1 
ATOM   1012 C  CG  . ASP A 1 148 ? -2.536  -11.437 -8.369  1.00 25.56 ? 128 ASP A CG  1 
ATOM   1013 O  OD1 . ASP A 1 148 ? -2.387  -12.029 -7.285  1.00 18.56 ? 128 ASP A OD1 1 
ATOM   1014 O  OD2 . ASP A 1 148 ? -2.888  -10.256 -8.423  1.00 22.31 ? 128 ASP A OD2 1 
ATOM   1015 N  N   . ASP A 1 149 ? -5.633  -12.078 -9.476  1.00 28.12 ? 129 ASP A N   1 
ATOM   1016 C  CA  . ASP A 1 149 ? -6.770  -12.718 -8.825  1.00 26.21 ? 129 ASP A CA  1 
ATOM   1017 C  C   . ASP A 1 149 ? -7.905  -11.712 -8.833  1.00 24.41 ? 129 ASP A C   1 
ATOM   1018 O  O   . ASP A 1 149 ? -8.137  -10.991 -7.839  1.00 24.48 ? 129 ASP A O   1 
ATOM   1019 C  CB  . ASP A 1 149 ? -6.438  -13.137 -7.397  1.00 27.29 ? 129 ASP A CB  1 
ATOM   1020 C  CG  . ASP A 1 149 ? -7.627  -13.800 -6.694  1.00 32.92 ? 129 ASP A CG  1 
ATOM   1021 O  OD1 . ASP A 1 149 ? -8.742  -13.810 -7.270  1.00 27.74 ? 129 ASP A OD1 1 
ATOM   1022 O  OD2 . ASP A 1 149 ? -7.446  -14.312 -5.576  1.00 35.28 ? 129 ASP A OD2 1 
ATOM   1023 N  N   . PRO A 1 150 ? -8.598  -11.628 -9.969  1.00 26.05 ? 130 PRO A N   1 
ATOM   1024 C  CA  . PRO A 1 150 ? -9.652  -10.627 -10.124 1.00 26.22 ? 130 PRO A CA  1 
ATOM   1025 C  C   . PRO A 1 150 ? -10.928 -10.912 -9.305  1.00 26.42 ? 130 PRO A C   1 
ATOM   1026 O  O   . PRO A 1 150 ? -11.695 -10.020 -9.124  1.00 30.56 ? 130 PRO A O   1 
ATOM   1027 C  CB  . PRO A 1 150 ? -9.994  -10.694 -11.628 1.00 26.01 ? 130 PRO A CB  1 
ATOM   1028 C  CG  . PRO A 1 150 ? -9.058  -11.659 -12.255 1.00 29.90 ? 130 PRO A CG  1 
ATOM   1029 C  CD  . PRO A 1 150 ? -8.438  -12.472 -11.162 1.00 24.24 ? 130 PRO A CD  1 
ATOM   1030 N  N   . PHE A 1 151 ? -11.175 -12.131 -8.842  1.00 22.69 ? 131 PHE A N   1 
ATOM   1031 C  CA  . PHE A 1 151 ? -12.501 -12.477 -8.276  1.00 26.92 ? 131 PHE A CA  1 
ATOM   1032 C  C   . PHE A 1 151 ? -12.602 -12.658 -6.769  1.00 25.99 ? 131 PHE A C   1 
ATOM   1033 O  O   . PHE A 1 151 ? -13.679 -12.478 -6.210  1.00 22.87 ? 131 PHE A O   1 
ATOM   1034 C  CB  . PHE A 1 151 ? -13.002 -13.738 -8.941  1.00 36.53 ? 131 PHE A CB  1 
ATOM   1035 C  CG  . PHE A 1 151 ? -12.967 -13.666 -10.434 1.00 46.70 ? 131 PHE A CG  1 
ATOM   1036 C  CD1 . PHE A 1 151 ? -12.096 -14.473 -11.164 1.00 51.66 ? 131 PHE A CD1 1 
ATOM   1037 C  CD2 . PHE A 1 151 ? -13.770 -12.735 -11.109 1.00 54.55 ? 131 PHE A CD2 1 
ATOM   1038 C  CE1 . PHE A 1 151 ? -12.053 -14.384 -12.559 1.00 57.37 ? 131 PHE A CE1 1 
ATOM   1039 C  CE2 . PHE A 1 151 ? -13.733 -12.633 -12.497 1.00 54.04 ? 131 PHE A CE2 1 
ATOM   1040 C  CZ  . PHE A 1 151 ? -12.876 -13.464 -13.225 1.00 53.72 ? 131 PHE A CZ  1 
ATOM   1041 N  N   . SER A 1 152 ? -11.513 -13.050 -6.102  1.00 25.65 ? 132 SER A N   1 
ATOM   1042 C  CA  . SER A 1 152 ? -11.595 -13.364 -4.672  1.00 22.73 ? 132 SER A CA  1 
ATOM   1043 C  C   . SER A 1 152 ? -11.830 -12.080 -3.930  1.00 21.82 ? 132 SER A C   1 
ATOM   1044 O  O   . SER A 1 152 ? -11.300 -11.041 -4.318  1.00 23.58 ? 132 SER A O   1 
ATOM   1045 C  CB  . SER A 1 152 ? -10.297 -13.974 -4.155  1.00 22.75 ? 132 SER A CB  1 
ATOM   1046 O  OG  . SER A 1 152 ? -9.949  -15.085 -4.906  1.00 25.97 ? 132 SER A OG  1 
ATOM   1047 N  N   . LEU A 1 153 ? -12.642 -12.134 -2.884  1.00 24.12 ? 133 LEU A N   1 
ATOM   1048 C  CA  . LEU A 1 153 ? -12.791 -10.996 -1.984  1.00 23.06 ? 133 LEU A CA  1 
ATOM   1049 C  C   . LEU A 1 153 ? -12.543 -11.428 -0.526  1.00 21.65 ? 133 LEU A C   1 
ATOM   1050 O  O   . LEU A 1 153 ? -11.738 -10.820 0.153   1.00 26.20 ? 133 LEU A O   1 
ATOM   1051 C  CB  . LEU A 1 153 ? -14.151 -10.294 -2.158  1.00 20.79 ? 133 LEU A CB  1 
ATOM   1052 C  CG  . LEU A 1 153 ? -14.360 -8.940  -1.436  1.00 30.14 ? 133 LEU A CG  1 
ATOM   1053 C  CD1 . LEU A 1 153 ? -13.220 -7.924  -1.752  1.00 23.43 ? 133 LEU A CD1 1 
ATOM   1054 C  CD2 . LEU A 1 153 ? -15.752 -8.346  -1.741  1.00 20.79 ? 133 LEU A CD2 1 
ATOM   1055 N  N   . MET A 1 154 ? -13.230 -12.460 -0.047  1.00 23.54 ? 134 MET A N   1 
ATOM   1056 C  CA  . MET A 1 154 ? -13.071 -12.913 1.344   1.00 19.84 ? 134 MET A CA  1 
ATOM   1057 C  C   . MET A 1 154 ? -13.684 -14.293 1.532   1.00 19.21 ? 134 MET A C   1 
ATOM   1058 O  O   . MET A 1 154 ? -14.795 -14.522 1.142   1.00 22.36 ? 134 MET A O   1 
ATOM   1059 C  CB  . MET A 1 154 ? -13.738 -11.916 2.326   1.00 21.13 ? 134 MET A CB  1 
ATOM   1060 C  CG  . MET A 1 154 ? -13.230 -12.008 3.768   1.00 24.21 ? 134 MET A CG  1 
ATOM   1061 S  SD  . MET A 1 154 ? -11.667 -11.103 4.021   1.00 23.07 ? 134 MET A SD  1 
ATOM   1062 C  CE  . MET A 1 154 ? -12.167 -9.355  3.955   1.00 23.18 ? 134 MET A CE  1 
ATOM   1063 N  N   . THR A 1 155 ? -12.972 -15.195 2.179   1.00 19.48 ? 135 THR A N   1 
ATOM   1064 C  CA  . THR A 1 155 ? -13.524 -16.503 2.480   1.00 21.93 ? 135 THR A CA  1 
ATOM   1065 C  C   . THR A 1 155 ? -14.561 -16.389 3.624   1.00 23.19 ? 135 THR A C   1 
ATOM   1066 O  O   . THR A 1 155 ? -15.684 -16.870 3.511   1.00 27.18 ? 135 THR A O   1 
ATOM   1067 C  CB  . THR A 1 155 ? -12.391 -17.490 2.793   1.00 23.64 ? 135 THR A CB  1 
ATOM   1068 O  OG1 . THR A 1 155 ? -11.541 -17.540 1.647   1.00 28.14 ? 135 THR A OG1 1 
ATOM   1069 C  CG2 . THR A 1 155 ? -12.937 -18.918 3.078   1.00 22.88 ? 135 THR A CG2 1 
ATOM   1070 N  N   . ASP A 1 156 ? -14.193 -15.705 4.693   1.00 22.01 ? 136 ASP A N   1 
ATOM   1071 C  CA  . ASP A 1 156 ? -15.046 -15.582 5.868   1.00 20.18 ? 136 ASP A CA  1 
ATOM   1072 C  C   . ASP A 1 156 ? -15.731 -14.216 5.842   1.00 16.38 ? 136 ASP A C   1 
ATOM   1073 O  O   . ASP A 1 156 ? -15.069 -13.198 6.024   1.00 21.12 ? 136 ASP A O   1 
ATOM   1074 C  CB  . ASP A 1 156 ? -14.204 -15.748 7.139   1.00 23.70 ? 136 ASP A CB  1 
ATOM   1075 C  CG  . ASP A 1 156 ? -15.002 -15.530 8.432   1.00 30.13 ? 136 ASP A CG  1 
ATOM   1076 O  OD1 . ASP A 1 156 ? -16.259 -15.431 8.394   1.00 28.52 ? 136 ASP A OD1 1 
ATOM   1077 O  OD2 . ASP A 1 156 ? -14.345 -15.474 9.499   1.00 31.11 ? 136 ASP A OD2 1 
ATOM   1078 N  N   . PRO A 1 157 ? -17.062 -14.189 5.595   1.00 14.94 ? 137 PRO A N   1 
ATOM   1079 C  CA  . PRO A 1 157 ? -17.775 -12.930 5.430   1.00 18.46 ? 137 PRO A CA  1 
ATOM   1080 C  C   . PRO A 1 157 ? -17.750 -12.057 6.696   1.00 21.63 ? 137 PRO A C   1 
ATOM   1081 O  O   . PRO A 1 157 ? -17.930 -10.847 6.600   1.00 20.39 ? 137 PRO A O   1 
ATOM   1082 C  CB  . PRO A 1 157 ? -19.196 -13.388 5.052   1.00 13.05 ? 137 PRO A CB  1 
ATOM   1083 C  CG  . PRO A 1 157 ? -19.319 -14.738 5.729   1.00 17.57 ? 137 PRO A CG  1 
ATOM   1084 C  CD  . PRO A 1 157 ? -17.972 -15.339 5.457   1.00 15.97 ? 137 PRO A CD  1 
ATOM   1085 N  N   . LYS A 1 158 ? -17.483 -12.662 7.859   1.00 20.50 ? 138 LYS A N   1 
ATOM   1086 C  CA  . LYS A 1 158 ? -17.380 -11.922 9.115   1.00 26.01 ? 138 LYS A CA  1 
ATOM   1087 C  C   . LYS A 1 158 ? -16.223 -10.947 9.158   1.00 20.45 ? 138 LYS A C   1 
ATOM   1088 O  O   . LYS A 1 158 ? -16.268 -10.014 9.933   1.00 23.66 ? 138 LYS A O   1 
ATOM   1089 C  CB  . LYS A 1 158 ? -17.234 -12.870 10.308  1.00 24.95 ? 138 LYS A CB  1 
ATOM   1090 C  CG  . LYS A 1 158 ? -18.505 -13.604 10.638  1.00 31.39 ? 138 LYS A CG  1 
ATOM   1091 C  CD  . LYS A 1 158 ? -18.422 -14.248 12.067  1.00 38.37 ? 138 LYS A CD  1 
ATOM   1092 C  CE  . LYS A 1 158 ? -17.142 -15.102 12.297  1.00 46.49 ? 138 LYS A CE  1 
ATOM   1093 N  NZ  . LYS A 1 158 ? -16.939 -16.190 11.273  1.00 39.00 ? 138 LYS A NZ  1 
ATOM   1094 N  N   . LEU A 1 159 ? -15.206 -11.184 8.328   1.00 21.68 ? 139 LEU A N   1 
ATOM   1095 C  CA  . LEU A 1 159 ? -14.026 -10.325 8.209   1.00 20.35 ? 139 LEU A CA  1 
ATOM   1096 C  C   . LEU A 1 159 ? -14.263 -9.083  7.364   1.00 20.34 ? 139 LEU A C   1 
ATOM   1097 O  O   . LEU A 1 159 ? -13.425 -8.159  7.357   1.00 23.08 ? 139 LEU A O   1 
ATOM   1098 C  CB  . LEU A 1 159 ? -12.832 -11.126 7.656   1.00 18.14 ? 139 LEU A CB  1 
ATOM   1099 C  CG  . LEU A 1 159 ? -12.301 -12.262 8.548   1.00 26.82 ? 139 LEU A CG  1 
ATOM   1100 C  CD1 . LEU A 1 159 ? -11.213 -13.130 7.834   1.00 23.41 ? 139 LEU A CD1 1 
ATOM   1101 C  CD2 . LEU A 1 159 ? -11.783 -11.723 9.892   1.00 19.94 ? 139 LEU A CD2 1 
ATOM   1102 N  N   . ILE A 1 160 ? -15.421 -9.006  6.720   1.00 17.41 ? 140 ILE A N   1 
ATOM   1103 C  CA  . ILE A 1 160 ? -15.831 -7.772  6.040   1.00 20.29 ? 140 ILE A CA  1 
ATOM   1104 C  C   . ILE A 1 160 ? -16.554 -6.883  7.060   1.00 20.19 ? 140 ILE A C   1 
ATOM   1105 O  O   . ILE A 1 160 ? -17.695 -7.151  7.463   1.00 22.42 ? 140 ILE A O   1 
ATOM   1106 C  CB  . ILE A 1 160 ? -16.708 -8.061  4.813   1.00 20.49 ? 140 ILE A CB  1 
ATOM   1107 C  CG1 . ILE A 1 160 ? -15.969 -8.961  3.845   1.00 21.79 ? 140 ILE A CG1 1 
ATOM   1108 C  CG2 . ILE A 1 160 ? -17.077 -6.765  4.098   1.00 14.99 ? 140 ILE A CG2 1 
ATOM   1109 C  CD1 . ILE A 1 160 ? -16.852 -9.492  2.741   1.00 21.89 ? 140 ILE A CD1 1 
ATOM   1110 N  N   . ILE A 1 161 ? -15.860 -5.843  7.504   1.00 21.36 ? 141 ILE A N   1 
ATOM   1111 C  CA  . ILE A 1 161 ? -16.299 -5.091  8.644   1.00 25.24 ? 141 ILE A CA  1 
ATOM   1112 C  C   . ILE A 1 161 ? -16.628 -3.641  8.316   1.00 23.47 ? 141 ILE A C   1 
ATOM   1113 O  O   . ILE A 1 161 ? -17.193 -2.957  9.157   1.00 22.49 ? 141 ILE A O   1 
ATOM   1114 C  CB  . ILE A 1 161 ? -15.291 -5.183  9.830   1.00 24.68 ? 141 ILE A CB  1 
ATOM   1115 C  CG1 . ILE A 1 161 ? -13.909 -4.644  9.436   1.00 29.70 ? 141 ILE A CG1 1 
ATOM   1116 C  CG2 . ILE A 1 161 ? -15.256 -6.661  10.409  1.00 20.67 ? 141 ILE A CG2 1 
ATOM   1117 C  CD1 . ILE A 1 161 ? -12.969 -4.393  10.628  1.00 29.64 ? 141 ILE A CD1 1 
ATOM   1118 N  N   . TRP A 1 162 ? -16.351 -3.226  7.081   1.00 21.99 ? 142 TRP A N   1 
ATOM   1119 C  CA  . TRP A 1 162 ? -16.521 -1.848  6.647   1.00 20.94 ? 142 TRP A CA  1 
ATOM   1120 C  C   . TRP A 1 162 ? -17.854 -1.633  5.918   1.00 18.68 ? 142 TRP A C   1 
ATOM   1121 O  O   . TRP A 1 162 ? -18.564 -2.574  5.557   1.00 22.60 ? 142 TRP A O   1 
ATOM   1122 C  CB  . TRP A 1 162 ? -15.312 -1.403  5.772   1.00 18.79 ? 142 TRP A CB  1 
ATOM   1123 C  CG  . TRP A 1 162 ? -15.085 -2.279  4.622   1.00 17.58 ? 142 TRP A CG  1 
ATOM   1124 C  CD1 . TRP A 1 162 ? -15.671 -2.178  3.383   1.00 19.62 ? 142 TRP A CD1 1 
ATOM   1125 C  CD2 . TRP A 1 162 ? -14.272 -3.467  4.581   1.00 18.65 ? 142 TRP A CD2 1 
ATOM   1126 N  NE1 . TRP A 1 162 ? -15.281 -3.232  2.593   1.00 19.95 ? 142 TRP A NE1 1 
ATOM   1127 C  CE2 . TRP A 1 162 ? -14.436 -4.042  3.302   1.00 18.33 ? 142 TRP A CE2 1 
ATOM   1128 C  CE3 . TRP A 1 162 ? -13.451 -4.115  5.516   1.00 14.43 ? 142 TRP A CE3 1 
ATOM   1129 C  CZ2 . TRP A 1 162 ? -13.753 -5.199  2.903   1.00 18.92 ? 142 TRP A CZ2 1 
ATOM   1130 C  CZ3 . TRP A 1 162 ? -12.773 -5.290  5.113   1.00 24.73 ? 142 TRP A CZ3 1 
ATOM   1131 C  CH2 . TRP A 1 162 ? -12.943 -5.811  3.823   1.00 17.06 ? 142 TRP A CH2 1 
ATOM   1132 N  N   . SER A 1 163 ? -18.168 -0.363  5.691   1.00 20.62 ? 143 SER A N   1 
ATOM   1133 C  CA  . SER A 1 163 ? -19.399 0.041   5.066   1.00 21.22 ? 143 SER A CA  1 
ATOM   1134 C  C   . SER A 1 163 ? -19.180 1.352   4.271   1.00 20.43 ? 143 SER A C   1 
ATOM   1135 O  O   . SER A 1 163 ? -18.558 2.279   4.760   1.00 24.12 ? 143 SER A O   1 
ATOM   1136 C  CB  . SER A 1 163 ? -20.491 0.216   6.132   1.00 21.25 ? 143 SER A CB  1 
ATOM   1137 O  OG  . SER A 1 163 ? -21.718 0.566   5.502   1.00 20.85 ? 143 SER A OG  1 
ATOM   1138 N  N   . PRO A 1 164 ? -19.647 1.416   3.013   1.00 21.19 ? 144 PRO A N   1 
ATOM   1139 C  CA  . PRO A 1 164 ? -20.235 0.322   2.261   1.00 17.58 ? 144 PRO A CA  1 
ATOM   1140 C  C   . PRO A 1 164 ? -19.157 -0.623  1.738   1.00 17.71 ? 144 PRO A C   1 
ATOM   1141 O  O   . PRO A 1 164 ? -17.955 -0.310  1.717   1.00 17.40 ? 144 PRO A O   1 
ATOM   1142 C  CB  . PRO A 1 164 ? -20.952 1.032   1.113   1.00 20.47 ? 144 PRO A CB  1 
ATOM   1143 C  CG  . PRO A 1 164 ? -20.139 2.245   0.846   1.00 23.59 ? 144 PRO A CG  1 
ATOM   1144 C  CD  . PRO A 1 164 ? -19.574 2.655   2.215   1.00 22.81 ? 144 PRO A CD  1 
ATOM   1145 N  N   . VAL A 1 165 ? -19.612 -1.791  1.319   1.00 16.08 ? 145 VAL A N   1 
ATOM   1146 C  CA  . VAL A 1 165 ? -18.783 -2.789  0.655   1.00 17.51 ? 145 VAL A CA  1 
ATOM   1147 C  C   . VAL A 1 165 ? -18.994 -2.643  -0.853  1.00 17.00 ? 145 VAL A C   1 
ATOM   1148 O  O   . VAL A 1 165 ? -20.139 -2.540  -1.340  1.00 14.02 ? 145 VAL A O   1 
ATOM   1149 C  CB  . VAL A 1 165 ? -19.171 -4.208  1.116   1.00 15.61 ? 145 VAL A CB  1 
ATOM   1150 C  CG1 . VAL A 1 165 ? -18.139 -5.267  0.636   1.00 14.47 ? 145 VAL A CG1 1 
ATOM   1151 C  CG2 . VAL A 1 165 ? -19.356 -4.238  2.652   1.00 9.55  ? 145 VAL A CG2 1 
ATOM   1152 N  N   . ARG A 1 166 ? -17.869 -2.563  -1.554  1.00 18.82 ? 146 ARG A N   1 
ATOM   1153 C  CA  A ARG A 1 166 ? -17.833 -2.397  -3.008  0.50 20.12 ? 146 ARG A CA  1 
ATOM   1154 C  CA  B ARG A 1 166 ? -17.827 -2.405  -3.017  0.50 21.31 ? 146 ARG A CA  1 
ATOM   1155 C  C   . ARG A 1 166 ? -16.993 -3.526  -3.646  1.00 18.83 ? 146 ARG A C   1 
ATOM   1156 O  O   . ARG A 1 166 ? -16.123 -4.118  -2.994  1.00 16.91 ? 146 ARG A O   1 
ATOM   1157 C  CB  A ARG A 1 166 ? -17.297 -0.998  -3.366  0.50 20.38 ? 146 ARG A CB  1 
ATOM   1158 C  CB  B ARG A 1 166 ? -17.278 -1.022  -3.411  0.50 21.83 ? 146 ARG A CB  1 
ATOM   1159 C  CG  A ARG A 1 166 ? -18.013 0.157   -2.614  0.50 19.47 ? 146 ARG A CG  1 
ATOM   1160 C  CG  B ARG A 1 166 ? -18.296 0.101   -3.261  0.50 27.51 ? 146 ARG A CG  1 
ATOM   1161 C  CD  A ARG A 1 166 ? -17.516 1.516   -3.067  0.50 25.12 ? 146 ARG A CD  1 
ATOM   1162 C  CD  B ARG A 1 166 ? -17.681 1.480   -3.388  0.50 27.43 ? 146 ARG A CD  1 
ATOM   1163 N  NE  A ARG A 1 166 ? -18.472 2.599   -2.807  0.50 39.71 ? 146 ARG A NE  1 
ATOM   1164 N  NE  B ARG A 1 166 ? -17.086 1.747   -4.704  0.50 35.97 ? 146 ARG A NE  1 
ATOM   1165 C  CZ  A ARG A 1 166 ? -18.241 3.892   -3.063  0.50 36.04 ? 146 ARG A CZ  1 
ATOM   1166 C  CZ  B ARG A 1 166 ? -17.681 2.373   -5.725  0.50 39.54 ? 146 ARG A CZ  1 
ATOM   1167 N  NH1 A ARG A 1 166 ? -17.073 4.303   -3.546  0.50 36.60 ? 146 ARG A NH1 1 
ATOM   1168 N  NH1 B ARG A 1 166 ? -18.939 2.807   -5.656  0.50 40.21 ? 146 ARG A NH1 1 
ATOM   1169 N  NH2 A ARG A 1 166 ? -19.185 4.785   -2.805  0.50 38.15 ? 146 ARG A NH2 1 
ATOM   1170 N  NH2 B ARG A 1 166 ? -17.004 2.548   -6.850  0.50 42.50 ? 146 ARG A NH2 1 
ATOM   1171 N  N   . ARG A 1 167 ? -17.294 -3.841  -4.902  1.00 19.73 ? 147 ARG A N   1 
ATOM   1172 C  CA  . ARG A 1 167 ? -16.671 -4.968  -5.634  1.00 16.88 ? 147 ARG A CA  1 
ATOM   1173 C  C   . ARG A 1 167 ? -15.164 -4.782  -5.829  1.00 17.09 ? 147 ARG A C   1 
ATOM   1174 O  O   . ARG A 1 167 ? -14.414 -5.742  -5.966  1.00 20.96 ? 147 ARG A O   1 
ATOM   1175 C  CB  . ARG A 1 167 ? -17.347 -5.137  -7.001  1.00 15.74 ? 147 ARG A CB  1 
ATOM   1176 C  CG  . ARG A 1 167 ? -18.837 -5.371  -6.952  1.00 12.54 ? 147 ARG A CG  1 
ATOM   1177 C  CD  . ARG A 1 167 ? -19.404 -5.624  -8.338  1.00 10.70 ? 147 ARG A CD  1 
ATOM   1178 N  NE  . ARG A 1 167 ? -20.850 -5.774  -8.307  1.00 17.28 ? 147 ARG A NE  1 
ATOM   1179 C  CZ  . ARG A 1 167 ? -21.480 -6.911  -8.010  1.00 20.27 ? 147 ARG A CZ  1 
ATOM   1180 N  NH1 . ARG A 1 167 ? -20.791 -7.996  -7.737  1.00 13.37 ? 147 ARG A NH1 1 
ATOM   1181 N  NH2 . ARG A 1 167 ? -22.803 -6.952  -7.946  1.00 12.64 ? 147 ARG A NH2 1 
ATOM   1182 N  N   . SER A 1 168 ? -14.740 -3.530  -5.848  1.00 18.29 ? 148 SER A N   1 
ATOM   1183 C  CA  . SER A 1 168 ? -13.354 -3.150  -5.987  1.00 16.63 ? 148 SER A CA  1 
ATOM   1184 C  C   . SER A 1 168 ? -12.572 -3.061  -4.689  1.00 15.94 ? 148 SER A C   1 
ATOM   1185 O  O   . SER A 1 168 ? -11.402 -2.695  -4.690  1.00 18.10 ? 148 SER A O   1 
ATOM   1186 C  CB  . SER A 1 168 ? -13.291 -1.794  -6.700  1.00 17.46 ? 148 SER A CB  1 
ATOM   1187 O  OG  . SER A 1 168 ? -14.088 -0.808  -6.055  1.00 21.99 ? 148 SER A OG  1 
ATOM   1188 N  N   . ASP A 1 169 ? -13.194 -3.385  -3.569  1.00 17.40 ? 149 ASP A N   1 
ATOM   1189 C  CA  . ASP A 1 169 ? -12.532 -3.222  -2.280  1.00 17.22 ? 149 ASP A CA  1 
ATOM   1190 C  C   . ASP A 1 169 ? -11.223 -4.011  -2.106  1.00 17.45 ? 149 ASP A C   1 
ATOM   1191 O  O   . ASP A 1 169 ? -11.050 -5.141  -2.632  1.00 18.38 ? 149 ASP A O   1 
ATOM   1192 C  CB  . ASP A 1 169 ? -13.509 -3.568  -1.160  1.00 20.30 ? 149 ASP A CB  1 
ATOM   1193 C  CG  . ASP A 1 169 ? -14.529 -2.462  -0.891  1.00 16.42 ? 149 ASP A CG  1 
ATOM   1194 O  OD1 . ASP A 1 169 ? -14.396 -1.313  -1.409  1.00 20.68 ? 149 ASP A OD1 1 
ATOM   1195 O  OD2 . ASP A 1 169 ? -15.479 -2.764  -0.142  1.00 21.43 ? 149 ASP A OD2 1 
ATOM   1196 N  N   . VAL A 1 170 ? -10.275 -3.401  -1.397  1.00 17.11 ? 150 VAL A N   1 
ATOM   1197 C  CA  . VAL A 1 170 ? -9.106  -4.140  -0.933  1.00 17.66 ? 150 VAL A CA  1 
ATOM   1198 C  C   . VAL A 1 170 ? -9.564  -5.346  -0.089  1.00 17.30 ? 150 VAL A C   1 
ATOM   1199 O  O   . VAL A 1 170 ? -10.441 -5.222  0.764   1.00 19.22 ? 150 VAL A O   1 
ATOM   1200 C  CB  . VAL A 1 170 ? -8.107  -3.224  -0.206  1.00 18.98 ? 150 VAL A CB  1 
ATOM   1201 C  CG1 . VAL A 1 170 ? -6.972  -4.040  0.472   1.00 17.16 ? 150 VAL A CG1 1 
ATOM   1202 C  CG2 . VAL A 1 170 ? -7.545  -2.235  -1.187  1.00 18.03 ? 150 VAL A CG2 1 
ATOM   1203 N  N   . ALA A 1 171 ? -8.971  -6.506  -0.370  1.00 16.94 ? 151 ALA A N   1 
ATOM   1204 C  CA  . ALA A 1 171 ? -9.430  -7.784  0.151   1.00 20.11 ? 151 ALA A CA  1 
ATOM   1205 C  C   . ALA A 1 171 ? -8.713  -8.209  1.446   1.00 23.97 ? 151 ALA A C   1 
ATOM   1206 O  O   . ALA A 1 171 ? -9.295  -8.883  2.280   1.00 21.21 ? 151 ALA A O   1 
ATOM   1207 C  CB  . ALA A 1 171 ? -9.311  -8.886  -0.938  1.00 15.73 ? 151 ALA A CB  1 
ATOM   1208 N  N   . TRP A 1 172 ? -7.458  -7.811  1.604   1.00 21.42 ? 152 TRP A N   1 
ATOM   1209 C  CA  . TRP A 1 172 ? -6.701  -8.115  2.794   1.00 17.95 ? 152 TRP A CA  1 
ATOM   1210 C  C   . TRP A 1 172 ? -5.523  -7.160  2.901   1.00 20.61 ? 152 TRP A C   1 
ATOM   1211 O  O   . TRP A 1 172 ? -5.322  -6.253  2.053   1.00 20.65 ? 152 TRP A O   1 
ATOM   1212 C  CB  . TRP A 1 172 ? -6.231  -9.589  2.786   1.00 20.14 ? 152 TRP A CB  1 
ATOM   1213 C  CG  . TRP A 1 172 ? -5.972  -10.139 4.151   1.00 20.44 ? 152 TRP A CG  1 
ATOM   1214 C  CD1 . TRP A 1 172 ? -4.751  -10.559 4.664   1.00 22.61 ? 152 TRP A CD1 1 
ATOM   1215 C  CD2 . TRP A 1 172 ? -6.923  -10.308 5.217   1.00 23.40 ? 152 TRP A CD2 1 
ATOM   1216 N  NE1 . TRP A 1 172 ? -4.904  -10.981 5.960   1.00 23.41 ? 152 TRP A NE1 1 
ATOM   1217 C  CE2 . TRP A 1 172 ? -6.216  -10.844 6.331   1.00 20.85 ? 152 TRP A CE2 1 
ATOM   1218 C  CE3 . TRP A 1 172 ? -8.294  -10.066 5.344   1.00 20.53 ? 152 TRP A CE3 1 
ATOM   1219 C  CZ2 . TRP A 1 172 ? -6.843  -11.142 7.546   1.00 21.94 ? 152 TRP A CZ2 1 
ATOM   1220 C  CZ3 . TRP A 1 172 ? -8.910  -10.335 6.558   1.00 21.19 ? 152 TRP A CZ3 1 
ATOM   1221 C  CH2 . TRP A 1 172 ? -8.182  -10.889 7.641   1.00 19.87 ? 152 TRP A CH2 1 
ATOM   1222 N  N   . ASN A 1 173 ? -4.758  -7.339  3.971   1.00 20.93 ? 153 ASN A N   1 
ATOM   1223 C  CA  . ASN A 1 173 ? -3.508  -6.617  4.137   1.00 22.57 ? 153 ASN A CA  1 
ATOM   1224 C  C   . ASN A 1 173 ? -2.623  -6.931  2.942   1.00 22.66 ? 153 ASN A C   1 
ATOM   1225 O  O   . ASN A 1 173 ? -2.674  -8.052  2.429   1.00 19.18 ? 153 ASN A O   1 
ATOM   1226 C  CB  . ASN A 1 173 ? -2.814  -7.051  5.441   1.00 24.06 ? 153 ASN A CB  1 
ATOM   1227 C  CG  . ASN A 1 173 ? -3.673  -6.842  6.636   1.00 22.39 ? 153 ASN A CG  1 
ATOM   1228 O  OD1 . ASN A 1 173 ? -4.072  -5.708  6.931   1.00 19.83 ? 153 ASN A OD1 1 
ATOM   1229 N  ND2 . ASN A 1 173 ? -4.024  -7.932  7.318   1.00 20.44 ? 153 ASN A ND2 1 
ATOM   1230 N  N   . PHE A 1 174 ? -1.826  -5.955  2.519   1.00 21.45 ? 154 PHE A N   1 
ATOM   1231 C  CA  . PHE A 1 174 ? -0.844  -6.136  1.438   1.00 23.18 ? 154 PHE A CA  1 
ATOM   1232 C  C   . PHE A 1 174 ? -1.406  -6.460  0.035   1.00 20.43 ? 154 PHE A C   1 
ATOM   1233 O  O   . PHE A 1 174 ? -0.908  -7.326  -0.681  1.00 19.05 ? 154 PHE A O   1 
ATOM   1234 C  CB  . PHE A 1 174 ? 0.243   -7.124  1.858   1.00 21.29 ? 154 PHE A CB  1 
ATOM   1235 C  CG  . PHE A 1 174 ? 0.963   -6.733  3.139   1.00 21.24 ? 154 PHE A CG  1 
ATOM   1236 C  CD1 . PHE A 1 174 ? 1.991   -5.795  3.116   1.00 25.99 ? 154 PHE A CD1 1 
ATOM   1237 C  CD2 . PHE A 1 174 ? 0.628   -7.328  4.354   1.00 29.05 ? 154 PHE A CD2 1 
ATOM   1238 C  CE1 . PHE A 1 174 ? 2.659   -5.437  4.288   1.00 24.64 ? 154 PHE A CE1 1 
ATOM   1239 C  CE2 . PHE A 1 174 ? 1.295   -7.001  5.522   1.00 27.50 ? 154 PHE A CE2 1 
ATOM   1240 C  CZ  . PHE A 1 174 ? 2.314   -6.058  5.495   1.00 19.77 ? 154 PHE A CZ  1 
ATOM   1241 N  N   . GLU A 1 175 ? -2.409  -5.704  -0.380  1.00 20.71 ? 155 GLU A N   1 
ATOM   1242 C  CA  . GLU A 1 175 ? -2.609  -5.489  -1.798  1.00 18.47 ? 155 GLU A CA  1 
ATOM   1243 C  C   . GLU A 1 175 ? -1.634  -4.387  -2.261  1.00 16.27 ? 155 GLU A C   1 
ATOM   1244 O  O   . GLU A 1 175 ? -1.140  -3.601  -1.466  1.00 19.86 ? 155 GLU A O   1 
ATOM   1245 C  CB  . GLU A 1 175 ? -4.055  -5.127  -2.126  1.00 21.84 ? 155 GLU A CB  1 
ATOM   1246 C  CG  . GLU A 1 175 ? -4.989  -6.299  -1.996  1.00 20.68 ? 155 GLU A CG  1 
ATOM   1247 C  CD  . GLU A 1 175 ? -6.305  -6.083  -2.712  1.00 23.14 ? 155 GLU A CD  1 
ATOM   1248 O  OE1 . GLU A 1 175 ? -6.496  -5.018  -3.345  1.00 26.43 ? 155 GLU A OE1 1 
ATOM   1249 O  OE2 . GLU A 1 175 ? -7.159  -6.979  -2.636  1.00 21.77 ? 155 GLU A OE2 1 
ATOM   1250 N  N   . LYS A 1 176 ? -1.362  -4.372  -3.558  1.00 21.55 ? 156 LYS A N   1 
ATOM   1251 C  CA  . LYS A 1 176 ? -0.235  -3.652  -4.134  1.00 17.77 ? 156 LYS A CA  1 
ATOM   1252 C  C   . LYS A 1 176 ? -0.734  -2.956  -5.399  1.00 17.74 ? 156 LYS A C   1 
ATOM   1253 O  O   . LYS A 1 176 ? -1.496  -3.532  -6.153  1.00 17.21 ? 156 LYS A O   1 
ATOM   1254 C  CB  . LYS A 1 176 ? 0.901   -4.666  -4.401  1.00 23.63 ? 156 LYS A CB  1 
ATOM   1255 C  CG  . LYS A 1 176 ? 0.872   -5.793  -3.313  1.00 27.66 ? 156 LYS A CG  1 
ATOM   1256 C  CD  . LYS A 1 176 ? 1.865   -6.808  -3.355  1.00 19.28 ? 156 LYS A CD  1 
ATOM   1257 C  CE  . LYS A 1 176 ? 1.876   -7.638  -2.019  1.00 23.74 ? 156 LYS A CE  1 
ATOM   1258 N  NZ  . LYS A 1 176 ? 0.879   -8.741  -2.025  1.00 17.03 ? 156 LYS A NZ  1 
ATOM   1259 N  N   . PHE A 1 177 ? -0.359  -1.684  -5.568  1.00 19.37 ? 157 PHE A N   1 
ATOM   1260 C  CA  . PHE A 1 177 ? -0.764  -0.852  -6.701  1.00 19.44 ? 157 PHE A CA  1 
ATOM   1261 C  C   . PHE A 1 177 ? 0.510   -0.240  -7.289  1.00 19.20 ? 157 PHE A C   1 
ATOM   1262 O  O   . PHE A 1 177 ? 1.226   0.455   -6.580  1.00 21.67 ? 157 PHE A O   1 
ATOM   1263 C  CB  . PHE A 1 177 ? -1.686  0.281   -6.237  1.00 22.16 ? 157 PHE A CB  1 
ATOM   1264 C  CG  . PHE A 1 177 ? -2.976  -0.192  -5.625  1.00 23.52 ? 157 PHE A CG  1 
ATOM   1265 C  CD1 . PHE A 1 177 ? -4.142  -0.222  -6.363  1.00 24.25 ? 157 PHE A CD1 1 
ATOM   1266 C  CD2 . PHE A 1 177 ? -3.020  -0.600  -4.287  1.00 28.25 ? 157 PHE A CD2 1 
ATOM   1267 C  CE1 . PHE A 1 177 ? -5.346  -0.647  -5.764  1.00 21.23 ? 157 PHE A CE1 1 
ATOM   1268 C  CE2 . PHE A 1 177 ? -4.190  -1.053  -3.702  1.00 26.09 ? 157 PHE A CE2 1 
ATOM   1269 C  CZ  . PHE A 1 177 ? -5.346  -1.066  -4.424  1.00 20.94 ? 157 PHE A CZ  1 
ATOM   1270 N  N   . LEU A 1 178 ? 0.826   -0.566  -8.543  1.00 18.62 ? 158 LEU A N   1 
ATOM   1271 C  CA  . LEU A 1 178 ? 1.953   0.030   -9.220  1.00 19.79 ? 158 LEU A CA  1 
ATOM   1272 C  C   . LEU A 1 178 ? 1.481   1.133   -10.186 1.00 20.87 ? 158 LEU A C   1 
ATOM   1273 O  O   . LEU A 1 178 ? 0.603   0.884   -11.027 1.00 19.30 ? 158 LEU A O   1 
ATOM   1274 C  CB  . LEU A 1 178 ? 2.718   -1.010  -10.000 1.00 18.04 ? 158 LEU A CB  1 
ATOM   1275 C  CG  . LEU A 1 178 ? 3.997   -0.551  -10.694 1.00 18.97 ? 158 LEU A CG  1 
ATOM   1276 C  CD1 . LEU A 1 178 ? 5.041   0.064   -9.681  1.00 18.01 ? 158 LEU A CD1 1 
ATOM   1277 C  CD2 . LEU A 1 178 ? 4.565   -1.702  -11.500 1.00 19.92 ? 158 LEU A CD2 1 
ATOM   1278 N  N   . ILE A 1 179 ? 2.086   2.318   -10.060 1.00 19.35 ? 159 ILE A N   1 
ATOM   1279 C  CA  . ILE A 1 179 ? 1.789   3.477   -10.927 1.00 18.52 ? 159 ILE A CA  1 
ATOM   1280 C  C   . ILE A 1 179 ? 3.049   3.880   -11.708 1.00 18.04 ? 159 ILE A C   1 
ATOM   1281 O  O   . ILE A 1 179 ? 4.173   3.913   -11.170 1.00 19.52 ? 159 ILE A O   1 
ATOM   1282 C  CB  . ILE A 1 179 ? 1.293   4.675   -10.097 1.00 18.20 ? 159 ILE A CB  1 
ATOM   1283 C  CG1 . ILE A 1 179 ? 0.128   4.256   -9.174  1.00 22.33 ? 159 ILE A CG1 1 
ATOM   1284 C  CG2 . ILE A 1 179 ? 0.941   5.910   -11.008 1.00 19.68 ? 159 ILE A CG2 1 
ATOM   1285 C  CD1 . ILE A 1 179 ? 0.582   3.757   -7.695  1.00 14.67 ? 159 ILE A CD1 1 
ATOM   1286 N  N   . GLY A 1 180 ? 2.866   4.190   -12.984 1.00 19.17 ? 160 GLY A N   1 
ATOM   1287 C  CA  . GLY A 1 180 ? 3.979   4.538   -13.811 1.00 18.84 ? 160 GLY A CA  1 
ATOM   1288 C  C   . GLY A 1 180 ? 4.531   5.924   -13.592 1.00 19.35 ? 160 GLY A C   1 
ATOM   1289 O  O   . GLY A 1 180 ? 3.913   6.759   -12.904 1.00 20.92 ? 160 GLY A O   1 
ATOM   1290 N  N   . PRO A 1 181 ? 5.710   6.187   -14.186 1.00 20.93 ? 161 PRO A N   1 
ATOM   1291 C  CA  . PRO A 1 181 ? 6.409   7.477   -14.059 1.00 24.58 ? 161 PRO A CA  1 
ATOM   1292 C  C   . PRO A 1 181 ? 5.672   8.705   -14.659 1.00 22.84 ? 161 PRO A C   1 
ATOM   1293 O  O   . PRO A 1 181 ? 6.013   9.857   -14.366 1.00 21.10 ? 161 PRO A O   1 
ATOM   1294 C  CB  . PRO A 1 181 ? 7.768   7.216   -14.727 1.00 27.44 ? 161 PRO A CB  1 
ATOM   1295 C  CG  . PRO A 1 181 ? 7.537   6.008   -15.632 1.00 24.41 ? 161 PRO A CG  1 
ATOM   1296 C  CD  . PRO A 1 181 ? 6.438   5.219   -15.028 1.00 20.52 ? 161 PRO A CD  1 
ATOM   1297 N  N   . GLU A 1 182 ? 4.659   8.464   -15.471 1.00 23.16 ? 162 GLU A N   1 
ATOM   1298 C  CA  . GLU A 1 182 ? 3.835   9.543   -15.971 1.00 26.07 ? 162 GLU A CA  1 
ATOM   1299 C  C   . GLU A 1 182 ? 2.500   9.678   -15.227 1.00 23.54 ? 162 GLU A C   1 
ATOM   1300 O  O   . GLU A 1 182 ? 1.682   10.510  -15.585 1.00 24.20 ? 162 GLU A O   1 
ATOM   1301 C  CB  . GLU A 1 182 ? 3.640   9.414   -17.484 1.00 29.61 ? 162 GLU A CB  1 
ATOM   1302 C  CG  . GLU A 1 182 ? 4.902   9.713   -18.316 1.00 35.78 ? 162 GLU A CG  1 
ATOM   1303 C  CD  . GLU A 1 182 ? 5.637   8.445   -18.785 1.00 56.92 ? 162 GLU A CD  1 
ATOM   1304 O  OE1 . GLU A 1 182 ? 4.992   7.381   -18.950 1.00 67.21 ? 162 GLU A OE1 1 
ATOM   1305 O  OE2 . GLU A 1 182 ? 6.873   8.509   -18.992 1.00 66.92 ? 162 GLU A OE2 1 
ATOM   1306 N  N   . GLY A 1 183 ? 2.311   8.893   -14.170 1.00 18.40 ? 163 GLY A N   1 
ATOM   1307 C  CA  . GLY A 1 183 ? 1.197   9.080   -13.241 1.00 20.83 ? 163 GLY A CA  1 
ATOM   1308 C  C   . GLY A 1 183 ? -0.010  8.216   -13.495 1.00 19.43 ? 163 GLY A C   1 
ATOM   1309 O  O   . GLY A 1 183 ? -1.039  8.403   -12.856 1.00 22.60 ? 163 GLY A O   1 
ATOM   1310 N  N   . GLU A 1 184 ? 0.106   7.261   -14.414 1.00 21.56 ? 164 GLU A N   1 
ATOM   1311 C  CA  . GLU A 1 184 ? -1.021  6.412   -14.804 1.00 23.03 ? 164 GLU A CA  1 
ATOM   1312 C  C   . GLU A 1 184 ? -0.930  5.103   -14.038 1.00 21.14 ? 164 GLU A C   1 
ATOM   1313 O  O   . GLU A 1 184 ? 0.070   4.398   -14.155 1.00 16.22 ? 164 GLU A O   1 
ATOM   1314 C  CB  . GLU A 1 184 ? -0.992  6.151   -16.322 1.00 24.30 ? 164 GLU A CB  1 
ATOM   1315 C  CG  . GLU A 1 184 ? -2.335  5.687   -16.878 1.00 41.60 ? 164 GLU A CG  1 
ATOM   1316 C  CD  . GLU A 1 184 ? -3.509  6.635   -16.527 1.00 53.41 ? 164 GLU A CD  1 
ATOM   1317 O  OE1 . GLU A 1 184 ? -3.329  7.887   -16.552 1.00 46.12 ? 164 GLU A OE1 1 
ATOM   1318 O  OE2 . GLU A 1 184 ? -4.611  6.111   -16.220 1.00 60.21 ? 164 GLU A OE2 1 
ATOM   1319 N  N   . PRO A 1 185 ? -1.923  4.807   -13.179 1.00 22.97 ? 165 PRO A N   1 
ATOM   1320 C  CA  . PRO A 1 185 ? -1.848  3.493   -12.527 1.00 21.11 ? 165 PRO A CA  1 
ATOM   1321 C  C   . PRO A 1 185 ? -1.779  2.350   -13.528 1.00 21.07 ? 165 PRO A C   1 
ATOM   1322 O  O   . PRO A 1 185 ? -2.505  2.359   -14.500 1.00 21.31 ? 165 PRO A O   1 
ATOM   1323 C  CB  . PRO A 1 185 ? -3.106  3.452   -11.678 1.00 19.96 ? 165 PRO A CB  1 
ATOM   1324 C  CG  . PRO A 1 185 ? -3.392  4.903   -11.375 1.00 26.65 ? 165 PRO A CG  1 
ATOM   1325 C  CD  . PRO A 1 185 ? -3.070  5.593   -12.679 1.00 23.01 ? 165 PRO A CD  1 
ATOM   1326 N  N   . PHE A 1 186 ? -0.904  1.377   -13.265 1.00 19.69 ? 166 PHE A N   1 
ATOM   1327 C  CA  . PHE A 1 186 ? -0.577  0.346   -14.228 1.00 20.15 ? 166 PHE A CA  1 
ATOM   1328 C  C   . PHE A 1 186 ? -1.181  -1.010  -13.838 1.00 18.27 ? 166 PHE A C   1 
ATOM   1329 O  O   . PHE A 1 186 ? -1.790  -1.674  -14.646 1.00 20.59 ? 166 PHE A O   1 
ATOM   1330 C  CB  . PHE A 1 186 ? 0.946   0.212   -14.384 1.00 21.37 ? 166 PHE A CB  1 
ATOM   1331 C  CG  . PHE A 1 186 ? 1.355   -0.998  -15.190 1.00 26.76 ? 166 PHE A CG  1 
ATOM   1332 C  CD1 . PHE A 1 186 ? 1.131   -1.047  -16.565 1.00 29.72 ? 166 PHE A CD1 1 
ATOM   1333 C  CD2 . PHE A 1 186 ? 1.909   -2.108  -14.573 1.00 26.10 ? 166 PHE A CD2 1 
ATOM   1334 C  CE1 . PHE A 1 186 ? 1.491   -2.176  -17.288 1.00 23.29 ? 166 PHE A CE1 1 
ATOM   1335 C  CE2 . PHE A 1 186 ? 2.269   -3.217  -15.310 1.00 23.24 ? 166 PHE A CE2 1 
ATOM   1336 C  CZ  . PHE A 1 186 ? 2.036   -3.253  -16.654 1.00 22.34 ? 166 PHE A CZ  1 
ATOM   1337 N  N   . ARG A 1 187 ? -0.987  -1.422  -12.598 1.00 19.20 ? 167 ARG A N   1 
ATOM   1338 C  CA  . ARG A 1 187 ? -1.414  -2.730  -12.186 1.00 17.49 ? 167 ARG A CA  1 
ATOM   1339 C  C   . ARG A 1 187 ? -1.651  -2.821  -10.688 1.00 18.30 ? 167 ARG A C   1 
ATOM   1340 O  O   . ARG A 1 187 ? -0.946  -2.196  -9.876  1.00 21.68 ? 167 ARG A O   1 
ATOM   1341 C  CB  . ARG A 1 187 ? -0.362  -3.773  -12.629 1.00 19.40 ? 167 ARG A CB  1 
ATOM   1342 C  CG  . ARG A 1 187 ? -0.773  -5.205  -12.460 1.00 19.26 ? 167 ARG A CG  1 
ATOM   1343 C  CD  . ARG A 1 187 ? -0.017  -6.140  -13.366 1.00 19.73 ? 167 ARG A CD  1 
ATOM   1344 N  NE  . ARG A 1 187 ? -0.396  -5.930  -14.740 1.00 20.82 ? 167 ARG A NE  1 
ATOM   1345 C  CZ  . ARG A 1 187 ? 0.255   -6.401  -15.800 1.00 28.56 ? 167 ARG A CZ  1 
ATOM   1346 N  NH1 . ARG A 1 187 ? 1.384   -7.098  -15.685 1.00 24.72 ? 167 ARG A NH1 1 
ATOM   1347 N  NH2 . ARG A 1 187 ? -0.239  -6.141  -16.997 1.00 25.33 ? 167 ARG A NH2 1 
ATOM   1348 N  N   . ARG A 1 188 ? -2.646  -3.635  -10.340 1.00 18.05 ? 168 ARG A N   1 
ATOM   1349 C  CA  . ARG A 1 188 ? -2.941  -3.993  -8.988  1.00 17.24 ? 168 ARG A CA  1 
ATOM   1350 C  C   . ARG A 1 188 ? -2.698  -5.487  -8.773  1.00 16.58 ? 168 ARG A C   1 
ATOM   1351 O  O   . ARG A 1 188 ? -3.029  -6.321  -9.618  1.00 21.72 ? 168 ARG A O   1 
ATOM   1352 C  CB  . ARG A 1 188 ? -4.369  -3.559  -8.657  1.00 16.91 ? 168 ARG A CB  1 
ATOM   1353 C  CG  . ARG A 1 188 ? -4.895  -4.009  -7.298  1.00 19.37 ? 168 ARG A CG  1 
ATOM   1354 C  CD  . ARG A 1 188 ? -6.370  -3.669  -7.283  1.00 18.09 ? 168 ARG A CD  1 
ATOM   1355 N  NE  . ARG A 1 188 ? -7.027  -4.006  -6.045  1.00 19.66 ? 168 ARG A NE  1 
ATOM   1356 C  CZ  . ARG A 1 188 ? -8.287  -3.668  -5.760  1.00 18.44 ? 168 ARG A CZ  1 
ATOM   1357 N  NH1 . ARG A 1 188 ? -9.014  -2.924  -6.589  1.00 26.72 ? 168 ARG A NH1 1 
ATOM   1358 N  NH2 . ARG A 1 188 ? -8.821  -4.068  -4.633  1.00 21.06 ? 168 ARG A NH2 1 
ATOM   1359 N  N   . TYR A 1 189 ? -2.074  -5.812  -7.636  1.00 18.70 ? 169 TYR A N   1 
ATOM   1360 C  CA  . TYR A 1 189 ? -1.695  -7.180  -7.287  1.00 20.27 ? 169 TYR A CA  1 
ATOM   1361 C  C   . TYR A 1 189 ? -2.337  -7.571  -5.944  1.00 21.30 ? 169 TYR A C   1 
ATOM   1362 O  O   . TYR A 1 189 ? -2.461  -6.755  -5.030  1.00 19.93 ? 169 TYR A O   1 
ATOM   1363 C  CB  . TYR A 1 189 ? -0.145  -7.358  -7.233  1.00 18.11 ? 169 TYR A CB  1 
ATOM   1364 C  CG  . TYR A 1 189 ? 0.623   -6.717  -8.367  1.00 20.17 ? 169 TYR A CG  1 
ATOM   1365 C  CD1 . TYR A 1 189 ? 1.148   -7.486  -9.420  1.00 19.41 ? 169 TYR A CD1 1 
ATOM   1366 C  CD2 . TYR A 1 189 ? 0.823   -5.334  -8.403  1.00 18.51 ? 169 TYR A CD2 1 
ATOM   1367 C  CE1 . TYR A 1 189 ? 1.861   -6.910  -10.427 1.00 24.43 ? 169 TYR A CE1 1 
ATOM   1368 C  CE2 . TYR A 1 189 ? 1.521   -4.748  -9.424  1.00 17.96 ? 169 TYR A CE2 1 
ATOM   1369 C  CZ  . TYR A 1 189 ? 2.061   -5.528  -10.415 1.00 16.81 ? 169 TYR A CZ  1 
ATOM   1370 O  OH  . TYR A 1 189 ? 2.750   -4.922  -11.422 1.00 24.62 ? 169 TYR A OH  1 
ATOM   1371 N  N   . SER A 1 190 ? -2.726  -8.837  -5.835  1.00 23.86 ? 170 SER A N   1 
ATOM   1372 C  CA  . SER A 1 190 ? -3.471  -9.321  -4.700  1.00 23.87 ? 170 SER A CA  1 
ATOM   1373 C  C   . SER A 1 190 ? -2.587  -9.624  -3.515  1.00 25.63 ? 170 SER A C   1 
ATOM   1374 O  O   . SER A 1 190 ? -1.358  -9.593  -3.618  1.00 20.39 ? 170 SER A O   1 
ATOM   1375 C  CB  . SER A 1 190 ? -4.306  -10.568 -5.070  1.00 29.07 ? 170 SER A CB  1 
ATOM   1376 O  OG  . SER A 1 190 ? -3.544  -11.762 -5.020  1.00 19.82 ? 170 SER A OG  1 
ATOM   1377 N  N   . ARG A 1 191 ? -3.257  -9.886  -2.387  1.00 25.14 ? 171 ARG A N   1 
ATOM   1378 C  CA  . ARG A 1 191 ? -2.639  -10.361 -1.140  1.00 24.47 ? 171 ARG A CA  1 
ATOM   1379 C  C   . ARG A 1 191 ? -1.696  -11.540 -1.315  1.00 22.83 ? 171 ARG A C   1 
ATOM   1380 O  O   . ARG A 1 191 ? -0.783  -11.691 -0.517  1.00 23.39 ? 171 ARG A O   1 
ATOM   1381 C  CB  . ARG A 1 191 ? -3.713  -10.754 -0.124  1.00 22.47 ? 171 ARG A CB  1 
ATOM   1382 C  CG  . ARG A 1 191 ? -4.525  -12.031 -0.492  1.00 24.04 ? 171 ARG A CG  1 
ATOM   1383 C  CD  . ARG A 1 191 ? -5.601  -12.373 0.522   1.00 25.94 ? 171 ARG A CD  1 
ATOM   1384 N  NE  . ARG A 1 191 ? -5.052  -12.859 1.773   1.00 39.06 ? 171 ARG A NE  1 
ATOM   1385 C  CZ  . ARG A 1 191 ? -5.771  -13.208 2.846   1.00 44.84 ? 171 ARG A CZ  1 
ATOM   1386 N  NH1 . ARG A 1 191 ? -7.102  -13.082 2.862   1.00 36.37 ? 171 ARG A NH1 1 
ATOM   1387 N  NH2 . ARG A 1 191 ? -5.147  -13.666 3.929   1.00 37.63 ? 171 ARG A NH2 1 
ATOM   1388 N  N   . THR A 1 192 ? -1.892  -12.362 -2.350  1.00 21.53 ? 172 THR A N   1 
ATOM   1389 C  CA  . THR A 1 192 ? -1.023  -13.536 -2.564  1.00 25.33 ? 172 THR A CA  1 
ATOM   1390 C  C   . THR A 1 192 ? 0.140   -13.273 -3.513  1.00 25.71 ? 172 THR A C   1 
ATOM   1391 O  O   . THR A 1 192 ? 1.019   -14.102 -3.625  1.00 25.87 ? 172 THR A O   1 
ATOM   1392 C  CB  . THR A 1 192 ? -1.814  -14.756 -3.103  1.00 26.40 ? 172 THR A CB  1 
ATOM   1393 O  OG1 . THR A 1 192 ? -2.670  -14.317 -4.152  1.00 32.59 ? 172 THR A OG1 1 
ATOM   1394 C  CG2 . THR A 1 192 ? -2.656  -15.417 -1.989  1.00 25.36 ? 172 THR A CG2 1 
ATOM   1395 N  N   . PHE A 1 193 ? 0.168   -12.113 -4.170  1.00 25.98 ? 173 PHE A N   1 
ATOM   1396 C  CA  . PHE A 1 193 ? 1.216   -11.809 -5.119  1.00 21.85 ? 173 PHE A CA  1 
ATOM   1397 C  C   . PHE A 1 193 ? 2.412   -11.222 -4.351  1.00 22.11 ? 173 PHE A C   1 
ATOM   1398 O  O   . PHE A 1 193 ? 2.282   -10.133 -3.767  1.00 24.20 ? 173 PHE A O   1 
ATOM   1399 C  CB  . PHE A 1 193 ? 0.714   -10.814 -6.175  1.00 22.57 ? 173 PHE A CB  1 
ATOM   1400 C  CG  . PHE A 1 193 ? 1.602   -10.745 -7.399  1.00 21.73 ? 173 PHE A CG  1 
ATOM   1401 C  CD1 . PHE A 1 193 ? 1.329   -11.518 -8.528  1.00 27.30 ? 173 PHE A CD1 1 
ATOM   1402 C  CD2 . PHE A 1 193 ? 2.727   -9.930  -7.407  1.00 22.74 ? 173 PHE A CD2 1 
ATOM   1403 C  CE1 . PHE A 1 193 ? 2.148   -11.431 -9.646  1.00 27.40 ? 173 PHE A CE1 1 
ATOM   1404 C  CE2 . PHE A 1 193 ? 3.546   -9.846  -8.512  1.00 18.49 ? 173 PHE A CE2 1 
ATOM   1405 C  CZ  . PHE A 1 193 ? 3.276   -10.586 -9.625  1.00 23.11 ? 173 PHE A CZ  1 
ATOM   1406 N  N   . PRO A 1 194 ? 3.583   -11.917 -4.351  1.00 22.27 ? 174 PRO A N   1 
ATOM   1407 C  CA  . PRO A 1 194 ? 4.744   -11.397 -3.648  1.00 21.95 ? 174 PRO A CA  1 
ATOM   1408 C  C   . PRO A 1 194 ? 5.211   -10.026 -4.126  1.00 24.12 ? 174 PRO A C   1 
ATOM   1409 O  O   . PRO A 1 194 ? 5.283   -9.783  -5.338  1.00 20.53 ? 174 PRO A O   1 
ATOM   1410 C  CB  . PRO A 1 194 ? 5.798   -12.443 -3.919  1.00 25.56 ? 174 PRO A CB  1 
ATOM   1411 C  CG  . PRO A 1 194 ? 5.005   -13.707 -4.073  1.00 26.28 ? 174 PRO A CG  1 
ATOM   1412 C  CD  . PRO A 1 194 ? 3.887   -13.239 -4.934  1.00 22.54 ? 174 PRO A CD  1 
ATOM   1413 N  N   . THR A 1 195 ? 5.488   -9.145  -3.162  1.00 18.91 ? 175 THR A N   1 
ATOM   1414 C  CA  . THR A 1 195 ? 6.002   -7.818  -3.422  1.00 21.70 ? 175 THR A CA  1 
ATOM   1415 C  C   . THR A 1 195 ? 7.213   -7.855  -4.336  1.00 23.56 ? 175 THR A C   1 
ATOM   1416 O  O   . THR A 1 195 ? 7.259   -7.156  -5.327  1.00 19.46 ? 175 THR A O   1 
ATOM   1417 C  CB  . THR A 1 195 ? 6.341   -7.120  -2.095  1.00 23.60 ? 175 THR A CB  1 
ATOM   1418 O  OG1 . THR A 1 195 ? 5.125   -6.923  -1.363  1.00 19.05 ? 175 THR A OG1 1 
ATOM   1419 C  CG2 . THR A 1 195 ? 7.003   -5.794  -2.300  1.00 18.89 ? 175 THR A CG2 1 
ATOM   1420 N  N   . ILE A 1 196 ? 8.183   -8.717  -4.027  1.00 21.40 ? 176 ILE A N   1 
ATOM   1421 C  CA  . ILE A 1 196 ? 9.387   -8.747  -4.831  1.00 24.61 ? 176 ILE A CA  1 
ATOM   1422 C  C   . ILE A 1 196 ? 9.122   -9.174  -6.287  1.00 22.24 ? 176 ILE A C   1 
ATOM   1423 O  O   . ILE A 1 196 ? 9.864   -8.789  -7.169  1.00 22.44 ? 176 ILE A O   1 
ATOM   1424 C  CB  . ILE A 1 196 ? 10.458  -9.636  -4.189  1.00 25.49 ? 176 ILE A CB  1 
ATOM   1425 C  CG1 . ILE A 1 196 ? 11.850  -9.079  -4.532  1.00 25.55 ? 176 ILE A CG1 1 
ATOM   1426 C  CG2 . ILE A 1 196 ? 10.181  -11.098 -4.533  1.00 22.78 ? 176 ILE A CG2 1 
ATOM   1427 C  CD1 . ILE A 1 196 ? 12.109  -7.717  -3.850  1.00 16.82 ? 176 ILE A CD1 1 
ATOM   1428 N  N   . ASN A 1 197 ? 8.034   -9.902  -6.545  1.00 23.97 ? 177 ASN A N   1 
ATOM   1429 C  CA  . ASN A 1 197 ? 7.688   -10.281 -7.915  1.00 23.68 ? 177 ASN A CA  1 
ATOM   1430 C  C   . ASN A 1 197 ? 7.110   -9.137  -8.771  1.00 21.76 ? 177 ASN A C   1 
ATOM   1431 O  O   . ASN A 1 197 ? 6.799   -9.347  -9.931  1.00 20.68 ? 177 ASN A O   1 
ATOM   1432 C  CB  . ASN A 1 197 ? 6.695   -11.443 -7.912  1.00 25.24 ? 177 ASN A CB  1 
ATOM   1433 C  CG  . ASN A 1 197 ? 7.308   -12.736 -7.479  1.00 26.92 ? 177 ASN A CG  1 
ATOM   1434 O  OD1 . ASN A 1 197 ? 8.463   -12.792 -7.046  1.00 33.11 ? 177 ASN A OD1 1 
ATOM   1435 N  ND2 . ASN A 1 197 ? 6.536   -13.808 -7.612  1.00 19.70 ? 177 ASN A ND2 1 
ATOM   1436 N  N   . ILE A 1 198 ? 6.965   -7.943  -8.197  1.00 21.37 ? 178 ILE A N   1 
ATOM   1437 C  CA  . ILE A 1 198 ? 6.512   -6.767  -8.935  1.00 18.59 ? 178 ILE A CA  1 
ATOM   1438 C  C   . ILE A 1 198 ? 7.674   -6.134  -9.700  1.00 19.87 ? 178 ILE A C   1 
ATOM   1439 O  O   . ILE A 1 198 ? 7.464   -5.325  -10.618 1.00 19.74 ? 178 ILE A O   1 
ATOM   1440 C  CB  . ILE A 1 198 ? 5.793   -5.737  -7.991  1.00 20.33 ? 178 ILE A CB  1 
ATOM   1441 C  CG1 . ILE A 1 198 ? 4.558   -6.394  -7.351  1.00 19.64 ? 178 ILE A CG1 1 
ATOM   1442 C  CG2 . ILE A 1 198 ? 5.406   -4.482  -8.772  1.00 15.07 ? 178 ILE A CG2 1 
ATOM   1443 C  CD1 . ILE A 1 198 ? 3.911   -5.623  -6.216  1.00 14.97 ? 178 ILE A CD1 1 
ATOM   1444 N  N   . GLU A 1 199 ? 8.903   -6.519  -9.348  1.00 22.62 ? 179 GLU A N   1 
ATOM   1445 C  CA  . GLU A 1 199 ? 10.064  -5.919  -9.946  1.00 22.61 ? 179 GLU A CA  1 
ATOM   1446 C  C   . GLU A 1 199 ? 10.117  -5.913  -11.485 1.00 21.61 ? 179 GLU A C   1 
ATOM   1447 O  O   . GLU A 1 199 ? 10.449  -4.900  -12.069 1.00 17.93 ? 179 GLU A O   1 
ATOM   1448 C  CB  . GLU A 1 199 ? 11.345  -6.520  -9.377  1.00 24.79 ? 179 GLU A CB  1 
ATOM   1449 C  CG  . GLU A 1 199 ? 12.573  -5.717  -9.786  1.00 30.70 ? 179 GLU A CG  1 
ATOM   1450 C  CD  . GLU A 1 199 ? 13.853  -6.349  -9.344  1.00 43.48 ? 179 GLU A CD  1 
ATOM   1451 O  OE1 . GLU A 1 199 ? 13.804  -7.424  -8.713  1.00 62.68 ? 179 GLU A OE1 1 
ATOM   1452 O  OE2 . GLU A 1 199 ? 14.912  -5.760  -9.608  1.00 56.93 ? 179 GLU A OE2 1 
ATOM   1453 N  N   . PRO A 1 200 ? 9.848   -7.052  -12.151 1.00 22.18 ? 180 PRO A N   1 
ATOM   1454 C  CA  . PRO A 1 200 ? 9.851   -6.986  -13.622 1.00 23.63 ? 180 PRO A CA  1 
ATOM   1455 C  C   . PRO A 1 200 ? 8.964   -5.877  -14.197 1.00 21.18 ? 180 PRO A C   1 
ATOM   1456 O  O   . PRO A 1 200 ? 9.332   -5.244  -15.178 1.00 20.25 ? 180 PRO A O   1 
ATOM   1457 C  CB  . PRO A 1 200 ? 9.336   -8.362  -14.024 1.00 20.74 ? 180 PRO A CB  1 
ATOM   1458 C  CG  . PRO A 1 200 ? 9.826   -9.225  -12.910 1.00 21.06 ? 180 PRO A CG  1 
ATOM   1459 C  CD  . PRO A 1 200 ? 9.573   -8.411  -11.676 1.00 17.08 ? 180 PRO A CD  1 
ATOM   1460 N  N   . ASP A 1 201 ? 7.801   -5.653  -13.592 1.00 21.63 ? 181 ASP A N   1 
ATOM   1461 C  CA  . ASP A 1 201 ? 6.900   -4.578  -14.049 1.00 22.83 ? 181 ASP A CA  1 
ATOM   1462 C  C   . ASP A 1 201 ? 7.439   -3.201  -13.728 1.00 20.47 ? 181 ASP A C   1 
ATOM   1463 O  O   . ASP A 1 201 ? 7.280   -2.277  -14.528 1.00 20.26 ? 181 ASP A O   1 
ATOM   1464 C  CB  . ASP A 1 201 ? 5.487   -4.709  -13.472 1.00 22.17 ? 181 ASP A CB  1 
ATOM   1465 C  CG  . ASP A 1 201 ? 4.726   -5.929  -14.014 1.00 28.58 ? 181 ASP A CG  1 
ATOM   1466 O  OD1 . ASP A 1 201 ? 5.059   -6.421  -15.110 1.00 27.24 ? 181 ASP A OD1 1 
ATOM   1467 O  OD2 . ASP A 1 201 ? 3.787   -6.380  -13.321 1.00 31.66 ? 181 ASP A OD2 1 
ATOM   1468 N  N   . ILE A 1 202 ? 8.089   -3.066  -12.585 1.00 17.71 ? 182 ILE A N   1 
ATOM   1469 C  CA  . ILE A 1 202 ? 8.809   -1.805  -12.278 1.00 21.08 ? 182 ILE A CA  1 
ATOM   1470 C  C   . ILE A 1 202 ? 9.864   -1.518  -13.353 1.00 20.18 ? 182 ILE A C   1 
ATOM   1471 O  O   . ILE A 1 202 ? 9.878   -0.431  -13.904 1.00 19.29 ? 182 ILE A O   1 
ATOM   1472 C  CB  . ILE A 1 202 ? 9.396   -1.798  -10.857 1.00 14.92 ? 182 ILE A CB  1 
ATOM   1473 C  CG1 . ILE A 1 202 ? 8.257   -1.783  -9.822  1.00 18.01 ? 182 ILE A CG1 1 
ATOM   1474 C  CG2 . ILE A 1 202 ? 10.401  -0.631  -10.620 1.00 19.23 ? 182 ILE A CG2 1 
ATOM   1475 C  CD1 . ILE A 1 202 ? 8.786   -2.151  -8.432  1.00 18.40 ? 182 ILE A CD1 1 
ATOM   1476 N  N   . LYS A 1 203 ? 10.698  -2.500  -13.683 1.00 23.65 ? 183 LYS A N   1 
ATOM   1477 C  CA  . LYS A 1 203 ? 11.730  -2.332  -14.716 1.00 25.45 ? 183 LYS A CA  1 
ATOM   1478 C  C   . LYS A 1 203 ? 11.116  -1.911  -16.061 1.00 26.89 ? 183 LYS A C   1 
ATOM   1479 O  O   . LYS A 1 203 ? 11.600  -0.994  -16.745 1.00 25.34 ? 183 LYS A O   1 
ATOM   1480 C  CB  . LYS A 1 203 ? 12.519  -3.633  -14.891 1.00 26.76 ? 183 LYS A CB  1 
ATOM   1481 C  CG  . LYS A 1 203 ? 13.268  -4.077  -13.641 1.00 29.68 ? 183 LYS A CG  1 
ATOM   1482 C  CD  . LYS A 1 203 ? 14.534  -4.934  -13.961 1.00 37.01 ? 183 LYS A CD  1 
ATOM   1483 C  CE  . LYS A 1 203 ? 15.285  -5.327  -12.659 1.00 40.67 ? 183 LYS A CE  1 
ATOM   1484 N  NZ  . LYS A 1 203 ? 16.460  -6.273  -12.804 1.00 36.56 ? 183 LYS A NZ  1 
ATOM   1485 N  N   . ARG A 1 204 ? 10.047  -2.602  -16.438 1.00 25.60 ? 184 ARG A N   1 
ATOM   1486 C  CA  . ARG A 1 204 ? 9.346   -2.325  -17.680 1.00 29.68 ? 184 ARG A CA  1 
ATOM   1487 C  C   . ARG A 1 204 ? 8.869   -0.873  -17.708 1.00 26.82 ? 184 ARG A C   1 
ATOM   1488 O  O   . ARG A 1 204 ? 9.065   -0.174  -18.706 1.00 24.85 ? 184 ARG A O   1 
ATOM   1489 C  CB  . ARG A 1 204 ? 8.163   -3.283  -17.832 1.00 29.16 ? 184 ARG A CB  1 
ATOM   1490 C  CG  . ARG A 1 204 ? 7.059   -2.754  -18.733 1.00 46.17 ? 184 ARG A CG  1 
ATOM   1491 C  CD  . ARG A 1 204 ? 5.864   -3.676  -18.795 1.00 47.04 ? 184 ARG A CD  1 
ATOM   1492 N  NE  . ARG A 1 204 ? 4.791   -3.075  -19.592 1.00 53.91 ? 184 ARG A NE  1 
ATOM   1493 C  CZ  . ARG A 1 204 ? 3.645   -3.688  -19.889 1.00 59.65 ? 184 ARG A CZ  1 
ATOM   1494 N  NH1 . ARG A 1 204 ? 2.739   -3.059  -20.633 1.00 54.95 ? 184 ARG A NH1 1 
ATOM   1495 N  NH2 . ARG A 1 204 ? 3.394   -4.926  -19.443 1.00 54.39 ? 184 ARG A NH2 1 
ATOM   1496 N  N   . LEU A 1 205 ? 8.245   -0.422  -16.615 1.00 23.26 ? 185 LEU A N   1 
ATOM   1497 C  CA  . LEU A 1 205 ? 7.716   0.935   -16.542 1.00 20.72 ? 185 LEU A CA  1 
ATOM   1498 C  C   . LEU A 1 205 ? 8.839   2.004   -16.563 1.00 22.73 ? 185 LEU A C   1 
ATOM   1499 O  O   . LEU A 1 205 ? 8.630   3.113   -17.056 1.00 23.60 ? 185 LEU A O   1 
ATOM   1500 C  CB  . LEU A 1 205 ? 6.808   1.103   -15.297 1.00 23.66 ? 185 LEU A CB  1 
ATOM   1501 C  CG  . LEU A 1 205 ? 5.466   0.361   -15.300 1.00 21.89 ? 185 LEU A CG  1 
ATOM   1502 C  CD1 . LEU A 1 205 ? 4.675   0.592   -14.005 1.00 23.54 ? 185 LEU A CD1 1 
ATOM   1503 C  CD2 . LEU A 1 205 ? 4.649   0.747   -16.547 1.00 33.86 ? 185 LEU A CD2 1 
ATOM   1504 N  N   . LEU A 1 206 ? 10.019  1.647   -16.040 1.00 24.42 ? 186 LEU A N   1 
ATOM   1505 C  CA  . LEU A 1 206 ? 11.200  2.512   -16.024 1.00 26.84 ? 186 LEU A CA  1 
ATOM   1506 C  C   . LEU A 1 206 ? 12.078  2.496   -17.293 1.00 28.08 ? 186 LEU A C   1 
ATOM   1507 O  O   . LEU A 1 206 ? 13.042  3.253   -17.348 1.00 31.10 ? 186 LEU A O   1 
ATOM   1508 C  CB  . LEU A 1 206 ? 12.079  2.215   -14.786 1.00 27.57 ? 186 LEU A CB  1 
ATOM   1509 C  CG  . LEU A 1 206 ? 11.447  2.477   -13.419 1.00 22.22 ? 186 LEU A CG  1 
ATOM   1510 C  CD1 . LEU A 1 206 ? 12.419  2.067   -12.323 1.00 15.17 ? 186 LEU A CD1 1 
ATOM   1511 C  CD2 . LEU A 1 206 ? 11.002  3.940   -13.326 1.00 14.67 ? 186 LEU A CD2 1 
ATOM   1512 N  N   . LYS A 1 207 ? 11.751  1.692   -18.305 1.00 29.42 ? 187 LYS A N   1 
ATOM   1513 C  CA  . LYS A 1 207 ? 12.529  1.671   -19.577 1.00 35.27 ? 187 LYS A CA  1 
ATOM   1514 C  C   . LYS A 1 207 ? 12.465  2.994   -20.337 1.00 36.00 ? 187 LYS A C   1 
ATOM   1515 O  O   . LYS A 1 207 ? 11.367  3.514   -20.554 1.00 32.58 ? 187 LYS A O   1 
ATOM   1516 C  CB  . LYS A 1 207 ? 12.033  0.567   -20.527 1.00 37.61 ? 187 LYS A CB  1 
ATOM   1517 C  CG  . LYS A 1 207 ? 12.641  -0.817  -20.289 1.00 43.82 ? 187 LYS A CG  1 
ATOM   1518 C  CD  . LYS A 1 207 ? 12.113  -1.847  -21.312 1.00 46.25 ? 187 LYS A CD  1 
ATOM   1519 C  CE  . LYS A 1 207 ? 12.722  -1.659  -22.713 1.00 54.50 ? 187 LYS A CE  1 
ATOM   1520 N  NZ  . LYS A 1 207 ? 14.101  -2.232  -22.795 1.00 48.57 ? 187 LYS A NZ  1 
HETATM 1521 CL CL  . CL  B 2 .   ? 17.286  4.402   -8.963  1.00 22.99 ? 189 CL  A CL  1 
HETATM 1522 CL CL  . CL  C 2 .   ? 2.631   6.188   -16.481 1.00 37.96 ? 190 CL  A CL  1 
HETATM 1523 O  O   . HOH D 3 .   ? -13.751 0.178   -3.480  1.00 22.31 ? 191 HOH A O   1 
HETATM 1524 O  O   . HOH D 3 .   ? -3.611  -3.378  5.573   1.00 16.90 ? 192 HOH A O   1 
HETATM 1525 O  O   . HOH D 3 .   ? 4.449   9.019   -11.224 1.00 18.46 ? 193 HOH A O   1 
HETATM 1526 O  O   . HOH D 3 .   ? -21.895 -0.889  -2.061  1.00 17.26 ? 194 HOH A O   1 
HETATM 1527 O  O   . HOH D 3 .   ? -11.476 -7.442  9.076   1.00 18.39 ? 195 HOH A O   1 
HETATM 1528 O  O   . HOH D 3 .   ? 18.415  1.497   -9.600  1.00 20.85 ? 196 HOH A O   1 
HETATM 1529 O  O   . HOH D 3 .   ? 11.159  0.318   12.738  1.00 19.88 ? 197 HOH A O   1 
HETATM 1530 O  O   . HOH D 3 .   ? -14.217 3.503   6.007   1.00 17.03 ? 198 HOH A O   1 
HETATM 1531 O  O   . HOH D 3 .   ? -15.729 0.358   0.183   1.00 20.30 ? 199 HOH A O   1 
HETATM 1532 O  O   . HOH D 3 .   ? -5.488  -4.747  9.350   1.00 14.09 ? 200 HOH A O   1 
HETATM 1533 O  O   . HOH D 3 .   ? 5.812   4.951   14.918  1.00 23.97 ? 201 HOH A O   1 
HETATM 1534 O  O   . HOH D 3 .   ? -1.436  19.530  -5.917  1.00 37.00 ? 202 HOH A O   1 
HETATM 1535 O  O   . HOH D 3 .   ? -9.127  -11.779 1.506   1.00 22.48 ? 203 HOH A O   1 
HETATM 1536 O  O   . HOH D 3 .   ? -8.852  -12.454 -1.213  1.00 28.90 ? 204 HOH A O   1 
HETATM 1537 O  O   . HOH D 3 .   ? -7.666  -11.466 -3.082  1.00 26.18 ? 205 HOH A O   1 
HETATM 1538 O  O   . HOH D 3 .   ? 5.084   12.740  -14.738 1.00 22.60 ? 206 HOH A O   1 
HETATM 1539 O  O   . HOH D 3 .   ? 20.004  2.171   -2.421  1.00 25.75 ? 207 HOH A O   1 
HETATM 1540 O  O   . HOH D 3 .   ? 2.499   20.722  -4.768  1.00 26.64 ? 208 HOH A O   1 
HETATM 1541 O  O   . HOH D 3 .   ? 6.791   7.497   14.346  1.00 35.30 ? 209 HOH A O   1 
HETATM 1542 O  O   . HOH D 3 .   ? 8.959   5.328   7.449   1.00 44.63 ? 210 HOH A O   1 
HETATM 1543 O  O   . HOH D 3 .   ? 8.189   10.067  -0.111  1.00 34.68 ? 211 HOH A O   1 
HETATM 1544 O  O   . HOH D 3 .   ? 10.107  5.953   -0.064  1.00 34.37 ? 212 HOH A O   1 
HETATM 1545 O  O   . HOH D 3 .   ? 7.619   14.236  2.817   1.00 38.41 ? 213 HOH A O   1 
HETATM 1546 O  O   . HOH D 3 .   ? -14.282 7.029   -1.306  1.00 38.12 ? 214 HOH A O   1 
HETATM 1547 O  O   . HOH D 3 .   ? -8.038  10.190  4.895   1.00 42.12 ? 215 HOH A O   1 
HETATM 1548 O  O   . HOH D 3 .   ? -5.365  12.974  1.370   1.00 44.73 ? 216 HOH A O   1 
HETATM 1549 O  O   . HOH D 3 .   ? -5.317  13.008  -1.268  1.00 41.62 ? 217 HOH A O   1 
HETATM 1550 O  O   . HOH D 3 .   ? -2.193  4.591   6.035   1.00 38.36 ? 218 HOH A O   1 
HETATM 1551 O  O   . HOH D 3 .   ? -5.821  17.603  -12.048 1.00 43.52 ? 219 HOH A O   1 
HETATM 1552 O  O   . HOH D 3 .   ? -0.882  18.007  -9.401  1.00 35.86 ? 220 HOH A O   1 
HETATM 1553 O  O   . HOH D 3 .   ? 0.695   15.356  -15.527 1.00 36.59 ? 221 HOH A O   1 
HETATM 1554 O  O   . HOH D 3 .   ? -1.704  12.348  -14.450 1.00 42.24 ? 222 HOH A O   1 
HETATM 1555 O  O   . HOH D 3 .   ? 7.311   12.060  -16.338 1.00 31.35 ? 223 HOH A O   1 
HETATM 1556 O  O   . HOH D 3 .   ? 8.763   9.841   -16.850 1.00 32.57 ? 224 HOH A O   1 
HETATM 1557 O  O   . HOH D 3 .   ? 15.551  -0.568  -14.666 1.00 36.87 ? 225 HOH A O   1 
HETATM 1558 O  O   . HOH D 3 .   ? 9.774   -14.295 -5.281  1.00 38.99 ? 226 HOH A O   1 
HETATM 1559 O  O   . HOH D 3 .   ? 6.068   -12.717 6.429   1.00 38.20 ? 227 HOH A O   1 
HETATM 1560 O  O   . HOH D 3 .   ? -2.997  -12.496 7.798   1.00 42.61 ? 228 HOH A O   1 
HETATM 1561 O  O   . HOH D 3 .   ? -11.758 -8.135  11.689  1.00 25.03 ? 229 HOH A O   1 
HETATM 1562 O  O   . HOH D 3 .   ? -13.982 -13.840 11.976  1.00 39.60 ? 230 HOH A O   1 
HETATM 1563 O  O   . HOH D 3 .   ? -4.654  3.510   -18.414 1.00 46.16 ? 231 HOH A O   1 
HETATM 1564 O  O   . HOH D 3 .   ? -6.445  -10.140 -15.039 1.00 45.98 ? 232 HOH A O   1 
HETATM 1565 O  O   . HOH D 3 .   ? -6.199  -10.904 13.166  1.00 35.66 ? 233 HOH A O   1 
HETATM 1566 O  O   . HOH D 3 .   ? -8.288  -13.099 10.953  1.00 46.15 ? 234 HOH A O   1 
HETATM 1567 O  O   . HOH D 3 .   ? -11.376 -15.517 -0.633  1.00 39.27 ? 235 HOH A O   1 
HETATM 1568 O  O   . HOH D 3 .   ? -8.100  -16.187 2.205   1.00 43.17 ? 236 HOH A O   1 
HETATM 1569 O  O   . HOH D 3 .   ? -11.777 -16.359 9.746   1.00 33.67 ? 237 HOH A O   1 
HETATM 1570 O  O   . HOH D 3 .   ? 12.450  4.192   10.785  1.00 43.87 ? 238 HOH A O   1 
HETATM 1571 O  O   . HOH D 3 .   ? 14.472  2.301   19.161  1.00 40.95 ? 239 HOH A O   1 
HETATM 1572 O  O   . HOH D 3 .   ? -1.140  10.303  14.990  1.00 36.06 ? 240 HOH A O   1 
HETATM 1573 O  O   . HOH D 3 .   ? -8.257  16.247  -8.383  1.00 28.27 ? 241 HOH A O   1 
HETATM 1574 O  O   . HOH D 3 .   ? 13.612  6.411   -14.914 1.00 38.26 ? 242 HOH A O   1 
HETATM 1575 O  O   . HOH D 3 .   ? -1.115  -14.486 -6.927  1.00 43.29 ? 243 HOH A O   1 
HETATM 1576 O  O   . HOH D 3 .   ? 15.117  6.553   -1.818  1.00 36.49 ? 244 HOH A O   1 
HETATM 1577 O  O   . HOH D 3 .   ? 8.347   8.695   12.566  1.00 39.73 ? 245 HOH A O   1 
HETATM 1578 O  O   . HOH D 3 .   ? 8.298   13.019  -1.687  1.00 33.27 ? 246 HOH A O   1 
HETATM 1579 O  O   . HOH D 3 .   ? 10.725  12.582  -6.040  1.00 50.95 ? 247 HOH A O   1 
HETATM 1580 O  O   . HOH D 3 .   ? 15.100  -5.107  5.480   1.00 36.29 ? 248 HOH A O   1 
HETATM 1581 O  O   . HOH D 3 .   ? 16.746  -7.780  2.250   1.00 39.80 ? 249 HOH A O   1 
HETATM 1582 O  O   . HOH D 3 .   ? 8.567   -14.096 -2.165  1.00 41.73 ? 250 HOH A O   1 
HETATM 1583 O  O   . HOH D 3 .   ? 18.438  -6.756  -0.060  1.00 40.07 ? 251 HOH A O   1 
HETATM 1584 O  O   . HOH D 3 .   ? 15.989  3.080   7.155   1.00 46.22 ? 252 HOH A O   1 
HETATM 1585 O  O   . HOH D 3 .   ? -4.023  8.888   6.884   1.00 42.65 ? 253 HOH A O   1 
HETATM 1586 O  O   . HOH D 3 .   ? -6.636  12.366  3.481   1.00 38.80 ? 254 HOH A O   1 
HETATM 1587 O  O   . HOH D 3 .   ? -4.211  16.243  -1.513  1.00 41.33 ? 255 HOH A O   1 
HETATM 1588 O  O   . HOH D 3 .   ? -2.597  14.884  3.136   1.00 43.10 ? 256 HOH A O   1 
HETATM 1589 O  O   . HOH D 3 .   ? 4.976   -13.362 -11.160 1.00 45.20 ? 257 HOH A O   1 
HETATM 1590 O  O   . HOH D 3 .   ? 14.638  10.848  -9.525  1.00 33.82 ? 258 HOH A O   1 
HETATM 1591 O  O   . HOH D 3 .   ? 19.115  3.627   -14.345 1.00 31.87 ? 259 HOH A O   1 
HETATM 1592 O  O   . HOH D 3 .   ? 20.066  4.981   -12.462 1.00 37.26 ? 260 HOH A O   1 
HETATM 1593 O  O   . HOH D 3 .   ? 6.981   3.812   17.169  1.00 21.96 ? 261 HOH A O   1 
HETATM 1594 O  O   . HOH D 3 .   ? -16.476 3.165   -0.510  1.00 26.65 ? 262 HOH A O   1 
HETATM 1595 O  O   . HOH D 3 .   ? 5.163   15.358  -14.822 1.00 24.81 ? 263 HOH A O   1 
HETATM 1596 O  O   . HOH D 3 .   ? -11.295 -14.945 5.047   1.00 25.22 ? 264 HOH A O   1 
HETATM 1597 O  O   . HOH D 3 .   ? 14.935  4.471   -15.777 1.00 29.09 ? 265 HOH A O   1 
HETATM 1598 O  O   . HOH D 3 .   ? -2.575  10.726  4.954   1.00 18.24 ? 266 HOH A O   1 
HETATM 1599 O  O   . HOH D 3 .   ? -4.636  -4.433  -12.324 1.00 22.04 ? 267 HOH A O   1 
HETATM 1600 O  O   . HOH D 3 .   ? -9.333  10.441  -4.674  1.00 21.24 ? 268 HOH A O   1 
HETATM 1601 O  O   . HOH D 3 .   ? 4.839   -5.573  14.327  1.00 34.55 ? 269 HOH A O   1 
HETATM 1602 O  O   . HOH D 3 .   ? -2.713  10.533  -12.997 1.00 24.82 ? 270 HOH A O   1 
HETATM 1603 O  O   . HOH D 3 .   ? -16.284 1.903   6.961   1.00 22.36 ? 271 HOH A O   1 
HETATM 1604 O  O   . HOH D 3 .   ? -3.844  8.026   11.419  1.00 23.95 ? 272 HOH A O   1 
HETATM 1605 O  O   . HOH D 3 .   ? -9.127  -10.239 -5.533  1.00 20.25 ? 273 HOH A O   1 
HETATM 1606 O  O   . HOH D 3 .   ? -14.114 2.891   -3.477  1.00 20.61 ? 274 HOH A O   1 
HETATM 1607 O  O   . HOH D 3 .   ? -14.060 1.376   -7.741  1.00 33.32 ? 275 HOH A O   1 
HETATM 1608 O  O   . HOH D 3 .   ? -2.938  -4.134  -15.234 1.00 25.53 ? 276 HOH A O   1 
HETATM 1609 O  O   . HOH D 3 .   ? -17.881 5.241   0.278   1.00 34.44 ? 277 HOH A O   1 
HETATM 1610 O  O   . HOH D 3 .   ? -2.763  6.654   15.784  1.00 30.32 ? 278 HOH A O   1 
HETATM 1611 O  O   . HOH D 3 .   ? -6.101  -9.382  -2.415  1.00 17.88 ? 279 HOH A O   1 
HETATM 1612 O  O   . HOH D 3 .   ? 12.453  2.613   13.025  1.00 34.28 ? 280 HOH A O   1 
HETATM 1613 O  O   . HOH D 3 .   ? -21.220 1.857   -2.825  1.00 29.40 ? 281 HOH A O   1 
HETATM 1614 O  O   . HOH D 3 .   ? 7.455   7.923   7.747   1.00 34.32 ? 282 HOH A O   1 
HETATM 1615 O  O   . HOH D 3 .   ? 15.284  -5.774  2.761   1.00 29.07 ? 283 HOH A O   1 
HETATM 1616 O  O   . HOH D 3 .   ? 1.843   -10.149 0.123   1.00 29.88 ? 284 HOH A O   1 
HETATM 1617 O  O   . HOH D 3 .   ? -5.764  -13.271 -3.966  1.00 28.97 ? 285 HOH A O   1 
HETATM 1618 O  O   . HOH D 3 .   ? 6.113   -7.965  -12.205 1.00 37.58 ? 286 HOH A O   1 
HETATM 1619 O  O   . HOH D 3 .   ? -8.864  6.893   6.032   1.00 25.51 ? 287 HOH A O   1 
HETATM 1620 O  O   . HOH D 3 .   ? 14.217  -0.373  -16.843 1.00 35.69 ? 288 HOH A O   1 
HETATM 1621 O  O   . HOH D 3 .   ? 1.387   3.107   -16.173 1.00 37.63 ? 289 HOH A O   1 
HETATM 1622 O  O   . HOH D 3 .   ? -0.364  17.478  -5.112  1.00 28.62 ? 290 HOH A O   1 
HETATM 1623 O  O   . HOH D 3 .   ? -9.959  -14.156 2.529   1.00 24.80 ? 291 HOH A O   1 
HETATM 1624 O  O   . HOH D 3 .   ? -7.307  1.388   9.856   1.00 30.16 ? 292 HOH A O   1 
HETATM 1625 O  O   . HOH D 3 .   ? -13.156 4.271   -5.637  1.00 25.57 ? 293 HOH A O   1 
HETATM 1626 O  O   . HOH D 3 .   ? 3.031   -9.022  -13.456 1.00 39.11 ? 294 HOH A O   1 
HETATM 1627 O  O   . HOH D 3 .   ? -1.468  -10.510 2.931   1.00 28.37 ? 295 HOH A O   1 
HETATM 1628 O  O   . HOH D 3 .   ? 7.036   -11.453 -11.683 1.00 33.25 ? 296 HOH A O   1 
HETATM 1629 O  O   . HOH D 3 .   ? 16.274  -2.815  8.822   1.00 31.07 ? 297 HOH A O   1 
HETATM 1630 O  O   . HOH D 3 .   ? -4.992  3.640   -15.003 1.00 30.54 ? 298 HOH A O   1 
HETATM 1631 O  O   . HOH D 3 .   ? -20.202 -9.753  7.486   0.50 25.82 ? 299 HOH A O   1 
HETATM 1632 O  O   . HOH D 3 .   ? -7.747  -3.720  -12.538 1.00 41.07 ? 300 HOH A O   1 
HETATM 1633 O  O   . HOH D 3 .   ? -2.626  -0.870  -17.114 1.00 34.82 ? 301 HOH A O   1 
HETATM 1634 O  O   . HOH D 3 .   ? 8.583   -11.593 15.015  1.00 31.79 ? 302 HOH A O   1 
HETATM 1635 O  O   . HOH D 3 .   ? -10.127 0.996   10.795  1.00 41.41 ? 303 HOH A O   1 
HETATM 1636 O  O   . HOH D 3 .   ? 13.854  -9.295  0.121   1.00 45.87 ? 304 HOH A O   1 
HETATM 1637 O  O   . HOH D 3 .   ? 10.927  -6.389  -16.918 1.00 34.83 ? 305 HOH A O   1 
HETATM 1638 O  O   . HOH D 3 .   ? 4.747   19.036  5.612   1.00 35.12 ? 306 HOH A O   1 
HETATM 1639 O  O   . HOH D 3 .   ? -14.926 3.727   -8.169  1.00 41.41 ? 307 HOH A O   1 
HETATM 1640 O  O   . HOH D 3 .   ? 4.220   -14.253 -8.831  1.00 34.91 ? 308 HOH A O   1 
HETATM 1641 O  O   . HOH D 3 .   ? 17.050  -3.898  2.267   1.00 30.37 ? 309 HOH A O   1 
HETATM 1642 O  O   . HOH D 3 .   ? 5.540   2.587   21.635  1.00 29.98 ? 310 HOH A O   1 
HETATM 1643 O  O   . HOH D 3 .   ? -5.696  9.933   -13.262 1.00 23.81 ? 311 HOH A O   1 
HETATM 1644 O  O   . HOH D 3 .   ? -13.868 -0.206  8.935   1.00 28.08 ? 312 HOH A O   1 
HETATM 1645 O  O   . HOH D 3 .   ? 12.901  -8.796  18.044  1.00 36.23 ? 313 HOH A O   1 
HETATM 1646 O  O   . HOH D 3 .   ? 6.196   16.124  -0.061  1.00 26.48 ? 314 HOH A O   1 
HETATM 1647 O  O   . HOH D 3 .   ? 18.517  -4.148  0.068   1.00 32.49 ? 315 HOH A O   1 
HETATM 1648 O  O   . HOH D 3 .   ? 12.612  -8.078  -15.725 1.00 37.10 ? 316 HOH A O   1 
HETATM 1649 O  O   . HOH D 3 .   ? 13.426  -8.148  -12.595 1.00 41.75 ? 317 HOH A O   1 
HETATM 1650 O  O   . HOH D 3 .   ? -3.960  12.885  4.159   1.00 46.58 ? 318 HOH A O   1 
HETATM 1651 O  O   . HOH D 3 .   ? 5.620   -10.663 -0.409  1.00 34.29 ? 319 HOH A O   1 
HETATM 1652 O  O   . HOH D 3 .   ? 8.184   18.637  6.243   1.00 45.50 ? 320 HOH A O   1 
HETATM 1653 O  O   . HOH D 3 .   ? -18.752 3.251   7.625   1.00 44.02 ? 321 HOH A O   1 
HETATM 1654 O  O   . HOH D 3 .   ? -22.382 3.410   4.666   1.00 45.59 ? 322 HOH A O   1 
HETATM 1655 O  O   . HOH D 3 .   ? 11.813  -10.267 -8.351  1.00 41.93 ? 323 HOH A O   1 
HETATM 1656 O  O   . HOH D 3 .   ? -16.107 -19.176 6.816   1.00 52.27 ? 324 HOH A O   1 
HETATM 1657 O  O   . HOH D 3 .   ? 7.223   -7.367  -17.430 1.00 55.26 ? 325 HOH A O   1 
# 
loop_
_pdbx_poly_seq_scheme.asym_id 
_pdbx_poly_seq_scheme.entity_id 
_pdbx_poly_seq_scheme.seq_id 
_pdbx_poly_seq_scheme.mon_id 
_pdbx_poly_seq_scheme.ndb_seq_num 
_pdbx_poly_seq_scheme.pdb_seq_num 
_pdbx_poly_seq_scheme.auth_seq_num 
_pdbx_poly_seq_scheme.pdb_mon_id 
_pdbx_poly_seq_scheme.auth_mon_id 
_pdbx_poly_seq_scheme.pdb_strand_id 
_pdbx_poly_seq_scheme.pdb_ins_code 
_pdbx_poly_seq_scheme.hetero 
A 1 1   MET 1   -19 ?   ?   ?   A . n 
A 1 2   HIS 2   -18 ?   ?   ?   A . n 
A 1 3   HIS 3   -17 ?   ?   ?   A . n 
A 1 4   HIS 4   -16 ?   ?   ?   A . n 
A 1 5   HIS 5   -15 ?   ?   ?   A . n 
A 1 6   HIS 6   -14 ?   ?   ?   A . n 
A 1 7   HIS 7   -13 ?   ?   ?   A . n 
A 1 8   SER 8   -12 ?   ?   ?   A . n 
A 1 9   SER 9   -11 ?   ?   ?   A . n 
A 1 10  GLY 10  -10 ?   ?   ?   A . n 
A 1 11  VAL 11  -9  ?   ?   ?   A . n 
A 1 12  ASP 12  -8  ?   ?   ?   A . n 
A 1 13  LEU 13  -7  ?   ?   ?   A . n 
A 1 14  GLY 14  -6  ?   ?   ?   A . n 
A 1 15  THR 15  -5  ?   ?   ?   A . n 
A 1 16  GLU 16  -4  ?   ?   ?   A . n 
A 1 17  ASN 17  -3  ?   ?   ?   A . n 
A 1 18  LEU 18  -2  ?   ?   ?   A . n 
A 1 19  TYR 19  -1  ?   ?   ?   A . n 
A 1 20  PHE 20  0   ?   ?   ?   A . n 
A 1 21  GLN 21  1   ?   ?   ?   A . n 
A 1 22  SER 22  2   ?   ?   ?   A . n 
A 1 23  MET 23  3   3   MET MET A . n 
A 1 24  ILE 24  4   4   ILE ILE A . n 
A 1 25  ALA 25  5   5   ALA ALA A . n 
A 1 26  LYS 26  6   6   LYS LYS A . n 
A 1 27  SER 27  7   7   SER SER A . n 
A 1 28  PHE 28  8   8   PHE PHE A . n 
A 1 29  TYR 29  9   9   TYR TYR A . n 
A 1 30  ASP 30  10  10  ASP ASP A . n 
A 1 31  LEU 31  11  11  LEU LEU A . n 
A 1 32  SER 32  12  12  SER SER A . n 
A 1 33  ALA 33  13  13  ALA ALA A . n 
A 1 34  ILE 34  14  14  ILE ILE A . n 
A 1 35  ASN 35  15  15  ASN ASN A . n 
A 1 36  LEU 36  16  16  LEU LEU A . n 
A 1 37  ASP 37  17  17  ASP ASP A . n 
A 1 38  GLY 38  18  18  GLY GLY A . n 
A 1 39  GLU 39  19  19  GLU GLU A . n 
A 1 40  LYS 40  20  20  LYS LYS A . n 
A 1 41  VAL 41  21  21  VAL VAL A . n 
A 1 42  ASP 42  22  22  ASP ASP A . n 
A 1 43  PHE 43  23  23  PHE PHE A . n 
A 1 44  ASN 44  24  24  ASN ASN A . n 
A 1 45  THR 45  25  25  THR THR A . n 
A 1 46  PHE 46  26  26  PHE PHE A . n 
A 1 47  ARG 47  27  27  ARG ARG A . n 
A 1 48  GLY 48  28  28  GLY GLY A . n 
A 1 49  ARG 49  29  29  ARG ARG A . n 
A 1 50  ALA 50  30  30  ALA ALA A . n 
A 1 51  VAL 51  31  31  VAL VAL A . n 
A 1 52  LEU 52  32  32  LEU LEU A . n 
A 1 53  ILE 53  33  33  ILE ILE A . n 
A 1 54  GLU 54  34  34  GLU GLU A . n 
A 1 55  ASN 55  35  35  ASN ASN A . n 
A 1 56  VAL 56  36  36  VAL VAL A . n 
A 1 57  ALA 57  37  37  ALA ALA A . n 
A 1 58  SER 58  38  38  SER SER A . n 
A 1 59  LEU 59  39  39  LEU LEU A . n 
A 1 60  CYS 60  40  40  CYS CYS A . n 
A 1 61  GLY 61  41  41  GLY GLY A . n 
A 1 62  THR 62  42  42  THR THR A . n 
A 1 63  THR 63  43  43  THR THR A . n 
A 1 64  THR 64  44  44  THR THR A . n 
A 1 65  ARG 65  45  45  ARG ARG A . n 
A 1 66  ASP 66  46  46  ASP ASP A . n 
A 1 67  PHE 67  47  47  PHE PHE A . n 
A 1 68  THR 68  48  48  THR THR A . n 
A 1 69  GLN 69  49  49  GLN GLN A . n 
A 1 70  LEU 70  50  50  LEU LEU A . n 
A 1 71  ASN 71  51  51  ASN ASN A . n 
A 1 72  GLU 72  52  52  GLU GLU A . n 
A 1 73  LEU 73  53  53  LEU LEU A . n 
A 1 74  GLN 74  54  54  GLN GLN A . n 
A 1 75  CYS 75  55  55  CYS CYS A . n 
A 1 76  ARG 76  56  56  ARG ARG A . n 
A 1 77  PHE 77  57  57  PHE PHE A . n 
A 1 78  PRO 78  58  58  PRO PRO A . n 
A 1 79  ARG 79  59  59  ARG ARG A . n 
A 1 80  ARG 80  60  60  ARG ARG A . n 
A 1 81  LEU 81  61  61  LEU LEU A . n 
A 1 82  VAL 82  62  62  VAL VAL A . n 
A 1 83  VAL 83  63  63  VAL VAL A . n 
A 1 84  LEU 84  64  64  LEU LEU A . n 
A 1 85  GLY 85  65  65  GLY GLY A . n 
A 1 86  PHE 86  66  66  PHE PHE A . n 
A 1 87  PRO 87  67  67  PRO PRO A . n 
A 1 88  CYS 88  68  68  CYS CYS A . n 
A 1 89  ASN 89  69  69  ASN ASN A . n 
A 1 90  GLN 90  70  70  GLN GLN A . n 
A 1 91  PHE 91  71  71  PHE PHE A . n 
A 1 92  GLY 92  72  72  GLY GLY A . n 
A 1 93  HIS 93  73  73  HIS HIS A . n 
A 1 94  GLN 94  74  74  GLN GLN A . n 
A 1 95  GLU 95  75  75  GLU GLU A . n 
A 1 96  ASN 96  76  76  ASN ASN A . n 
A 1 97  CYS 97  77  77  CYS CYS A . n 
A 1 98  GLN 98  78  78  GLN GLN A . n 
A 1 99  ASN 99  79  79  ASN ASN A . n 
A 1 100 GLU 100 80  80  GLU GLU A . n 
A 1 101 GLU 101 81  81  GLU GLU A . n 
A 1 102 ILE 102 82  82  ILE ILE A . n 
A 1 103 LEU 103 83  83  LEU LEU A . n 
A 1 104 ASN 104 84  84  ASN ASN A . n 
A 1 105 SER 105 85  85  SER SER A . n 
A 1 106 LEU 106 86  86  LEU LEU A . n 
A 1 107 LYS 107 87  87  LYS LYS A . n 
A 1 108 TYR 108 88  88  TYR TYR A . n 
A 1 109 VAL 109 89  89  VAL VAL A . n 
A 1 110 ARG 110 90  90  ARG ARG A . n 
A 1 111 PRO 111 91  91  PRO PRO A . n 
A 1 112 GLY 112 92  92  GLY GLY A . n 
A 1 113 GLY 113 93  93  GLY GLY A . n 
A 1 114 GLY 114 94  94  GLY GLY A . n 
A 1 115 TYR 115 95  95  TYR TYR A . n 
A 1 116 GLN 116 96  96  GLN GLN A . n 
A 1 117 PRO 117 97  97  PRO PRO A . n 
A 1 118 THR 118 98  98  THR THR A . n 
A 1 119 PHE 119 99  99  PHE PHE A . n 
A 1 120 THR 120 100 100 THR THR A . n 
A 1 121 LEU 121 101 101 LEU LEU A . n 
A 1 122 VAL 122 102 102 VAL VAL A . n 
A 1 123 GLN 123 103 103 GLN GLN A . n 
A 1 124 LYS 124 104 104 LYS LYS A . n 
A 1 125 CYS 125 105 105 CYS CYS A . n 
A 1 126 GLU 126 106 106 GLU GLU A . n 
A 1 127 VAL 127 107 107 VAL VAL A . n 
A 1 128 ASN 128 108 108 ASN ASN A . n 
A 1 129 GLY 129 109 109 GLY GLY A . n 
A 1 130 GLN 130 110 110 GLN GLN A . n 
A 1 131 ASN 131 111 111 ASN ASN A . n 
A 1 132 GLU 132 112 112 GLU GLU A . n 
A 1 133 HIS 133 113 113 HIS HIS A . n 
A 1 134 PRO 134 114 114 PRO PRO A . n 
A 1 135 VAL 135 115 115 VAL VAL A . n 
A 1 136 PHE 136 116 116 PHE PHE A . n 
A 1 137 ALA 137 117 117 ALA ALA A . n 
A 1 138 TYR 138 118 118 TYR TYR A . n 
A 1 139 LEU 139 119 119 LEU LEU A . n 
A 1 140 LYS 140 120 120 LYS LYS A . n 
A 1 141 ASP 141 121 121 ASP ASP A . n 
A 1 142 LYS 142 122 122 LYS LYS A . n 
A 1 143 LEU 143 123 123 LEU LEU A . n 
A 1 144 PRO 144 124 124 PRO PRO A . n 
A 1 145 TYR 145 125 125 TYR TYR A . n 
A 1 146 PRO 146 126 126 PRO PRO A . n 
A 1 147 TYR 147 127 127 TYR TYR A . n 
A 1 148 ASP 148 128 128 ASP ASP A . n 
A 1 149 ASP 149 129 129 ASP ASP A . n 
A 1 150 PRO 150 130 130 PRO PRO A . n 
A 1 151 PHE 151 131 131 PHE PHE A . n 
A 1 152 SER 152 132 132 SER SER A . n 
A 1 153 LEU 153 133 133 LEU LEU A . n 
A 1 154 MET 154 134 134 MET MET A . n 
A 1 155 THR 155 135 135 THR THR A . n 
A 1 156 ASP 156 136 136 ASP ASP A . n 
A 1 157 PRO 157 137 137 PRO PRO A . n 
A 1 158 LYS 158 138 138 LYS LYS A . n 
A 1 159 LEU 159 139 139 LEU LEU A . n 
A 1 160 ILE 160 140 140 ILE ILE A . n 
A 1 161 ILE 161 141 141 ILE ILE A . n 
A 1 162 TRP 162 142 142 TRP TRP A . n 
A 1 163 SER 163 143 143 SER SER A . n 
A 1 164 PRO 164 144 144 PRO PRO A . n 
A 1 165 VAL 165 145 145 VAL VAL A . n 
A 1 166 ARG 166 146 146 ARG ARG A . n 
A 1 167 ARG 167 147 147 ARG ARG A . n 
A 1 168 SER 168 148 148 SER SER A . n 
A 1 169 ASP 169 149 149 ASP ASP A . n 
A 1 170 VAL 170 150 150 VAL VAL A . n 
A 1 171 ALA 171 151 151 ALA ALA A . n 
A 1 172 TRP 172 152 152 TRP TRP A . n 
A 1 173 ASN 173 153 153 ASN ASN A . n 
A 1 174 PHE 174 154 154 PHE PHE A . n 
A 1 175 GLU 175 155 155 GLU GLU A . n 
A 1 176 LYS 176 156 156 LYS LYS A . n 
A 1 177 PHE 177 157 157 PHE PHE A . n 
A 1 178 LEU 178 158 158 LEU LEU A . n 
A 1 179 ILE 179 159 159 ILE ILE A . n 
A 1 180 GLY 180 160 160 GLY GLY A . n 
A 1 181 PRO 181 161 161 PRO PRO A . n 
A 1 182 GLU 182 162 162 GLU GLU A . n 
A 1 183 GLY 183 163 163 GLY GLY A . n 
A 1 184 GLU 184 164 164 GLU GLU A . n 
A 1 185 PRO 185 165 165 PRO PRO A . n 
A 1 186 PHE 186 166 166 PHE PHE A . n 
A 1 187 ARG 187 167 167 ARG ARG A . n 
A 1 188 ARG 188 168 168 ARG ARG A . n 
A 1 189 TYR 189 169 169 TYR TYR A . n 
A 1 190 SER 190 170 170 SER SER A . n 
A 1 191 ARG 191 171 171 ARG ARG A . n 
A 1 192 THR 192 172 172 THR THR A . n 
A 1 193 PHE 193 173 173 PHE PHE A . n 
A 1 194 PRO 194 174 174 PRO PRO A . n 
A 1 195 THR 195 175 175 THR THR A . n 
A 1 196 ILE 196 176 176 ILE ILE A . n 
A 1 197 ASN 197 177 177 ASN ASN A . n 
A 1 198 ILE 198 178 178 ILE ILE A . n 
A 1 199 GLU 199 179 179 GLU GLU A . n 
A 1 200 PRO 200 180 180 PRO PRO A . n 
A 1 201 ASP 201 181 181 ASP ASP A . n 
A 1 202 ILE 202 182 182 ILE ILE A . n 
A 1 203 LYS 203 183 183 LYS LYS A . n 
A 1 204 ARG 204 184 184 ARG ARG A . n 
A 1 205 LEU 205 185 185 LEU LEU A . n 
A 1 206 LEU 206 186 186 LEU LEU A . n 
A 1 207 LYS 207 187 187 LYS LYS A . n 
A 1 208 VAL 208 188 ?   ?   ?   A . n 
# 
_pdbx_SG_project.id                    1 
_pdbx_SG_project.project_name          ? 
_pdbx_SG_project.full_name_of_center   'Structural Genomics Consortium' 
_pdbx_SG_project.initial_of_center     SGC 
# 
loop_
_pdbx_nonpoly_scheme.asym_id 
_pdbx_nonpoly_scheme.entity_id 
_pdbx_nonpoly_scheme.mon_id 
_pdbx_nonpoly_scheme.ndb_seq_num 
_pdbx_nonpoly_scheme.pdb_seq_num 
_pdbx_nonpoly_scheme.auth_seq_num 
_pdbx_nonpoly_scheme.pdb_mon_id 
_pdbx_nonpoly_scheme.auth_mon_id 
_pdbx_nonpoly_scheme.pdb_strand_id 
_pdbx_nonpoly_scheme.pdb_ins_code 
B 2 CL  1   189 1   CL  CL  A . 
C 2 CL  1   190 2   CL  CL  A . 
D 3 HOH 1   191 3   HOH HOH A . 
D 3 HOH 2   192 4   HOH HOH A . 
D 3 HOH 3   193 5   HOH HOH A . 
D 3 HOH 4   194 6   HOH HOH A . 
D 3 HOH 5   195 7   HOH HOH A . 
D 3 HOH 6   196 8   HOH HOH A . 
D 3 HOH 7   197 9   HOH HOH A . 
D 3 HOH 8   198 10  HOH HOH A . 
D 3 HOH 9   199 11  HOH HOH A . 
D 3 HOH 10  200 12  HOH HOH A . 
D 3 HOH 11  201 13  HOH HOH A . 
D 3 HOH 12  202 14  HOH HOH A . 
D 3 HOH 13  203 15  HOH HOH A . 
D 3 HOH 14  204 16  HOH HOH A . 
D 3 HOH 15  205 17  HOH HOH A . 
D 3 HOH 16  206 18  HOH HOH A . 
D 3 HOH 17  207 19  HOH HOH A . 
D 3 HOH 18  208 20  HOH HOH A . 
D 3 HOH 19  209 21  HOH HOH A . 
D 3 HOH 20  210 22  HOH HOH A . 
D 3 HOH 21  211 23  HOH HOH A . 
D 3 HOH 22  212 24  HOH HOH A . 
D 3 HOH 23  213 25  HOH HOH A . 
D 3 HOH 24  214 26  HOH HOH A . 
D 3 HOH 25  215 27  HOH HOH A . 
D 3 HOH 26  216 28  HOH HOH A . 
D 3 HOH 27  217 29  HOH HOH A . 
D 3 HOH 28  218 30  HOH HOH A . 
D 3 HOH 29  219 31  HOH HOH A . 
D 3 HOH 30  220 32  HOH HOH A . 
D 3 HOH 31  221 33  HOH HOH A . 
D 3 HOH 32  222 34  HOH HOH A . 
D 3 HOH 33  223 35  HOH HOH A . 
D 3 HOH 34  224 36  HOH HOH A . 
D 3 HOH 35  225 37  HOH HOH A . 
D 3 HOH 36  226 38  HOH HOH A . 
D 3 HOH 37  227 39  HOH HOH A . 
D 3 HOH 38  228 40  HOH HOH A . 
D 3 HOH 39  229 41  HOH HOH A . 
D 3 HOH 40  230 42  HOH HOH A . 
D 3 HOH 41  231 43  HOH HOH A . 
D 3 HOH 42  232 44  HOH HOH A . 
D 3 HOH 43  233 45  HOH HOH A . 
D 3 HOH 44  234 46  HOH HOH A . 
D 3 HOH 45  235 47  HOH HOH A . 
D 3 HOH 46  236 48  HOH HOH A . 
D 3 HOH 47  237 49  HOH HOH A . 
D 3 HOH 48  238 50  HOH HOH A . 
D 3 HOH 49  239 51  HOH HOH A . 
D 3 HOH 50  240 52  HOH HOH A . 
D 3 HOH 51  241 53  HOH HOH A . 
D 3 HOH 52  242 54  HOH HOH A . 
D 3 HOH 53  243 55  HOH HOH A . 
D 3 HOH 54  244 56  HOH HOH A . 
D 3 HOH 55  245 57  HOH HOH A . 
D 3 HOH 56  246 58  HOH HOH A . 
D 3 HOH 57  247 59  HOH HOH A . 
D 3 HOH 58  248 60  HOH HOH A . 
D 3 HOH 59  249 61  HOH HOH A . 
D 3 HOH 60  250 62  HOH HOH A . 
D 3 HOH 61  251 63  HOH HOH A . 
D 3 HOH 62  252 64  HOH HOH A . 
D 3 HOH 63  253 65  HOH HOH A . 
D 3 HOH 64  254 66  HOH HOH A . 
D 3 HOH 65  255 67  HOH HOH A . 
D 3 HOH 66  256 68  HOH HOH A . 
D 3 HOH 67  257 69  HOH HOH A . 
D 3 HOH 68  258 70  HOH HOH A . 
D 3 HOH 69  259 71  HOH HOH A . 
D 3 HOH 70  260 72  HOH HOH A . 
D 3 HOH 71  261 73  HOH HOH A . 
D 3 HOH 72  262 74  HOH HOH A . 
D 3 HOH 73  263 75  HOH HOH A . 
D 3 HOH 74  264 76  HOH HOH A . 
D 3 HOH 75  265 77  HOH HOH A . 
D 3 HOH 76  266 78  HOH HOH A . 
D 3 HOH 77  267 79  HOH HOH A . 
D 3 HOH 78  268 80  HOH HOH A . 
D 3 HOH 79  269 81  HOH HOH A . 
D 3 HOH 80  270 82  HOH HOH A . 
D 3 HOH 81  271 83  HOH HOH A . 
D 3 HOH 82  272 84  HOH HOH A . 
D 3 HOH 83  273 85  HOH HOH A . 
D 3 HOH 84  274 86  HOH HOH A . 
D 3 HOH 85  275 87  HOH HOH A . 
D 3 HOH 86  276 88  HOH HOH A . 
D 3 HOH 87  277 89  HOH HOH A . 
D 3 HOH 88  278 90  HOH HOH A . 
D 3 HOH 89  279 91  HOH HOH A . 
D 3 HOH 90  280 92  HOH HOH A . 
D 3 HOH 91  281 93  HOH HOH A . 
D 3 HOH 92  282 94  HOH HOH A . 
D 3 HOH 93  283 95  HOH HOH A . 
D 3 HOH 94  284 97  HOH HOH A . 
D 3 HOH 95  285 98  HOH HOH A . 
D 3 HOH 96  286 99  HOH HOH A . 
D 3 HOH 97  287 100 HOH HOH A . 
D 3 HOH 98  288 101 HOH HOH A . 
D 3 HOH 99  289 102 HOH HOH A . 
D 3 HOH 100 290 103 HOH HOH A . 
D 3 HOH 101 291 104 HOH HOH A . 
D 3 HOH 102 292 105 HOH HOH A . 
D 3 HOH 103 293 106 HOH HOH A . 
D 3 HOH 104 294 107 HOH HOH A . 
D 3 HOH 105 295 108 HOH HOH A . 
D 3 HOH 106 296 109 HOH HOH A . 
D 3 HOH 107 297 110 HOH HOH A . 
D 3 HOH 108 298 111 HOH HOH A . 
D 3 HOH 109 299 112 HOH HOH A . 
D 3 HOH 110 300 113 HOH HOH A . 
D 3 HOH 111 301 114 HOH HOH A . 
D 3 HOH 112 302 115 HOH HOH A . 
D 3 HOH 113 303 116 HOH HOH A . 
D 3 HOH 114 304 117 HOH HOH A . 
D 3 HOH 115 305 118 HOH HOH A . 
D 3 HOH 116 306 119 HOH HOH A . 
D 3 HOH 117 307 120 HOH HOH A . 
D 3 HOH 118 308 121 HOH HOH A . 
D 3 HOH 119 309 122 HOH HOH A . 
D 3 HOH 120 310 123 HOH HOH A . 
D 3 HOH 121 311 124 HOH HOH A . 
D 3 HOH 122 312 125 HOH HOH A . 
D 3 HOH 123 313 126 HOH HOH A . 
D 3 HOH 124 314 127 HOH HOH A . 
D 3 HOH 125 315 128 HOH HOH A . 
D 3 HOH 126 316 129 HOH HOH A . 
D 3 HOH 127 317 130 HOH HOH A . 
D 3 HOH 128 318 131 HOH HOH A . 
D 3 HOH 129 319 132 HOH HOH A . 
D 3 HOH 130 320 133 HOH HOH A . 
D 3 HOH 131 321 134 HOH HOH A . 
D 3 HOH 132 322 135 HOH HOH A . 
D 3 HOH 133 323 136 HOH HOH A . 
D 3 HOH 134 324 137 HOH HOH A . 
D 3 HOH 135 325 138 HOH HOH A . 
# 
_pdbx_struct_assembly.id                   1 
_pdbx_struct_assembly.details              author_and_software_defined_assembly 
_pdbx_struct_assembly.method_details       PISA,PQS 
_pdbx_struct_assembly.oligomeric_details   tetrameric 
_pdbx_struct_assembly.oligomeric_count     4 
# 
_pdbx_struct_assembly_gen.assembly_id       1 
_pdbx_struct_assembly_gen.oper_expression   1,2,3,4 
_pdbx_struct_assembly_gen.asym_id_list      A,B,C,D 
# 
loop_
_pdbx_struct_assembly_prop.biol_id 
_pdbx_struct_assembly_prop.type 
_pdbx_struct_assembly_prop.value 
_pdbx_struct_assembly_prop.details 
1 'ABSA (A^2)' 7560  ? 
1 MORE         -105  ? 
1 'SSA (A^2)'  30440 ? 
# 
loop_
_pdbx_struct_oper_list.id 
_pdbx_struct_oper_list.type 
_pdbx_struct_oper_list.name 
_pdbx_struct_oper_list.symmetry_operation 
_pdbx_struct_oper_list.matrix[1][1] 
_pdbx_struct_oper_list.matrix[1][2] 
_pdbx_struct_oper_list.matrix[1][3] 
_pdbx_struct_oper_list.vector[1] 
_pdbx_struct_oper_list.matrix[2][1] 
_pdbx_struct_oper_list.matrix[2][2] 
_pdbx_struct_oper_list.matrix[2][3] 
_pdbx_struct_oper_list.vector[2] 
_pdbx_struct_oper_list.matrix[3][1] 
_pdbx_struct_oper_list.matrix[3][2] 
_pdbx_struct_oper_list.matrix[3][3] 
_pdbx_struct_oper_list.vector[3] 
1 'identity operation'         1_555 x,y,z     1.0000000000  0.0000000000  0.0000000000  0.0000000000   0.0000000000  1.0000000000  0.0000000000  0.0000000000   0.0000000000  0.0000000000  1.0000000000  0.0000000000   
2 'crystal symmetry operation' 2_555 -x,-y,z   0.7388273880  0.3896893287  0.5497966149  -7.5642700528  0.3896893287  -0.9126665625 0.1232151479  -13.0317236816 0.5497966149  0.1232151479  -0.8261608255 33.1600506398  
3 'crystal symmetry operation' 3_556 -x,y,-z+1 -0.8637280273 0.0912135927  -0.4956349214 -33.0585832521 0.0912135927  -0.9389462166 -0.3317530449 -14.5923523850 -0.4956349214 -0.3317530449 0.8026742440  -11.7747539346 
4 'crystal symmetry operation' 4_556 x,-y,-z+1 -0.8750993607 -0.4809029215 -0.0541616935 -44.1490606291 -0.4809029215 0.8516127792  0.2085378970  -14.0471767554 -0.0541616935 0.2085378970  -0.9765134185 22.9143950470 
# 
_pdbx_struct_special_symmetry.id              1 
_pdbx_struct_special_symmetry.PDB_model_num   1 
_pdbx_struct_special_symmetry.auth_asym_id    A 
_pdbx_struct_special_symmetry.auth_comp_id    HOH 
_pdbx_struct_special_symmetry.auth_seq_id     299 
_pdbx_struct_special_symmetry.PDB_ins_code    ? 
_pdbx_struct_special_symmetry.label_asym_id   D 
_pdbx_struct_special_symmetry.label_comp_id   HOH 
_pdbx_struct_special_symmetry.label_seq_id    . 
# 
loop_
_pdbx_audit_revision_history.ordinal 
_pdbx_audit_revision_history.data_content_type 
_pdbx_audit_revision_history.major_revision 
_pdbx_audit_revision_history.minor_revision 
_pdbx_audit_revision_history.revision_date 
1 'Structure model' 1 0 2006-07-25 
2 'Structure model' 1 1 2008-05-01 
3 'Structure model' 1 2 2011-07-13 
4 'Structure model' 1 3 2018-01-31 
5 'Structure model' 1 4 2021-10-20 
6 'Structure model' 1 5 2023-08-30 
# 
_pdbx_audit_revision_details.ordinal             1 
_pdbx_audit_revision_details.revision_ordinal    1 
_pdbx_audit_revision_details.data_content_type   'Structure model' 
_pdbx_audit_revision_details.provider            repository 
_pdbx_audit_revision_details.type                'Initial release' 
_pdbx_audit_revision_details.description         ? 
_pdbx_audit_revision_details.details             ? 
# 
loop_
_pdbx_audit_revision_group.ordinal 
_pdbx_audit_revision_group.revision_ordinal 
_pdbx_audit_revision_group.data_content_type 
_pdbx_audit_revision_group.group 
1 2 'Structure model' 'Version format compliance' 
2 3 'Structure model' Advisory                    
3 3 'Structure model' 'Derived calculations'      
4 3 'Structure model' 'Version format compliance' 
5 4 'Structure model' 'Structure summary'         
6 5 'Structure model' 'Database references'       
7 5 'Structure model' 'Derived calculations'      
8 6 'Structure model' 'Data collection'           
9 6 'Structure model' 'Refinement description'    
# 
loop_
_pdbx_audit_revision_category.ordinal 
_pdbx_audit_revision_category.revision_ordinal 
_pdbx_audit_revision_category.data_content_type 
_pdbx_audit_revision_category.category 
1 4 'Structure model' audit_author                  
2 5 'Structure model' database_2                    
3 5 'Structure model' struct_ref_seq_dif            
4 5 'Structure model' struct_site                   
5 6 'Structure model' chem_comp_atom                
6 6 'Structure model' chem_comp_bond                
7 6 'Structure model' pdbx_initial_refinement_model 
# 
loop_
_pdbx_audit_revision_item.ordinal 
_pdbx_audit_revision_item.revision_ordinal 
_pdbx_audit_revision_item.data_content_type 
_pdbx_audit_revision_item.item 
1 4 'Structure model' '_audit_author.name'                  
2 5 'Structure model' '_database_2.pdbx_DOI'                
3 5 'Structure model' '_database_2.pdbx_database_accession' 
4 5 'Structure model' '_struct_ref_seq_dif.details'         
5 5 'Structure model' '_struct_site.pdbx_auth_asym_id'      
6 5 'Structure model' '_struct_site.pdbx_auth_comp_id'      
7 5 'Structure model' '_struct_site.pdbx_auth_seq_id'       
# 
_pdbx_refine_tls.id               1 
_pdbx_refine_tls.details          ? 
_pdbx_refine_tls.method           refined 
_pdbx_refine_tls.origin_x         0.0333 
_pdbx_refine_tls.origin_y         -0.1903 
_pdbx_refine_tls.origin_z         -0.5832 
_pdbx_refine_tls.T[1][1]          -0.0378 
_pdbx_refine_tls.T[2][2]          -0.0495 
_pdbx_refine_tls.T[3][3]          -0.0562 
_pdbx_refine_tls.T[1][2]          -0.0094 
_pdbx_refine_tls.T[1][3]          0.0157 
_pdbx_refine_tls.T[2][3]          -0.0232 
_pdbx_refine_tls.L[1][1]          1.1405 
_pdbx_refine_tls.L[2][2]          0.6152 
_pdbx_refine_tls.L[3][3]          1.2368 
_pdbx_refine_tls.L[1][2]          0.1921 
_pdbx_refine_tls.L[1][3]          -0.0175 
_pdbx_refine_tls.L[2][3]          -0.2902 
_pdbx_refine_tls.S[1][1]          -0.0003 
_pdbx_refine_tls.S[1][2]          -0.0078 
_pdbx_refine_tls.S[1][3]          -0.0043 
_pdbx_refine_tls.S[2][1]          -0.0063 
_pdbx_refine_tls.S[2][2]          -0.0081 
_pdbx_refine_tls.S[2][3]          -0.0144 
_pdbx_refine_tls.S[3][1]          0.0188 
_pdbx_refine_tls.S[3][2]          0.0638 
_pdbx_refine_tls.S[3][3]          0.0085 
_pdbx_refine_tls.pdbx_refine_id   'X-RAY DIFFRACTION' 
# 
_pdbx_refine_tls_group.id                  1 
_pdbx_refine_tls_group.refine_tls_id       1 
_pdbx_refine_tls_group.beg_auth_asym_id    A 
_pdbx_refine_tls_group.beg_auth_seq_id     3 
_pdbx_refine_tls_group.beg_label_asym_id   A 
_pdbx_refine_tls_group.beg_label_seq_id    23 
_pdbx_refine_tls_group.end_auth_asym_id    A 
_pdbx_refine_tls_group.end_auth_seq_id     187 
_pdbx_refine_tls_group.end_label_asym_id   A 
_pdbx_refine_tls_group.end_label_seq_id    207 
_pdbx_refine_tls_group.selection           ? 
_pdbx_refine_tls_group.pdbx_refine_id      'X-RAY DIFFRACTION' 
_pdbx_refine_tls_group.selection_details   ? 
# 
loop_
_software.name 
_software.classification 
_software.version 
_software.citation_id 
_software.pdbx_ordinal 
REFMAC refinement 5.2.0019 ? 1 
PHASER phasing    .        ? 2 
# 
_pdbx_database_remark.id     999 
_pdbx_database_remark.text   
;SEQUENCE
THERES IS A SELENOCYSTEINE TO CYSTEINE MUTATION
AT RESIDUE 40.
;
# 
loop_
_pdbx_validate_torsion.id 
_pdbx_validate_torsion.PDB_model_num 
_pdbx_validate_torsion.auth_comp_id 
_pdbx_validate_torsion.auth_asym_id 
_pdbx_validate_torsion.auth_seq_id 
_pdbx_validate_torsion.PDB_ins_code 
_pdbx_validate_torsion.label_alt_id 
_pdbx_validate_torsion.phi 
_pdbx_validate_torsion.psi 
1 1 ASP A 129 ? ? -155.39 81.44  
2 1 LEU A 133 ? ? -126.68 -53.01 
# 
loop_
_pdbx_unobs_or_zero_occ_atoms.id 
_pdbx_unobs_or_zero_occ_atoms.PDB_model_num 
_pdbx_unobs_or_zero_occ_atoms.polymer_flag 
_pdbx_unobs_or_zero_occ_atoms.occupancy_flag 
_pdbx_unobs_or_zero_occ_atoms.auth_asym_id 
_pdbx_unobs_or_zero_occ_atoms.auth_comp_id 
_pdbx_unobs_or_zero_occ_atoms.auth_seq_id 
_pdbx_unobs_or_zero_occ_atoms.PDB_ins_code 
_pdbx_unobs_or_zero_occ_atoms.auth_atom_id 
_pdbx_unobs_or_zero_occ_atoms.label_alt_id 
_pdbx_unobs_or_zero_occ_atoms.label_asym_id 
_pdbx_unobs_or_zero_occ_atoms.label_comp_id 
_pdbx_unobs_or_zero_occ_atoms.label_seq_id 
_pdbx_unobs_or_zero_occ_atoms.label_atom_id 
1 1 Y 1 A MET 3  ? CG  ? A MET 23 CG  
2 1 Y 1 A MET 3  ? SD  ? A MET 23 SD  
3 1 Y 1 A MET 3  ? CE  ? A MET 23 CE  
4 1 Y 1 A ARG 45 ? CD  ? A ARG 65 CD  
5 1 Y 1 A ARG 45 ? NE  ? A ARG 65 NE  
6 1 Y 1 A ARG 45 ? CZ  ? A ARG 65 CZ  
7 1 Y 1 A ARG 45 ? NH1 ? A ARG 65 NH1 
8 1 Y 1 A ARG 45 ? NH2 ? A ARG 65 NH2 
# 
loop_
_pdbx_unobs_or_zero_occ_residues.id 
_pdbx_unobs_or_zero_occ_residues.PDB_model_num 
_pdbx_unobs_or_zero_occ_residues.polymer_flag 
_pdbx_unobs_or_zero_occ_residues.occupancy_flag 
_pdbx_unobs_or_zero_occ_residues.auth_asym_id 
_pdbx_unobs_or_zero_occ_residues.auth_comp_id 
_pdbx_unobs_or_zero_occ_residues.auth_seq_id 
_pdbx_unobs_or_zero_occ_residues.PDB_ins_code 
_pdbx_unobs_or_zero_occ_residues.label_asym_id 
_pdbx_unobs_or_zero_occ_residues.label_comp_id 
_pdbx_unobs_or_zero_occ_residues.label_seq_id 
1  1 Y 1 A MET -19 ? A MET 1   
2  1 Y 1 A HIS -18 ? A HIS 2   
3  1 Y 1 A HIS -17 ? A HIS 3   
4  1 Y 1 A HIS -16 ? A HIS 4   
5  1 Y 1 A HIS -15 ? A HIS 5   
6  1 Y 1 A HIS -14 ? A HIS 6   
7  1 Y 1 A HIS -13 ? A HIS 7   
8  1 Y 1 A SER -12 ? A SER 8   
9  1 Y 1 A SER -11 ? A SER 9   
10 1 Y 1 A GLY -10 ? A GLY 10  
11 1 Y 1 A VAL -9  ? A VAL 11  
12 1 Y 1 A ASP -8  ? A ASP 12  
13 1 Y 1 A LEU -7  ? A LEU 13  
14 1 Y 1 A GLY -6  ? A GLY 14  
15 1 Y 1 A THR -5  ? A THR 15  
16 1 Y 1 A GLU -4  ? A GLU 16  
17 1 Y 1 A ASN -3  ? A ASN 17  
18 1 Y 1 A LEU -2  ? A LEU 18  
19 1 Y 1 A TYR -1  ? A TYR 19  
20 1 Y 1 A PHE 0   ? A PHE 20  
21 1 Y 1 A GLN 1   ? A GLN 21  
22 1 Y 1 A SER 2   ? A SER 22  
23 1 Y 1 A VAL 188 ? A VAL 208 
# 
loop_
_chem_comp_atom.comp_id 
_chem_comp_atom.atom_id 
_chem_comp_atom.type_symbol 
_chem_comp_atom.pdbx_aromatic_flag 
_chem_comp_atom.pdbx_stereo_config 
_chem_comp_atom.pdbx_ordinal 
ALA N    N  N N 1   
ALA CA   C  N S 2   
ALA C    C  N N 3   
ALA O    O  N N 4   
ALA CB   C  N N 5   
ALA OXT  O  N N 6   
ALA H    H  N N 7   
ALA H2   H  N N 8   
ALA HA   H  N N 9   
ALA HB1  H  N N 10  
ALA HB2  H  N N 11  
ALA HB3  H  N N 12  
ALA HXT  H  N N 13  
ARG N    N  N N 14  
ARG CA   C  N S 15  
ARG C    C  N N 16  
ARG O    O  N N 17  
ARG CB   C  N N 18  
ARG CG   C  N N 19  
ARG CD   C  N N 20  
ARG NE   N  N N 21  
ARG CZ   C  N N 22  
ARG NH1  N  N N 23  
ARG NH2  N  N N 24  
ARG OXT  O  N N 25  
ARG H    H  N N 26  
ARG H2   H  N N 27  
ARG HA   H  N N 28  
ARG HB2  H  N N 29  
ARG HB3  H  N N 30  
ARG HG2  H  N N 31  
ARG HG3  H  N N 32  
ARG HD2  H  N N 33  
ARG HD3  H  N N 34  
ARG HE   H  N N 35  
ARG HH11 H  N N 36  
ARG HH12 H  N N 37  
ARG HH21 H  N N 38  
ARG HH22 H  N N 39  
ARG HXT  H  N N 40  
ASN N    N  N N 41  
ASN CA   C  N S 42  
ASN C    C  N N 43  
ASN O    O  N N 44  
ASN CB   C  N N 45  
ASN CG   C  N N 46  
ASN OD1  O  N N 47  
ASN ND2  N  N N 48  
ASN OXT  O  N N 49  
ASN H    H  N N 50  
ASN H2   H  N N 51  
ASN HA   H  N N 52  
ASN HB2  H  N N 53  
ASN HB3  H  N N 54  
ASN HD21 H  N N 55  
ASN HD22 H  N N 56  
ASN HXT  H  N N 57  
ASP N    N  N N 58  
ASP CA   C  N S 59  
ASP C    C  N N 60  
ASP O    O  N N 61  
ASP CB   C  N N 62  
ASP CG   C  N N 63  
ASP OD1  O  N N 64  
ASP OD2  O  N N 65  
ASP OXT  O  N N 66  
ASP H    H  N N 67  
ASP H2   H  N N 68  
ASP HA   H  N N 69  
ASP HB2  H  N N 70  
ASP HB3  H  N N 71  
ASP HD2  H  N N 72  
ASP HXT  H  N N 73  
CL  CL   CL N N 74  
CYS N    N  N N 75  
CYS CA   C  N R 76  
CYS C    C  N N 77  
CYS O    O  N N 78  
CYS CB   C  N N 79  
CYS SG   S  N N 80  
CYS OXT  O  N N 81  
CYS H    H  N N 82  
CYS H2   H  N N 83  
CYS HA   H  N N 84  
CYS HB2  H  N N 85  
CYS HB3  H  N N 86  
CYS HG   H  N N 87  
CYS HXT  H  N N 88  
GLN N    N  N N 89  
GLN CA   C  N S 90  
GLN C    C  N N 91  
GLN O    O  N N 92  
GLN CB   C  N N 93  
GLN CG   C  N N 94  
GLN CD   C  N N 95  
GLN OE1  O  N N 96  
GLN NE2  N  N N 97  
GLN OXT  O  N N 98  
GLN H    H  N N 99  
GLN H2   H  N N 100 
GLN HA   H  N N 101 
GLN HB2  H  N N 102 
GLN HB3  H  N N 103 
GLN HG2  H  N N 104 
GLN HG3  H  N N 105 
GLN HE21 H  N N 106 
GLN HE22 H  N N 107 
GLN HXT  H  N N 108 
GLU N    N  N N 109 
GLU CA   C  N S 110 
GLU C    C  N N 111 
GLU O    O  N N 112 
GLU CB   C  N N 113 
GLU CG   C  N N 114 
GLU CD   C  N N 115 
GLU OE1  O  N N 116 
GLU OE2  O  N N 117 
GLU OXT  O  N N 118 
GLU H    H  N N 119 
GLU H2   H  N N 120 
GLU HA   H  N N 121 
GLU HB2  H  N N 122 
GLU HB3  H  N N 123 
GLU HG2  H  N N 124 
GLU HG3  H  N N 125 
GLU HE2  H  N N 126 
GLU HXT  H  N N 127 
GLY N    N  N N 128 
GLY CA   C  N N 129 
GLY C    C  N N 130 
GLY O    O  N N 131 
GLY OXT  O  N N 132 
GLY H    H  N N 133 
GLY H2   H  N N 134 
GLY HA2  H  N N 135 
GLY HA3  H  N N 136 
GLY HXT  H  N N 137 
HIS N    N  N N 138 
HIS CA   C  N S 139 
HIS C    C  N N 140 
HIS O    O  N N 141 
HIS CB   C  N N 142 
HIS CG   C  Y N 143 
HIS ND1  N  Y N 144 
HIS CD2  C  Y N 145 
HIS CE1  C  Y N 146 
HIS NE2  N  Y N 147 
HIS OXT  O  N N 148 
HIS H    H  N N 149 
HIS H2   H  N N 150 
HIS HA   H  N N 151 
HIS HB2  H  N N 152 
HIS HB3  H  N N 153 
HIS HD1  H  N N 154 
HIS HD2  H  N N 155 
HIS HE1  H  N N 156 
HIS HE2  H  N N 157 
HIS HXT  H  N N 158 
HOH O    O  N N 159 
HOH H1   H  N N 160 
HOH H2   H  N N 161 
ILE N    N  N N 162 
ILE CA   C  N S 163 
ILE C    C  N N 164 
ILE O    O  N N 165 
ILE CB   C  N S 166 
ILE CG1  C  N N 167 
ILE CG2  C  N N 168 
ILE CD1  C  N N 169 
ILE OXT  O  N N 170 
ILE H    H  N N 171 
ILE H2   H  N N 172 
ILE HA   H  N N 173 
ILE HB   H  N N 174 
ILE HG12 H  N N 175 
ILE HG13 H  N N 176 
ILE HG21 H  N N 177 
ILE HG22 H  N N 178 
ILE HG23 H  N N 179 
ILE HD11 H  N N 180 
ILE HD12 H  N N 181 
ILE HD13 H  N N 182 
ILE HXT  H  N N 183 
LEU N    N  N N 184 
LEU CA   C  N S 185 
LEU C    C  N N 186 
LEU O    O  N N 187 
LEU CB   C  N N 188 
LEU CG   C  N N 189 
LEU CD1  C  N N 190 
LEU CD2  C  N N 191 
LEU OXT  O  N N 192 
LEU H    H  N N 193 
LEU H2   H  N N 194 
LEU HA   H  N N 195 
LEU HB2  H  N N 196 
LEU HB3  H  N N 197 
LEU HG   H  N N 198 
LEU HD11 H  N N 199 
LEU HD12 H  N N 200 
LEU HD13 H  N N 201 
LEU HD21 H  N N 202 
LEU HD22 H  N N 203 
LEU HD23 H  N N 204 
LEU HXT  H  N N 205 
LYS N    N  N N 206 
LYS CA   C  N S 207 
LYS C    C  N N 208 
LYS O    O  N N 209 
LYS CB   C  N N 210 
LYS CG   C  N N 211 
LYS CD   C  N N 212 
LYS CE   C  N N 213 
LYS NZ   N  N N 214 
LYS OXT  O  N N 215 
LYS H    H  N N 216 
LYS H2   H  N N 217 
LYS HA   H  N N 218 
LYS HB2  H  N N 219 
LYS HB3  H  N N 220 
LYS HG2  H  N N 221 
LYS HG3  H  N N 222 
LYS HD2  H  N N 223 
LYS HD3  H  N N 224 
LYS HE2  H  N N 225 
LYS HE3  H  N N 226 
LYS HZ1  H  N N 227 
LYS HZ2  H  N N 228 
LYS HZ3  H  N N 229 
LYS HXT  H  N N 230 
MET N    N  N N 231 
MET CA   C  N S 232 
MET C    C  N N 233 
MET O    O  N N 234 
MET CB   C  N N 235 
MET CG   C  N N 236 
MET SD   S  N N 237 
MET CE   C  N N 238 
MET OXT  O  N N 239 
MET H    H  N N 240 
MET H2   H  N N 241 
MET HA   H  N N 242 
MET HB2  H  N N 243 
MET HB3  H  N N 244 
MET HG2  H  N N 245 
MET HG3  H  N N 246 
MET HE1  H  N N 247 
MET HE2  H  N N 248 
MET HE3  H  N N 249 
MET HXT  H  N N 250 
PHE N    N  N N 251 
PHE CA   C  N S 252 
PHE C    C  N N 253 
PHE O    O  N N 254 
PHE CB   C  N N 255 
PHE CG   C  Y N 256 
PHE CD1  C  Y N 257 
PHE CD2  C  Y N 258 
PHE CE1  C  Y N 259 
PHE CE2  C  Y N 260 
PHE CZ   C  Y N 261 
PHE OXT  O  N N 262 
PHE H    H  N N 263 
PHE H2   H  N N 264 
PHE HA   H  N N 265 
PHE HB2  H  N N 266 
PHE HB3  H  N N 267 
PHE HD1  H  N N 268 
PHE HD2  H  N N 269 
PHE HE1  H  N N 270 
PHE HE2  H  N N 271 
PHE HZ   H  N N 272 
PHE HXT  H  N N 273 
PRO N    N  N N 274 
PRO CA   C  N S 275 
PRO C    C  N N 276 
PRO O    O  N N 277 
PRO CB   C  N N 278 
PRO CG   C  N N 279 
PRO CD   C  N N 280 
PRO OXT  O  N N 281 
PRO H    H  N N 282 
PRO HA   H  N N 283 
PRO HB2  H  N N 284 
PRO HB3  H  N N 285 
PRO HG2  H  N N 286 
PRO HG3  H  N N 287 
PRO HD2  H  N N 288 
PRO HD3  H  N N 289 
PRO HXT  H  N N 290 
SER N    N  N N 291 
SER CA   C  N S 292 
SER C    C  N N 293 
SER O    O  N N 294 
SER CB   C  N N 295 
SER OG   O  N N 296 
SER OXT  O  N N 297 
SER H    H  N N 298 
SER H2   H  N N 299 
SER HA   H  N N 300 
SER HB2  H  N N 301 
SER HB3  H  N N 302 
SER HG   H  N N 303 
SER HXT  H  N N 304 
THR N    N  N N 305 
THR CA   C  N S 306 
THR C    C  N N 307 
THR O    O  N N 308 
THR CB   C  N R 309 
THR OG1  O  N N 310 
THR CG2  C  N N 311 
THR OXT  O  N N 312 
THR H    H  N N 313 
THR H2   H  N N 314 
THR HA   H  N N 315 
THR HB   H  N N 316 
THR HG1  H  N N 317 
THR HG21 H  N N 318 
THR HG22 H  N N 319 
THR HG23 H  N N 320 
THR HXT  H  N N 321 
TRP N    N  N N 322 
TRP CA   C  N S 323 
TRP C    C  N N 324 
TRP O    O  N N 325 
TRP CB   C  N N 326 
TRP CG   C  Y N 327 
TRP CD1  C  Y N 328 
TRP CD2  C  Y N 329 
TRP NE1  N  Y N 330 
TRP CE2  C  Y N 331 
TRP CE3  C  Y N 332 
TRP CZ2  C  Y N 333 
TRP CZ3  C  Y N 334 
TRP CH2  C  Y N 335 
TRP OXT  O  N N 336 
TRP H    H  N N 337 
TRP H2   H  N N 338 
TRP HA   H  N N 339 
TRP HB2  H  N N 340 
TRP HB3  H  N N 341 
TRP HD1  H  N N 342 
TRP HE1  H  N N 343 
TRP HE3  H  N N 344 
TRP HZ2  H  N N 345 
TRP HZ3  H  N N 346 
TRP HH2  H  N N 347 
TRP HXT  H  N N 348 
TYR N    N  N N 349 
TYR CA   C  N S 350 
TYR C    C  N N 351 
TYR O    O  N N 352 
TYR CB   C  N N 353 
TYR CG   C  Y N 354 
TYR CD1  C  Y N 355 
TYR CD2  C  Y N 356 
TYR CE1  C  Y N 357 
TYR CE2  C  Y N 358 
TYR CZ   C  Y N 359 
TYR OH   O  N N 360 
TYR OXT  O  N N 361 
TYR H    H  N N 362 
TYR H2   H  N N 363 
TYR HA   H  N N 364 
TYR HB2  H  N N 365 
TYR HB3  H  N N 366 
TYR HD1  H  N N 367 
TYR HD2  H  N N 368 
TYR HE1  H  N N 369 
TYR HE2  H  N N 370 
TYR HH   H  N N 371 
TYR HXT  H  N N 372 
VAL N    N  N N 373 
VAL CA   C  N S 374 
VAL C    C  N N 375 
VAL O    O  N N 376 
VAL CB   C  N N 377 
VAL CG1  C  N N 378 
VAL CG2  C  N N 379 
VAL OXT  O  N N 380 
VAL H    H  N N 381 
VAL H2   H  N N 382 
VAL HA   H  N N 383 
VAL HB   H  N N 384 
VAL HG11 H  N N 385 
VAL HG12 H  N N 386 
VAL HG13 H  N N 387 
VAL HG21 H  N N 388 
VAL HG22 H  N N 389 
VAL HG23 H  N N 390 
VAL HXT  H  N N 391 
# 
loop_
_chem_comp_bond.comp_id 
_chem_comp_bond.atom_id_1 
_chem_comp_bond.atom_id_2 
_chem_comp_bond.value_order 
_chem_comp_bond.pdbx_aromatic_flag 
_chem_comp_bond.pdbx_stereo_config 
_chem_comp_bond.pdbx_ordinal 
ALA N   CA   sing N N 1   
ALA N   H    sing N N 2   
ALA N   H2   sing N N 3   
ALA CA  C    sing N N 4   
ALA CA  CB   sing N N 5   
ALA CA  HA   sing N N 6   
ALA C   O    doub N N 7   
ALA C   OXT  sing N N 8   
ALA CB  HB1  sing N N 9   
ALA CB  HB2  sing N N 10  
ALA CB  HB3  sing N N 11  
ALA OXT HXT  sing N N 12  
ARG N   CA   sing N N 13  
ARG N   H    sing N N 14  
ARG N   H2   sing N N 15  
ARG CA  C    sing N N 16  
ARG CA  CB   sing N N 17  
ARG CA  HA   sing N N 18  
ARG C   O    doub N N 19  
ARG C   OXT  sing N N 20  
ARG CB  CG   sing N N 21  
ARG CB  HB2  sing N N 22  
ARG CB  HB3  sing N N 23  
ARG CG  CD   sing N N 24  
ARG CG  HG2  sing N N 25  
ARG CG  HG3  sing N N 26  
ARG CD  NE   sing N N 27  
ARG CD  HD2  sing N N 28  
ARG CD  HD3  sing N N 29  
ARG NE  CZ   sing N N 30  
ARG NE  HE   sing N N 31  
ARG CZ  NH1  sing N N 32  
ARG CZ  NH2  doub N N 33  
ARG NH1 HH11 sing N N 34  
ARG NH1 HH12 sing N N 35  
ARG NH2 HH21 sing N N 36  
ARG NH2 HH22 sing N N 37  
ARG OXT HXT  sing N N 38  
ASN N   CA   sing N N 39  
ASN N   H    sing N N 40  
ASN N   H2   sing N N 41  
ASN CA  C    sing N N 42  
ASN CA  CB   sing N N 43  
ASN CA  HA   sing N N 44  
ASN C   O    doub N N 45  
ASN C   OXT  sing N N 46  
ASN CB  CG   sing N N 47  
ASN CB  HB2  sing N N 48  
ASN CB  HB3  sing N N 49  
ASN CG  OD1  doub N N 50  
ASN CG  ND2  sing N N 51  
ASN ND2 HD21 sing N N 52  
ASN ND2 HD22 sing N N 53  
ASN OXT HXT  sing N N 54  
ASP N   CA   sing N N 55  
ASP N   H    sing N N 56  
ASP N   H2   sing N N 57  
ASP CA  C    sing N N 58  
ASP CA  CB   sing N N 59  
ASP CA  HA   sing N N 60  
ASP C   O    doub N N 61  
ASP C   OXT  sing N N 62  
ASP CB  CG   sing N N 63  
ASP CB  HB2  sing N N 64  
ASP CB  HB3  sing N N 65  
ASP CG  OD1  doub N N 66  
ASP CG  OD2  sing N N 67  
ASP OD2 HD2  sing N N 68  
ASP OXT HXT  sing N N 69  
CYS N   CA   sing N N 70  
CYS N   H    sing N N 71  
CYS N   H2   sing N N 72  
CYS CA  C    sing N N 73  
CYS CA  CB   sing N N 74  
CYS CA  HA   sing N N 75  
CYS C   O    doub N N 76  
CYS C   OXT  sing N N 77  
CYS CB  SG   sing N N 78  
CYS CB  HB2  sing N N 79  
CYS CB  HB3  sing N N 80  
CYS SG  HG   sing N N 81  
CYS OXT HXT  sing N N 82  
GLN N   CA   sing N N 83  
GLN N   H    sing N N 84  
GLN N   H2   sing N N 85  
GLN CA  C    sing N N 86  
GLN CA  CB   sing N N 87  
GLN CA  HA   sing N N 88  
GLN C   O    doub N N 89  
GLN C   OXT  sing N N 90  
GLN CB  CG   sing N N 91  
GLN CB  HB2  sing N N 92  
GLN CB  HB3  sing N N 93  
GLN CG  CD   sing N N 94  
GLN CG  HG2  sing N N 95  
GLN CG  HG3  sing N N 96  
GLN CD  OE1  doub N N 97  
GLN CD  NE2  sing N N 98  
GLN NE2 HE21 sing N N 99  
GLN NE2 HE22 sing N N 100 
GLN OXT HXT  sing N N 101 
GLU N   CA   sing N N 102 
GLU N   H    sing N N 103 
GLU N   H2   sing N N 104 
GLU CA  C    sing N N 105 
GLU CA  CB   sing N N 106 
GLU CA  HA   sing N N 107 
GLU C   O    doub N N 108 
GLU C   OXT  sing N N 109 
GLU CB  CG   sing N N 110 
GLU CB  HB2  sing N N 111 
GLU CB  HB3  sing N N 112 
GLU CG  CD   sing N N 113 
GLU CG  HG2  sing N N 114 
GLU CG  HG3  sing N N 115 
GLU CD  OE1  doub N N 116 
GLU CD  OE2  sing N N 117 
GLU OE2 HE2  sing N N 118 
GLU OXT HXT  sing N N 119 
GLY N   CA   sing N N 120 
GLY N   H    sing N N 121 
GLY N   H2   sing N N 122 
GLY CA  C    sing N N 123 
GLY CA  HA2  sing N N 124 
GLY CA  HA3  sing N N 125 
GLY C   O    doub N N 126 
GLY C   OXT  sing N N 127 
GLY OXT HXT  sing N N 128 
HIS N   CA   sing N N 129 
HIS N   H    sing N N 130 
HIS N   H2   sing N N 131 
HIS CA  C    sing N N 132 
HIS CA  CB   sing N N 133 
HIS CA  HA   sing N N 134 
HIS C   O    doub N N 135 
HIS C   OXT  sing N N 136 
HIS CB  CG   sing N N 137 
HIS CB  HB2  sing N N 138 
HIS CB  HB3  sing N N 139 
HIS CG  ND1  sing Y N 140 
HIS CG  CD2  doub Y N 141 
HIS ND1 CE1  doub Y N 142 
HIS ND1 HD1  sing N N 143 
HIS CD2 NE2  sing Y N 144 
HIS CD2 HD2  sing N N 145 
HIS CE1 NE2  sing Y N 146 
HIS CE1 HE1  sing N N 147 
HIS NE2 HE2  sing N N 148 
HIS OXT HXT  sing N N 149 
HOH O   H1   sing N N 150 
HOH O   H2   sing N N 151 
ILE N   CA   sing N N 152 
ILE N   H    sing N N 153 
ILE N   H2   sing N N 154 
ILE CA  C    sing N N 155 
ILE CA  CB   sing N N 156 
ILE CA  HA   sing N N 157 
ILE C   O    doub N N 158 
ILE C   OXT  sing N N 159 
ILE CB  CG1  sing N N 160 
ILE CB  CG2  sing N N 161 
ILE CB  HB   sing N N 162 
ILE CG1 CD1  sing N N 163 
ILE CG1 HG12 sing N N 164 
ILE CG1 HG13 sing N N 165 
ILE CG2 HG21 sing N N 166 
ILE CG2 HG22 sing N N 167 
ILE CG2 HG23 sing N N 168 
ILE CD1 HD11 sing N N 169 
ILE CD1 HD12 sing N N 170 
ILE CD1 HD13 sing N N 171 
ILE OXT HXT  sing N N 172 
LEU N   CA   sing N N 173 
LEU N   H    sing N N 174 
LEU N   H2   sing N N 175 
LEU CA  C    sing N N 176 
LEU CA  CB   sing N N 177 
LEU CA  HA   sing N N 178 
LEU C   O    doub N N 179 
LEU C   OXT  sing N N 180 
LEU CB  CG   sing N N 181 
LEU CB  HB2  sing N N 182 
LEU CB  HB3  sing N N 183 
LEU CG  CD1  sing N N 184 
LEU CG  CD2  sing N N 185 
LEU CG  HG   sing N N 186 
LEU CD1 HD11 sing N N 187 
LEU CD1 HD12 sing N N 188 
LEU CD1 HD13 sing N N 189 
LEU CD2 HD21 sing N N 190 
LEU CD2 HD22 sing N N 191 
LEU CD2 HD23 sing N N 192 
LEU OXT HXT  sing N N 193 
LYS N   CA   sing N N 194 
LYS N   H    sing N N 195 
LYS N   H2   sing N N 196 
LYS CA  C    sing N N 197 
LYS CA  CB   sing N N 198 
LYS CA  HA   sing N N 199 
LYS C   O    doub N N 200 
LYS C   OXT  sing N N 201 
LYS CB  CG   sing N N 202 
LYS CB  HB2  sing N N 203 
LYS CB  HB3  sing N N 204 
LYS CG  CD   sing N N 205 
LYS CG  HG2  sing N N 206 
LYS CG  HG3  sing N N 207 
LYS CD  CE   sing N N 208 
LYS CD  HD2  sing N N 209 
LYS CD  HD3  sing N N 210 
LYS CE  NZ   sing N N 211 
LYS CE  HE2  sing N N 212 
LYS CE  HE3  sing N N 213 
LYS NZ  HZ1  sing N N 214 
LYS NZ  HZ2  sing N N 215 
LYS NZ  HZ3  sing N N 216 
LYS OXT HXT  sing N N 217 
MET N   CA   sing N N 218 
MET N   H    sing N N 219 
MET N   H2   sing N N 220 
MET CA  C    sing N N 221 
MET CA  CB   sing N N 222 
MET CA  HA   sing N N 223 
MET C   O    doub N N 224 
MET C   OXT  sing N N 225 
MET CB  CG   sing N N 226 
MET CB  HB2  sing N N 227 
MET CB  HB3  sing N N 228 
MET CG  SD   sing N N 229 
MET CG  HG2  sing N N 230 
MET CG  HG3  sing N N 231 
MET SD  CE   sing N N 232 
MET CE  HE1  sing N N 233 
MET CE  HE2  sing N N 234 
MET CE  HE3  sing N N 235 
MET OXT HXT  sing N N 236 
PHE N   CA   sing N N 237 
PHE N   H    sing N N 238 
PHE N   H2   sing N N 239 
PHE CA  C    sing N N 240 
PHE CA  CB   sing N N 241 
PHE CA  HA   sing N N 242 
PHE C   O    doub N N 243 
PHE C   OXT  sing N N 244 
PHE CB  CG   sing N N 245 
PHE CB  HB2  sing N N 246 
PHE CB  HB3  sing N N 247 
PHE CG  CD1  doub Y N 248 
PHE CG  CD2  sing Y N 249 
PHE CD1 CE1  sing Y N 250 
PHE CD1 HD1  sing N N 251 
PHE CD2 CE2  doub Y N 252 
PHE CD2 HD2  sing N N 253 
PHE CE1 CZ   doub Y N 254 
PHE CE1 HE1  sing N N 255 
PHE CE2 CZ   sing Y N 256 
PHE CE2 HE2  sing N N 257 
PHE CZ  HZ   sing N N 258 
PHE OXT HXT  sing N N 259 
PRO N   CA   sing N N 260 
PRO N   CD   sing N N 261 
PRO N   H    sing N N 262 
PRO CA  C    sing N N 263 
PRO CA  CB   sing N N 264 
PRO CA  HA   sing N N 265 
PRO C   O    doub N N 266 
PRO C   OXT  sing N N 267 
PRO CB  CG   sing N N 268 
PRO CB  HB2  sing N N 269 
PRO CB  HB3  sing N N 270 
PRO CG  CD   sing N N 271 
PRO CG  HG2  sing N N 272 
PRO CG  HG3  sing N N 273 
PRO CD  HD2  sing N N 274 
PRO CD  HD3  sing N N 275 
PRO OXT HXT  sing N N 276 
SER N   CA   sing N N 277 
SER N   H    sing N N 278 
SER N   H2   sing N N 279 
SER CA  C    sing N N 280 
SER CA  CB   sing N N 281 
SER CA  HA   sing N N 282 
SER C   O    doub N N 283 
SER C   OXT  sing N N 284 
SER CB  OG   sing N N 285 
SER CB  HB2  sing N N 286 
SER CB  HB3  sing N N 287 
SER OG  HG   sing N N 288 
SER OXT HXT  sing N N 289 
THR N   CA   sing N N 290 
THR N   H    sing N N 291 
THR N   H2   sing N N 292 
THR CA  C    sing N N 293 
THR CA  CB   sing N N 294 
THR CA  HA   sing N N 295 
THR C   O    doub N N 296 
THR C   OXT  sing N N 297 
THR CB  OG1  sing N N 298 
THR CB  CG2  sing N N 299 
THR CB  HB   sing N N 300 
THR OG1 HG1  sing N N 301 
THR CG2 HG21 sing N N 302 
THR CG2 HG22 sing N N 303 
THR CG2 HG23 sing N N 304 
THR OXT HXT  sing N N 305 
TRP N   CA   sing N N 306 
TRP N   H    sing N N 307 
TRP N   H2   sing N N 308 
TRP CA  C    sing N N 309 
TRP CA  CB   sing N N 310 
TRP CA  HA   sing N N 311 
TRP C   O    doub N N 312 
TRP C   OXT  sing N N 313 
TRP CB  CG   sing N N 314 
TRP CB  HB2  sing N N 315 
TRP CB  HB3  sing N N 316 
TRP CG  CD1  doub Y N 317 
TRP CG  CD2  sing Y N 318 
TRP CD1 NE1  sing Y N 319 
TRP CD1 HD1  sing N N 320 
TRP CD2 CE2  doub Y N 321 
TRP CD2 CE3  sing Y N 322 
TRP NE1 CE2  sing Y N 323 
TRP NE1 HE1  sing N N 324 
TRP CE2 CZ2  sing Y N 325 
TRP CE3 CZ3  doub Y N 326 
TRP CE3 HE3  sing N N 327 
TRP CZ2 CH2  doub Y N 328 
TRP CZ2 HZ2  sing N N 329 
TRP CZ3 CH2  sing Y N 330 
TRP CZ3 HZ3  sing N N 331 
TRP CH2 HH2  sing N N 332 
TRP OXT HXT  sing N N 333 
TYR N   CA   sing N N 334 
TYR N   H    sing N N 335 
TYR N   H2   sing N N 336 
TYR CA  C    sing N N 337 
TYR CA  CB   sing N N 338 
TYR CA  HA   sing N N 339 
TYR C   O    doub N N 340 
TYR C   OXT  sing N N 341 
TYR CB  CG   sing N N 342 
TYR CB  HB2  sing N N 343 
TYR CB  HB3  sing N N 344 
TYR CG  CD1  doub Y N 345 
TYR CG  CD2  sing Y N 346 
TYR CD1 CE1  sing Y N 347 
TYR CD1 HD1  sing N N 348 
TYR CD2 CE2  doub Y N 349 
TYR CD2 HD2  sing N N 350 
TYR CE1 CZ   doub Y N 351 
TYR CE1 HE1  sing N N 352 
TYR CE2 CZ   sing Y N 353 
TYR CE2 HE2  sing N N 354 
TYR CZ  OH   sing N N 355 
TYR OH  HH   sing N N 356 
TYR OXT HXT  sing N N 357 
VAL N   CA   sing N N 358 
VAL N   H    sing N N 359 
VAL N   H2   sing N N 360 
VAL CA  C    sing N N 361 
VAL CA  CB   sing N N 362 
VAL CA  HA   sing N N 363 
VAL C   O    doub N N 364 
VAL C   OXT  sing N N 365 
VAL CB  CG1  sing N N 366 
VAL CB  CG2  sing N N 367 
VAL CB  HB   sing N N 368 
VAL CG1 HG11 sing N N 369 
VAL CG1 HG12 sing N N 370 
VAL CG1 HG13 sing N N 371 
VAL CG2 HG21 sing N N 372 
VAL CG2 HG22 sing N N 373 
VAL CG2 HG23 sing N N 374 
VAL OXT HXT  sing N N 375 
# 
loop_
_pdbx_entity_nonpoly.entity_id 
_pdbx_entity_nonpoly.name 
_pdbx_entity_nonpoly.comp_id 
2 'CHLORIDE ION' CL  
3 water          HOH 
# 
_pdbx_initial_refinement_model.id               1 
_pdbx_initial_refinement_model.entity_id_list   ? 
_pdbx_initial_refinement_model.type             'experimental model' 
_pdbx_initial_refinement_model.source_name      PDB 
_pdbx_initial_refinement_model.accession_code   2F8A 
_pdbx_initial_refinement_model.details          ? 
# 
